data_3IBH
# 
_entry.id   3IBH 
# 
_audit_conform.dict_name       mmcif_pdbx.dic 
_audit_conform.dict_version    5.380 
_audit_conform.dict_location   http://mmcif.pdb.org/dictionaries/ascii/mmcif_pdbx.dic 
# 
loop_
_database_2.database_id 
_database_2.database_code 
_database_2.pdbx_database_accession 
_database_2.pdbx_DOI 
PDB   3IBH         pdb_00003ibh 10.2210/pdb3ibh/pdb 
RCSB  RCSB054204   ?            ?                   
WWPDB D_1000054204 ?            ?                   
# 
loop_
_pdbx_database_related.db_name 
_pdbx_database_related.db_id 
_pdbx_database_related.details 
_pdbx_database_related.content_type 
PDB 3ERF 'Crystal structure of Saccharomyces cerevisiae Gtt2'                                       unspecified 
PDB 3ERG 'Crystal structure of Saccharomyces cerevisiae Gtt2 in complex with glutathione sulfonate' unspecified 
# 
_pdbx_database_status.status_code                     REL 
_pdbx_database_status.entry_id                        3IBH 
_pdbx_database_status.recvd_initial_deposition_date   2009-07-15 
_pdbx_database_status.deposit_site                    RCSB 
_pdbx_database_status.process_site                    PDBJ 
_pdbx_database_status.status_code_sf                  REL 
_pdbx_database_status.status_code_mr                  ? 
_pdbx_database_status.SG_entry                        ? 
_pdbx_database_status.status_code_cs                  ? 
_pdbx_database_status.pdb_format_compatible           Y 
_pdbx_database_status.status_code_nmr_data            ? 
_pdbx_database_status.methods_development_category    ? 
# 
loop_
_audit_author.name 
_audit_author.pdbx_ordinal 
'Ma, X.X.'    1 
'Jiang, Y.L.' 2 
'He, Y.X.'    3 
'Bao, R.'     4 
'Chen, Y.X.'  5 
'Zhou, C.Z.'  6 
# 
_citation.id                        primary 
_citation.title                     'Structures of yeast glutathione-S-transferase Gtt2 reveal a new catalytic type of GST family.' 
_citation.journal_abbrev            'Embo Rep.' 
_citation.journal_volume            10 
_citation.page_first                1320 
_citation.page_last                 1326 
_citation.year                      2009 
_citation.journal_id_ASTM           ? 
_citation.country                   UK 
_citation.journal_id_ISSN           1469-221X 
_citation.journal_id_CSD            ? 
_citation.book_publisher            ? 
_citation.pdbx_database_id_PubMed   19851333 
_citation.pdbx_database_id_DOI      10.1038/embor.2009.216 
# 
loop_
_citation_author.citation_id 
_citation_author.name 
_citation_author.ordinal 
_citation_author.identifier_ORCID 
primary 'Ma, X.X.'    1 ? 
primary 'Jiang, Y.L.' 2 ? 
primary 'He, Y.X.'    3 ? 
primary 'Bao, R.'     4 ? 
primary 'Chen, Y.X.'  5 ? 
primary 'Zhou, C.Z.'  6 ? 
# 
_cell.entry_id           3IBH 
_cell.length_a           88.774 
_cell.length_b           88.774 
_cell.length_c           69.102 
_cell.angle_alpha        90.00 
_cell.angle_beta         90.00 
_cell.angle_gamma        120.00 
_cell.Z_PDB              6 
_cell.pdbx_unique_axis   ? 
_cell.length_a_esd       ? 
_cell.length_b_esd       ? 
_cell.length_c_esd       ? 
_cell.angle_alpha_esd    ? 
_cell.angle_beta_esd     ? 
_cell.angle_gamma_esd    ? 
# 
_symmetry.entry_id                         3IBH 
_symmetry.space_group_name_H-M             'P 31 2 1' 
_symmetry.pdbx_full_space_group_name_H-M   ? 
_symmetry.cell_setting                     ? 
_symmetry.Int_Tables_number                152 
_symmetry.space_group_name_Hall            ? 
# 
loop_
_entity.id 
_entity.type 
_entity.src_method 
_entity.pdbx_description 
_entity.formula_weight 
_entity.pdbx_number_of_molecules 
_entity.pdbx_ec 
_entity.pdbx_mutation 
_entity.pdbx_fragment 
_entity.details 
1 polymer     man 'Saccharomyces cerevisiae Gtt2' 26376.625 1   2.5.1.18 ? ? ? 
2 non-polymer syn GLUTATHIONE                     307.323   1   ?        ? ? ? 
3 water       nat water                           18.015    116 ?        ? ? ? 
# 
_entity_name_com.entity_id   1 
_entity_name_com.name        GST-II 
# 
_entity_poly.entity_id                      1 
_entity_poly.type                           'polypeptide(L)' 
_entity_poly.nstd_linkage                   no 
_entity_poly.nstd_monomer                   no 
_entity_poly.pdbx_seq_one_letter_code       
;MNGRGFLIYNGGEKMKQKMIIYDTPAGPYPARVRIALAEKNMLSSVQFVRINLWKGEHKKPEFLAKNYSGTVPVLELDDG
TLIAECTAITEYIDALDGTPTLTGKTPLEKGVIHMMNKRAELELLDPVSVYFHHATPGLGPEVELYQNKEWGLRQRDKAL
HGMHYFDTVLRERPYVAGDSFSMADITVIAGLIFAAIVKLQVPEECEALRAWYKRMQQRPSVKKLLEIRSKSS
;
_entity_poly.pdbx_seq_one_letter_code_can   
;MNGRGFLIYNGGEKMKQKMIIYDTPAGPYPARVRIALAEKNMLSSVQFVRINLWKGEHKKPEFLAKNYSGTVPVLELDDG
TLIAECTAITEYIDALDGTPTLTGKTPLEKGVIHMMNKRAELELLDPVSVYFHHATPGLGPEVELYQNKEWGLRQRDKAL
HGMHYFDTVLRERPYVAGDSFSMADITVIAGLIFAAIVKLQVPEECEALRAWYKRMQQRPSVKKLLEIRSKSS
;
_entity_poly.pdbx_strand_id                 A 
_entity_poly.pdbx_target_identifier         ? 
# 
loop_
_entity_poly_seq.entity_id 
_entity_poly_seq.num 
_entity_poly_seq.mon_id 
_entity_poly_seq.hetero 
1 1   MET n 
1 2   ASN n 
1 3   GLY n 
1 4   ARG n 
1 5   GLY n 
1 6   PHE n 
1 7   LEU n 
1 8   ILE n 
1 9   TYR n 
1 10  ASN n 
1 11  GLY n 
1 12  GLY n 
1 13  GLU n 
1 14  LYS n 
1 15  MET n 
1 16  LYS n 
1 17  GLN n 
1 18  LYS n 
1 19  MET n 
1 20  ILE n 
1 21  ILE n 
1 22  TYR n 
1 23  ASP n 
1 24  THR n 
1 25  PRO n 
1 26  ALA n 
1 27  GLY n 
1 28  PRO n 
1 29  TYR n 
1 30  PRO n 
1 31  ALA n 
1 32  ARG n 
1 33  VAL n 
1 34  ARG n 
1 35  ILE n 
1 36  ALA n 
1 37  LEU n 
1 38  ALA n 
1 39  GLU n 
1 40  LYS n 
1 41  ASN n 
1 42  MET n 
1 43  LEU n 
1 44  SER n 
1 45  SER n 
1 46  VAL n 
1 47  GLN n 
1 48  PHE n 
1 49  VAL n 
1 50  ARG n 
1 51  ILE n 
1 52  ASN n 
1 53  LEU n 
1 54  TRP n 
1 55  LYS n 
1 56  GLY n 
1 57  GLU n 
1 58  HIS n 
1 59  LYS n 
1 60  LYS n 
1 61  PRO n 
1 62  GLU n 
1 63  PHE n 
1 64  LEU n 
1 65  ALA n 
1 66  LYS n 
1 67  ASN n 
1 68  TYR n 
1 69  SER n 
1 70  GLY n 
1 71  THR n 
1 72  VAL n 
1 73  PRO n 
1 74  VAL n 
1 75  LEU n 
1 76  GLU n 
1 77  LEU n 
1 78  ASP n 
1 79  ASP n 
1 80  GLY n 
1 81  THR n 
1 82  LEU n 
1 83  ILE n 
1 84  ALA n 
1 85  GLU n 
1 86  CYS n 
1 87  THR n 
1 88  ALA n 
1 89  ILE n 
1 90  THR n 
1 91  GLU n 
1 92  TYR n 
1 93  ILE n 
1 94  ASP n 
1 95  ALA n 
1 96  LEU n 
1 97  ASP n 
1 98  GLY n 
1 99  THR n 
1 100 PRO n 
1 101 THR n 
1 102 LEU n 
1 103 THR n 
1 104 GLY n 
1 105 LYS n 
1 106 THR n 
1 107 PRO n 
1 108 LEU n 
1 109 GLU n 
1 110 LYS n 
1 111 GLY n 
1 112 VAL n 
1 113 ILE n 
1 114 HIS n 
1 115 MET n 
1 116 MET n 
1 117 ASN n 
1 118 LYS n 
1 119 ARG n 
1 120 ALA n 
1 121 GLU n 
1 122 LEU n 
1 123 GLU n 
1 124 LEU n 
1 125 LEU n 
1 126 ASP n 
1 127 PRO n 
1 128 VAL n 
1 129 SER n 
1 130 VAL n 
1 131 TYR n 
1 132 PHE n 
1 133 HIS n 
1 134 HIS n 
1 135 ALA n 
1 136 THR n 
1 137 PRO n 
1 138 GLY n 
1 139 LEU n 
1 140 GLY n 
1 141 PRO n 
1 142 GLU n 
1 143 VAL n 
1 144 GLU n 
1 145 LEU n 
1 146 TYR n 
1 147 GLN n 
1 148 ASN n 
1 149 LYS n 
1 150 GLU n 
1 151 TRP n 
1 152 GLY n 
1 153 LEU n 
1 154 ARG n 
1 155 GLN n 
1 156 ARG n 
1 157 ASP n 
1 158 LYS n 
1 159 ALA n 
1 160 LEU n 
1 161 HIS n 
1 162 GLY n 
1 163 MET n 
1 164 HIS n 
1 165 TYR n 
1 166 PHE n 
1 167 ASP n 
1 168 THR n 
1 169 VAL n 
1 170 LEU n 
1 171 ARG n 
1 172 GLU n 
1 173 ARG n 
1 174 PRO n 
1 175 TYR n 
1 176 VAL n 
1 177 ALA n 
1 178 GLY n 
1 179 ASP n 
1 180 SER n 
1 181 PHE n 
1 182 SER n 
1 183 MET n 
1 184 ALA n 
1 185 ASP n 
1 186 ILE n 
1 187 THR n 
1 188 VAL n 
1 189 ILE n 
1 190 ALA n 
1 191 GLY n 
1 192 LEU n 
1 193 ILE n 
1 194 PHE n 
1 195 ALA n 
1 196 ALA n 
1 197 ILE n 
1 198 VAL n 
1 199 LYS n 
1 200 LEU n 
1 201 GLN n 
1 202 VAL n 
1 203 PRO n 
1 204 GLU n 
1 205 GLU n 
1 206 CYS n 
1 207 GLU n 
1 208 ALA n 
1 209 LEU n 
1 210 ARG n 
1 211 ALA n 
1 212 TRP n 
1 213 TYR n 
1 214 LYS n 
1 215 ARG n 
1 216 MET n 
1 217 GLN n 
1 218 GLN n 
1 219 ARG n 
1 220 PRO n 
1 221 SER n 
1 222 VAL n 
1 223 LYS n 
1 224 LYS n 
1 225 LEU n 
1 226 LEU n 
1 227 GLU n 
1 228 ILE n 
1 229 ARG n 
1 230 SER n 
1 231 LYS n 
1 232 SER n 
1 233 SER n 
# 
_entity_src_gen.entity_id                          1 
_entity_src_gen.pdbx_src_id                        1 
_entity_src_gen.pdbx_alt_source_flag               sample 
_entity_src_gen.pdbx_seq_type                      ? 
_entity_src_gen.pdbx_beg_seq_num                   ? 
_entity_src_gen.pdbx_end_seq_num                   ? 
_entity_src_gen.gene_src_common_name               ? 
_entity_src_gen.gene_src_genus                     ? 
_entity_src_gen.pdbx_gene_src_gene                 'GTT2, L0560, YLL060C' 
_entity_src_gen.gene_src_species                   ? 
_entity_src_gen.gene_src_strain                    S288C 
_entity_src_gen.gene_src_tissue                    ? 
_entity_src_gen.gene_src_tissue_fraction           ? 
_entity_src_gen.gene_src_details                   ? 
_entity_src_gen.pdbx_gene_src_fragment             ? 
_entity_src_gen.pdbx_gene_src_scientific_name      'Saccharomyces cerevisiae' 
_entity_src_gen.pdbx_gene_src_ncbi_taxonomy_id     4932 
_entity_src_gen.pdbx_gene_src_variant              ? 
_entity_src_gen.pdbx_gene_src_cell_line            ? 
_entity_src_gen.pdbx_gene_src_atcc                 ? 
_entity_src_gen.pdbx_gene_src_organ                ? 
_entity_src_gen.pdbx_gene_src_organelle            ? 
_entity_src_gen.pdbx_gene_src_cell                 ? 
_entity_src_gen.pdbx_gene_src_cellular_location    ? 
_entity_src_gen.host_org_common_name               ? 
_entity_src_gen.pdbx_host_org_scientific_name      'Escherichia coli' 
_entity_src_gen.pdbx_host_org_ncbi_taxonomy_id     562 
_entity_src_gen.host_org_genus                     ? 
_entity_src_gen.pdbx_host_org_gene                 ? 
_entity_src_gen.pdbx_host_org_organ                ? 
_entity_src_gen.host_org_species                   ? 
_entity_src_gen.pdbx_host_org_tissue               ? 
_entity_src_gen.pdbx_host_org_tissue_fraction      ? 
_entity_src_gen.pdbx_host_org_strain               BL21 
_entity_src_gen.pdbx_host_org_variant              ? 
_entity_src_gen.pdbx_host_org_cell_line            ? 
_entity_src_gen.pdbx_host_org_atcc                 ? 
_entity_src_gen.pdbx_host_org_culture_collection   ? 
_entity_src_gen.pdbx_host_org_cell                 ? 
_entity_src_gen.pdbx_host_org_organelle            ? 
_entity_src_gen.pdbx_host_org_cellular_location    ? 
_entity_src_gen.pdbx_host_org_vector_type          plasmid 
_entity_src_gen.pdbx_host_org_vector               ? 
_entity_src_gen.host_org_details                   ? 
_entity_src_gen.expression_system_id               ? 
_entity_src_gen.plasmid_name                       pET29 
_entity_src_gen.plasmid_details                    ? 
_entity_src_gen.pdbx_description                   ? 
# 
_struct_ref.id                         1 
_struct_ref.db_name                    UNP 
_struct_ref.db_code                    GST2_YEAST 
_struct_ref.pdbx_db_accession          Q12390 
_struct_ref.entity_id                  1 
_struct_ref.pdbx_seq_one_letter_code   
;MNGRGFLIYNGGEKMKQKMIIYDTPAGPYPARVRIALAEKNMLSSVQFVRINLWKGEHKKPEFLAKNYSGTVPVLELDDG
TLIAECTAITEYIDALDGTPTLTGKTPLEKGVIHMMNKRAELELLDPVSVYFHHATPGLGPEVELYQNKEWGLRQRDKAL
HGMHYFDTVLRERPYVAGDSFSMADITVIAGLIFAAIVKLQVPEECEALRAWYKRMQQRPSVKKLLEIRSKSS
;
_struct_ref.pdbx_align_begin           1 
_struct_ref.pdbx_db_isoform            ? 
# 
_struct_ref_seq.align_id                      1 
_struct_ref_seq.ref_id                        1 
_struct_ref_seq.pdbx_PDB_id_code              3IBH 
_struct_ref_seq.pdbx_strand_id                A 
_struct_ref_seq.seq_align_beg                 1 
_struct_ref_seq.pdbx_seq_align_beg_ins_code   ? 
_struct_ref_seq.seq_align_end                 233 
_struct_ref_seq.pdbx_seq_align_end_ins_code   ? 
_struct_ref_seq.pdbx_db_accession             Q12390 
_struct_ref_seq.db_align_beg                  1 
_struct_ref_seq.pdbx_db_align_beg_ins_code    ? 
_struct_ref_seq.db_align_end                  233 
_struct_ref_seq.pdbx_db_align_end_ins_code    ? 
_struct_ref_seq.pdbx_auth_seq_align_beg       1 
_struct_ref_seq.pdbx_auth_seq_align_end       233 
# 
loop_
_chem_comp.id 
_chem_comp.type 
_chem_comp.mon_nstd_flag 
_chem_comp.name 
_chem_comp.pdbx_synonyms 
_chem_comp.formula 
_chem_comp.formula_weight 
ALA 'L-peptide linking' y ALANINE         ? 'C3 H7 N O2'      89.093  
ARG 'L-peptide linking' y ARGININE        ? 'C6 H15 N4 O2 1'  175.209 
ASN 'L-peptide linking' y ASPARAGINE      ? 'C4 H8 N2 O3'     132.118 
ASP 'L-peptide linking' y 'ASPARTIC ACID' ? 'C4 H7 N O4'      133.103 
CYS 'L-peptide linking' y CYSTEINE        ? 'C3 H7 N O2 S'    121.158 
GLN 'L-peptide linking' y GLUTAMINE       ? 'C5 H10 N2 O3'    146.144 
GLU 'L-peptide linking' y 'GLUTAMIC ACID' ? 'C5 H9 N O4'      147.129 
GLY 'peptide linking'   y GLYCINE         ? 'C2 H5 N O2'      75.067  
GSH non-polymer         . GLUTATHIONE     ? 'C10 H17 N3 O6 S' 307.323 
HIS 'L-peptide linking' y HISTIDINE       ? 'C6 H10 N3 O2 1'  156.162 
HOH non-polymer         . WATER           ? 'H2 O'            18.015  
ILE 'L-peptide linking' y ISOLEUCINE      ? 'C6 H13 N O2'     131.173 
LEU 'L-peptide linking' y LEUCINE         ? 'C6 H13 N O2'     131.173 
LYS 'L-peptide linking' y LYSINE          ? 'C6 H15 N2 O2 1'  147.195 
MET 'L-peptide linking' y METHIONINE      ? 'C5 H11 N O2 S'   149.211 
PHE 'L-peptide linking' y PHENYLALANINE   ? 'C9 H11 N O2'     165.189 
PRO 'L-peptide linking' y PROLINE         ? 'C5 H9 N O2'      115.130 
SER 'L-peptide linking' y SERINE          ? 'C3 H7 N O3'      105.093 
THR 'L-peptide linking' y THREONINE       ? 'C4 H9 N O3'      119.119 
TRP 'L-peptide linking' y TRYPTOPHAN      ? 'C11 H12 N2 O2'   204.225 
TYR 'L-peptide linking' y TYROSINE        ? 'C9 H11 N O3'     181.189 
VAL 'L-peptide linking' y VALINE          ? 'C5 H11 N O2'     117.146 
# 
_exptl.entry_id          3IBH 
_exptl.method            'X-RAY DIFFRACTION' 
_exptl.crystals_number   1 
# 
_exptl_crystal.id                    1 
_exptl_crystal.density_meas          ? 
_exptl_crystal.density_Matthews      2.98 
_exptl_crystal.density_percent_sol   58.73 
_exptl_crystal.description           ? 
_exptl_crystal.F_000                 ? 
_exptl_crystal.preparation           ? 
# 
_exptl_crystal_grow.crystal_id      1 
_exptl_crystal_grow.method          'VAPOR DIFFUSION, HANGING DROP' 
_exptl_crystal_grow.temp            290 
_exptl_crystal_grow.temp_details    ? 
_exptl_crystal_grow.pH              8.5 
_exptl_crystal_grow.pdbx_details    '0.1M Tris, 2M ammoniun sulfate, pH 8.5, VAPOR DIFFUSION, HANGING DROP, temperature 290K' 
_exptl_crystal_grow.pdbx_pH_range   . 
# 
_diffrn.id                     1 
_diffrn.ambient_temp           100 
_diffrn.ambient_temp_details   ? 
_diffrn.crystal_id             1 
# 
_diffrn_detector.diffrn_id              1 
_diffrn_detector.detector               'IMAGE PLATE' 
_diffrn_detector.type                   'MAR scanner 345 mm plate' 
_diffrn_detector.pdbx_collection_date   2009-07-01 
_diffrn_detector.details                ? 
# 
_diffrn_radiation.diffrn_id                        1 
_diffrn_radiation.wavelength_id                    1 
_diffrn_radiation.pdbx_monochromatic_or_laue_m_l   M 
_diffrn_radiation.monochromator                    ? 
_diffrn_radiation.pdbx_diffrn_protocol             'SINGLE WAVELENGTH' 
_diffrn_radiation.pdbx_scattering_type             x-ray 
# 
_diffrn_radiation_wavelength.id           1 
_diffrn_radiation_wavelength.wavelength   1.5418 
_diffrn_radiation_wavelength.wt           1.0 
# 
_diffrn_source.diffrn_id                   1 
_diffrn_source.source                      'ROTATING ANODE' 
_diffrn_source.type                        RIGAKU 
_diffrn_source.pdbx_synchrotron_site       ? 
_diffrn_source.pdbx_synchrotron_beamline   ? 
_diffrn_source.pdbx_wavelength             ? 
_diffrn_source.pdbx_wavelength_list        1.5418 
# 
_reflns.entry_id                     3IBH 
_reflns.observed_criterion_sigma_I   -3 
_reflns.observed_criterion_sigma_F   0 
_reflns.d_resolution_low             40 
_reflns.d_resolution_high            2.1 
_reflns.number_obs                   17631 
_reflns.number_all                   18606 
_reflns.percent_possible_obs         99.2 
_reflns.pdbx_Rmerge_I_obs            0.077 
_reflns.pdbx_Rsym_value              0.077 
_reflns.pdbx_netI_over_sigmaI        15.5 
_reflns.B_iso_Wilson_estimate        ? 
_reflns.pdbx_redundancy              4.8 
_reflns.R_free_details               ? 
_reflns.limit_h_max                  ? 
_reflns.limit_h_min                  ? 
_reflns.limit_k_max                  ? 
_reflns.limit_k_min                  ? 
_reflns.limit_l_max                  ? 
_reflns.limit_l_min                  ? 
_reflns.observed_criterion_F_max     ? 
_reflns.observed_criterion_F_min     ? 
_reflns.pdbx_chi_squared             ? 
_reflns.pdbx_scaling_rejects         ? 
_reflns.pdbx_ordinal                 1 
_reflns.pdbx_diffrn_id               1 
# 
_reflns_shell.d_res_high             2.10 
_reflns_shell.d_res_low              2.18 
_reflns_shell.percent_possible_all   96.6 
_reflns_shell.Rmerge_I_obs           0.245 
_reflns_shell.pdbx_Rsym_value        0.245 
_reflns_shell.meanI_over_sigI_obs    5.9 
_reflns_shell.pdbx_redundancy        4.4 
_reflns_shell.percent_possible_obs   ? 
_reflns_shell.number_unique_all      1778 
_reflns_shell.number_measured_all    ? 
_reflns_shell.number_measured_obs    ? 
_reflns_shell.number_unique_obs      ? 
_reflns_shell.pdbx_chi_squared       ? 
_reflns_shell.pdbx_ordinal           1 
_reflns_shell.pdbx_diffrn_id         1 
# 
_refine.entry_id                                 3IBH 
_refine.ls_number_reflns_obs                     17631 
_refine.ls_number_reflns_all                     18606 
_refine.pdbx_ls_sigma_I                          ? 
_refine.pdbx_ls_sigma_F                          ? 
_refine.pdbx_data_cutoff_high_absF               ? 
_refine.pdbx_data_cutoff_low_absF                ? 
_refine.pdbx_data_cutoff_high_rms_absF           ? 
_refine.ls_d_res_low                             40.00 
_refine.ls_d_res_high                            2.10 
_refine.ls_percent_reflns_obs                    99.26 
_refine.ls_R_factor_obs                          0.21002 
_refine.ls_R_factor_all                          ? 
_refine.ls_R_factor_R_work                       0.20811 
_refine.ls_R_factor_R_free                       0.24690 
_refine.ls_R_factor_R_free_error                 ? 
_refine.ls_R_factor_R_free_error_details         ? 
_refine.ls_percent_reflns_R_free                 5.1 
_refine.ls_number_reflns_R_free                  950 
_refine.ls_number_parameters                     ? 
_refine.ls_number_restraints                     ? 
_refine.occupancy_min                            ? 
_refine.occupancy_max                            ? 
_refine.correlation_coeff_Fo_to_Fc               0.941 
_refine.correlation_coeff_Fo_to_Fc_free          0.921 
_refine.B_iso_mean                               30.487 
_refine.aniso_B[1][1]                            -1.51 
_refine.aniso_B[2][2]                            -1.51 
_refine.aniso_B[3][3]                            2.26 
_refine.aniso_B[1][2]                            -0.75 
_refine.aniso_B[1][3]                            0.00 
_refine.aniso_B[2][3]                            0.00 
_refine.solvent_model_details                    MASK 
_refine.solvent_model_param_ksol                 ? 
_refine.solvent_model_param_bsol                 ? 
_refine.pdbx_solvent_vdw_probe_radii             1.40 
_refine.pdbx_solvent_ion_probe_radii             0.80 
_refine.pdbx_solvent_shrinkage_radii             0.80 
_refine.pdbx_ls_cross_valid_method               THROUGHOUT 
_refine.details                                  'HYDROGENS HAVE BEEN ADDED IN THE RIDING POSITIONS' 
_refine.pdbx_starting_model                      'PDB ENTRY 3ERG' 
_refine.pdbx_method_to_determine_struct          'MOLECULAR REPLACEMENT' 
_refine.pdbx_isotropic_thermal_model             ? 
_refine.pdbx_stereochemistry_target_values       'MAXIMUM LIKELIHOOD' 
_refine.pdbx_stereochem_target_val_spec_case     ? 
_refine.pdbx_R_Free_selection_details            RANDOM 
_refine.pdbx_overall_ESU_R                       0.184 
_refine.pdbx_overall_ESU_R_Free                  0.168 
_refine.overall_SU_ML                            0.113 
_refine.overall_SU_B                             4.144 
_refine.ls_redundancy_reflns_obs                 ? 
_refine.B_iso_min                                ? 
_refine.B_iso_max                                ? 
_refine.overall_SU_R_Cruickshank_DPI             ? 
_refine.overall_SU_R_free                        ? 
_refine.ls_wR_factor_R_free                      ? 
_refine.ls_wR_factor_R_work                      ? 
_refine.overall_FOM_free_R_set                   ? 
_refine.overall_FOM_work_R_set                   ? 
_refine.pdbx_refine_id                           'X-RAY DIFFRACTION' 
_refine.pdbx_overall_phase_error                 ? 
_refine.pdbx_diffrn_id                           1 
_refine.pdbx_TLS_residual_ADP_flag               ? 
_refine.pdbx_overall_SU_R_free_Cruickshank_DPI   ? 
_refine.pdbx_overall_SU_R_Blow_DPI               ? 
_refine.pdbx_overall_SU_R_free_Blow_DPI          ? 
# 
_refine_hist.pdbx_refine_id                   'X-RAY DIFFRACTION' 
_refine_hist.cycle_id                         LAST 
_refine_hist.pdbx_number_atoms_protein        1653 
_refine_hist.pdbx_number_atoms_nucleic_acid   0 
_refine_hist.pdbx_number_atoms_ligand         20 
_refine_hist.number_atoms_solvent             116 
_refine_hist.number_atoms_total               1789 
_refine_hist.d_res_high                       2.10 
_refine_hist.d_res_low                        40.00 
# 
loop_
_refine_ls_restr.type 
_refine_ls_restr.dev_ideal 
_refine_ls_restr.dev_ideal_target 
_refine_ls_restr.weight 
_refine_ls_restr.number 
_refine_ls_restr.pdbx_refine_id 
_refine_ls_restr.pdbx_restraint_function 
r_bond_refined_d       0.013  0.022  ? 1711 'X-RAY DIFFRACTION' ? 
r_angle_refined_deg    1.437  1.988  ? 2319 'X-RAY DIFFRACTION' ? 
r_dihedral_angle_1_deg 5.320  5.000  ? 207  'X-RAY DIFFRACTION' ? 
r_dihedral_angle_2_deg 35.511 23.611 ? 72   'X-RAY DIFFRACTION' ? 
r_dihedral_angle_3_deg 14.542 15.000 ? 299  'X-RAY DIFFRACTION' ? 
r_dihedral_angle_4_deg 16.425 15.000 ? 11   'X-RAY DIFFRACTION' ? 
r_chiral_restr         0.094  0.200  ? 259  'X-RAY DIFFRACTION' ? 
r_gen_planes_refined   0.008  0.021  ? 1279 'X-RAY DIFFRACTION' ? 
r_mcbond_it            0.679  1.500  ? 1039 'X-RAY DIFFRACTION' ? 
r_mcangle_it           1.260  2.000  ? 1682 'X-RAY DIFFRACTION' ? 
r_scbond_it            1.938  3.000  ? 672  'X-RAY DIFFRACTION' ? 
r_scangle_it           3.123  4.500  ? 637  'X-RAY DIFFRACTION' ? 
# 
_refine_ls_shell.pdbx_total_number_of_bins_used   20 
_refine_ls_shell.d_res_high                       2.100 
_refine_ls_shell.d_res_low                        2.154 
_refine_ls_shell.number_reflns_R_work             1221 
_refine_ls_shell.R_factor_R_work                  0.265 
_refine_ls_shell.percent_reflns_obs               96.02 
_refine_ls_shell.R_factor_R_free                  0.301 
_refine_ls_shell.R_factor_R_free_error            ? 
_refine_ls_shell.percent_reflns_R_free            ? 
_refine_ls_shell.number_reflns_R_free             81 
_refine_ls_shell.number_reflns_all                ? 
_refine_ls_shell.R_factor_all                     ? 
_refine_ls_shell.number_reflns_obs                ? 
_refine_ls_shell.redundancy_reflns_obs            ? 
_refine_ls_shell.pdbx_refine_id                   'X-RAY DIFFRACTION' 
# 
_struct.entry_id                  3IBH 
_struct.title                     'Crystal structure of Saccharomyces cerevisiae Gtt2 in complex with glutathione' 
_struct.pdbx_model_details        ? 
_struct.pdbx_CASP_flag            ? 
_struct.pdbx_model_type_details   ? 
# 
_struct_keywords.entry_id        3IBH 
_struct_keywords.pdbx_keywords   TRANSFERASE 
_struct_keywords.text            'glutathione S-transferase, TRANSFERASE' 
# 
loop_
_struct_asym.id 
_struct_asym.pdbx_blank_PDB_chainid_flag 
_struct_asym.pdbx_modified 
_struct_asym.entity_id 
_struct_asym.details 
A N N 1 ? 
B N N 2 ? 
C N N 3 ? 
# 
_struct_biol.id        1 
_struct_biol.details   ? 
# 
loop_
_struct_conf.conf_type_id 
_struct_conf.id 
_struct_conf.pdbx_PDB_helix_id 
_struct_conf.beg_label_comp_id 
_struct_conf.beg_label_asym_id 
_struct_conf.beg_label_seq_id 
_struct_conf.pdbx_beg_PDB_ins_code 
_struct_conf.end_label_comp_id 
_struct_conf.end_label_asym_id 
_struct_conf.end_label_seq_id 
_struct_conf.pdbx_end_PDB_ins_code 
_struct_conf.beg_auth_comp_id 
_struct_conf.beg_auth_asym_id 
_struct_conf.beg_auth_seq_id 
_struct_conf.end_auth_comp_id 
_struct_conf.end_auth_asym_id 
_struct_conf.end_auth_seq_id 
_struct_conf.pdbx_PDB_helix_class 
_struct_conf.details 
_struct_conf.pdbx_PDB_helix_length 
HELX_P HELX_P1  1  GLY A 27  ? LYS A 40  ? GLY A 27  LYS A 40  1 ? 14 
HELX_P HELX_P2  2  MET A 42  ? VAL A 46  ? MET A 42  VAL A 46  5 ? 5  
HELX_P HELX_P3  3  ASN A 52  ? LYS A 59  ? ASN A 52  LYS A 59  5 ? 8  
HELX_P HELX_P4  4  LYS A 60  ? ASN A 67  ? LYS A 60  ASN A 67  1 ? 8  
HELX_P HELX_P5  5  GLU A 85  ? ASP A 97  ? GLU A 85  ASP A 97  1 ? 13 
HELX_P HELX_P6  6  THR A 106 ? LEU A 124 ? THR A 106 LEU A 124 1 ? 19 
HELX_P HELX_P7  7  LEU A 124 ? THR A 136 ? LEU A 124 THR A 136 1 ? 13 
HELX_P HELX_P8  8  ASN A 148 ? ARG A 171 ? ASN A 148 ARG A 171 1 ? 24 
HELX_P HELX_P9  9  SER A 182 ? VAL A 198 ? SER A 182 VAL A 198 1 ? 17 
HELX_P HELX_P10 10 CYS A 206 ? ARG A 219 ? CYS A 206 ARG A 219 1 ? 14 
HELX_P HELX_P11 11 ARG A 219 ? LEU A 226 ? ARG A 219 LEU A 226 1 ? 8  
# 
_struct_conf_type.id          HELX_P 
_struct_conf_type.criteria    ? 
_struct_conf_type.reference   ? 
# 
_struct_mon_prot_cis.pdbx_id                1 
_struct_mon_prot_cis.label_comp_id          VAL 
_struct_mon_prot_cis.label_seq_id           72 
_struct_mon_prot_cis.label_asym_id          A 
_struct_mon_prot_cis.label_alt_id           . 
_struct_mon_prot_cis.pdbx_PDB_ins_code      ? 
_struct_mon_prot_cis.auth_comp_id           VAL 
_struct_mon_prot_cis.auth_seq_id            72 
_struct_mon_prot_cis.auth_asym_id           A 
_struct_mon_prot_cis.pdbx_label_comp_id_2   PRO 
_struct_mon_prot_cis.pdbx_label_seq_id_2    73 
_struct_mon_prot_cis.pdbx_label_asym_id_2   A 
_struct_mon_prot_cis.pdbx_PDB_ins_code_2    ? 
_struct_mon_prot_cis.pdbx_auth_comp_id_2    PRO 
_struct_mon_prot_cis.pdbx_auth_seq_id_2     73 
_struct_mon_prot_cis.pdbx_auth_asym_id_2    A 
_struct_mon_prot_cis.pdbx_PDB_model_num     1 
_struct_mon_prot_cis.pdbx_omega_angle       7.23 
# 
_struct_sheet.id               A 
_struct_sheet.type             ? 
_struct_sheet.number_strands   4 
_struct_sheet.details          ? 
# 
loop_
_struct_sheet_order.sheet_id 
_struct_sheet_order.range_id_1 
_struct_sheet_order.range_id_2 
_struct_sheet_order.offset 
_struct_sheet_order.sense 
A 1 2 ? parallel      
A 2 3 ? anti-parallel 
A 3 4 ? anti-parallel 
# 
loop_
_struct_sheet_range.sheet_id 
_struct_sheet_range.id 
_struct_sheet_range.beg_label_comp_id 
_struct_sheet_range.beg_label_asym_id 
_struct_sheet_range.beg_label_seq_id 
_struct_sheet_range.pdbx_beg_PDB_ins_code 
_struct_sheet_range.end_label_comp_id 
_struct_sheet_range.end_label_asym_id 
_struct_sheet_range.end_label_seq_id 
_struct_sheet_range.pdbx_end_PDB_ins_code 
_struct_sheet_range.beg_auth_comp_id 
_struct_sheet_range.beg_auth_asym_id 
_struct_sheet_range.beg_auth_seq_id 
_struct_sheet_range.end_auth_comp_id 
_struct_sheet_range.end_auth_asym_id 
_struct_sheet_range.end_auth_seq_id 
A 1 GLN A 47 ? ARG A 50 ? GLN A 47 ARG A 50 
A 2 ILE A 20 ? ASP A 23 ? ILE A 20 ASP A 23 
A 3 VAL A 74 ? GLU A 76 ? VAL A 74 GLU A 76 
A 4 LEU A 82 ? ALA A 84 ? LEU A 82 ALA A 84 
# 
loop_
_pdbx_struct_sheet_hbond.sheet_id 
_pdbx_struct_sheet_hbond.range_id_1 
_pdbx_struct_sheet_hbond.range_id_2 
_pdbx_struct_sheet_hbond.range_1_label_atom_id 
_pdbx_struct_sheet_hbond.range_1_label_comp_id 
_pdbx_struct_sheet_hbond.range_1_label_asym_id 
_pdbx_struct_sheet_hbond.range_1_label_seq_id 
_pdbx_struct_sheet_hbond.range_1_PDB_ins_code 
_pdbx_struct_sheet_hbond.range_1_auth_atom_id 
_pdbx_struct_sheet_hbond.range_1_auth_comp_id 
_pdbx_struct_sheet_hbond.range_1_auth_asym_id 
_pdbx_struct_sheet_hbond.range_1_auth_seq_id 
_pdbx_struct_sheet_hbond.range_2_label_atom_id 
_pdbx_struct_sheet_hbond.range_2_label_comp_id 
_pdbx_struct_sheet_hbond.range_2_label_asym_id 
_pdbx_struct_sheet_hbond.range_2_label_seq_id 
_pdbx_struct_sheet_hbond.range_2_PDB_ins_code 
_pdbx_struct_sheet_hbond.range_2_auth_atom_id 
_pdbx_struct_sheet_hbond.range_2_auth_comp_id 
_pdbx_struct_sheet_hbond.range_2_auth_asym_id 
_pdbx_struct_sheet_hbond.range_2_auth_seq_id 
A 1 2 O VAL A 49 ? O VAL A 49 N ILE A 21 ? N ILE A 21 
A 2 3 N ILE A 20 ? N ILE A 20 O GLU A 76 ? O GLU A 76 
A 3 4 N LEU A 75 ? N LEU A 75 O ILE A 83 ? O ILE A 83 
# 
_struct_site.id                   AC1 
_struct_site.pdbx_evidence_code   Software 
_struct_site.pdbx_auth_asym_id    A 
_struct_site.pdbx_auth_comp_id    GSH 
_struct_site.pdbx_auth_seq_id     234 
_struct_site.pdbx_auth_ins_code   ? 
_struct_site.pdbx_num_residues    18 
_struct_site.details              'BINDING SITE FOR RESIDUE GSH A 234' 
# 
loop_
_struct_site_gen.id 
_struct_site_gen.site_id 
_struct_site_gen.pdbx_num_res 
_struct_site_gen.label_comp_id 
_struct_site_gen.label_asym_id 
_struct_site_gen.label_seq_id 
_struct_site_gen.pdbx_auth_ins_code 
_struct_site_gen.auth_comp_id 
_struct_site_gen.auth_asym_id 
_struct_site_gen.auth_seq_id 
_struct_site_gen.label_atom_id 
_struct_site_gen.label_alt_id 
_struct_site_gen.symmetry 
_struct_site_gen.details 
1  AC1 18 TYR A 29  ? TYR A 29  . ? 1_555 ? 
2  AC1 18 ARG A 32  ? ARG A 32  . ? 1_555 ? 
3  AC1 18 HIS A 58  ? HIS A 58  . ? 1_555 ? 
4  AC1 18 THR A 71  ? THR A 71  . ? 1_555 ? 
5  AC1 18 VAL A 72  ? VAL A 72  . ? 1_555 ? 
6  AC1 18 GLU A 85  ? GLU A 85  . ? 1_555 ? 
7  AC1 18 CYS A 86  ? CYS A 86  . ? 1_555 ? 
8  AC1 18 LYS A 118 ? LYS A 118 . ? 6_555 ? 
9  AC1 18 GLU A 121 ? GLU A 121 . ? 1_555 ? 
10 AC1 18 HIS A 133 ? HIS A 133 . ? 1_555 ? 
11 AC1 18 HOH C .   ? HOH A 236 . ? 1_555 ? 
12 AC1 18 HOH C .   ? HOH A 240 . ? 1_555 ? 
13 AC1 18 HOH C .   ? HOH A 243 . ? 1_555 ? 
14 AC1 18 HOH C .   ? HOH A 249 . ? 1_555 ? 
15 AC1 18 HOH C .   ? HOH A 259 . ? 1_555 ? 
16 AC1 18 HOH C .   ? HOH A 272 . ? 1_555 ? 
17 AC1 18 HOH C .   ? HOH A 288 . ? 1_555 ? 
18 AC1 18 HOH C .   ? HOH A 304 . ? 1_555 ? 
# 
_atom_sites.entry_id                    3IBH 
_atom_sites.fract_transf_matrix[1][1]   0.00653261 
_atom_sites.fract_transf_matrix[1][2]   0.00779072 
_atom_sites.fract_transf_matrix[1][3]   -0.00811369 
_atom_sites.fract_transf_matrix[2][1]   -0.00608809 
_atom_sites.fract_transf_matrix[2][2]   0.00992398 
_atom_sites.fract_transf_matrix[2][3]   -0.00579931 
_atom_sites.fract_transf_matrix[3][1]   0.00349018 
_atom_sites.fract_transf_matrix[3][2]   0.00862010 
_atom_sites.fract_transf_matrix[3][3]   0.01108704 
_atom_sites.fract_transf_vector[1]      0.125861 
_atom_sites.fract_transf_vector[2]      0.452074 
_atom_sites.fract_transf_vector[3]      0.081523 
# 
loop_
_atom_type.symbol 
C 
N 
O 
S 
# 
loop_
_atom_site.group_PDB 
_atom_site.id 
_atom_site.type_symbol 
_atom_site.label_atom_id 
_atom_site.label_alt_id 
_atom_site.label_comp_id 
_atom_site.label_asym_id 
_atom_site.label_entity_id 
_atom_site.label_seq_id 
_atom_site.pdbx_PDB_ins_code 
_atom_site.Cartn_x 
_atom_site.Cartn_y 
_atom_site.Cartn_z 
_atom_site.occupancy 
_atom_site.B_iso_or_equiv 
_atom_site.pdbx_formal_charge 
_atom_site.auth_seq_id 
_atom_site.auth_comp_id 
_atom_site.auth_asym_id 
_atom_site.auth_atom_id 
_atom_site.pdbx_PDB_model_num 
ATOM   1    N N   . MET A 1 19  ? 4.168   -19.519 -5.714  1.00 36.34 ? 19  MET A N   1 
ATOM   2    C CA  . MET A 1 19  ? 3.233   -18.556 -5.026  1.00 36.21 ? 19  MET A CA  1 
ATOM   3    C C   . MET A 1 19  ? 2.320   -17.843 -6.007  1.00 35.55 ? 19  MET A C   1 
ATOM   4    O O   . MET A 1 19  ? 2.749   -17.437 -7.083  1.00 35.56 ? 19  MET A O   1 
ATOM   5    C CB  . MET A 1 19  ? 4.012   -17.511 -4.221  1.00 36.76 ? 19  MET A CB  1 
ATOM   6    C CG  . MET A 1 19  ? 4.767   -18.095 -3.065  1.00 38.08 ? 19  MET A CG  1 
ATOM   7    S SD  . MET A 1 19  ? 5.677   -16.926 -2.071  1.00 42.03 ? 19  MET A SD  1 
ATOM   8    C CE  . MET A 1 19  ? 6.054   -15.599 -3.193  1.00 40.59 ? 19  MET A CE  1 
ATOM   9    N N   . ILE A 1 20  ? 1.052   -17.700 -5.632  1.00 34.76 ? 20  ILE A N   1 
ATOM   10   C CA  . ILE A 1 20  ? 0.109   -16.918 -6.421  1.00 34.29 ? 20  ILE A CA  1 
ATOM   11   C C   . ILE A 1 20  ? -0.250  -15.639 -5.649  1.00 33.63 ? 20  ILE A C   1 
ATOM   12   O O   . ILE A 1 20  ? -0.464  -15.686 -4.438  1.00 33.47 ? 20  ILE A O   1 
ATOM   13   C CB  . ILE A 1 20  ? -1.168  -17.738 -6.773  1.00 34.39 ? 20  ILE A CB  1 
ATOM   14   C CG1 . ILE A 1 20  ? -0.838  -18.839 -7.790  1.00 35.78 ? 20  ILE A CG1 1 
ATOM   15   C CG2 . ILE A 1 20  ? -2.287  -16.829 -7.310  1.00 34.63 ? 20  ILE A CG2 1 
ATOM   16   C CD1 . ILE A 1 20  ? -1.721  -20.094 -7.658  1.00 37.34 ? 20  ILE A CD1 1 
ATOM   17   N N   . ILE A 1 21  ? -0.276  -14.508 -6.358  1.00 32.76 ? 21  ILE A N   1 
ATOM   18   C CA  . ILE A 1 21  ? -0.876  -13.262 -5.863  1.00 31.79 ? 21  ILE A CA  1 
ATOM   19   C C   . ILE A 1 21  ? -2.097  -12.929 -6.701  1.00 31.45 ? 21  ILE A C   1 
ATOM   20   O O   . ILE A 1 21  ? -2.002  -12.818 -7.923  1.00 31.61 ? 21  ILE A O   1 
ATOM   21   C CB  . ILE A 1 21  ? 0.129   -12.076 -5.957  1.00 32.18 ? 21  ILE A CB  1 
ATOM   22   C CG1 . ILE A 1 21  ? 1.185   -12.164 -4.843  1.00 31.17 ? 21  ILE A CG1 1 
ATOM   23   C CG2 . ILE A 1 21  ? -0.601  -10.716 -5.992  1.00 31.17 ? 21  ILE A CG2 1 
ATOM   24   C CD1 . ILE A 1 21  ? 0.690   -11.758 -3.446  1.00 33.67 ? 21  ILE A CD1 1 
ATOM   25   N N   . TYR A 1 22  ? -3.246  -12.791 -6.050  1.00 31.10 ? 22  TYR A N   1 
ATOM   26   C CA  . TYR A 1 22  ? -4.452  -12.299 -6.694  1.00 31.04 ? 22  TYR A CA  1 
ATOM   27   C C   . TYR A 1 22  ? -4.473  -10.785 -6.479  1.00 31.17 ? 22  TYR A C   1 
ATOM   28   O O   . TYR A 1 22  ? -4.437  -10.320 -5.327  1.00 30.51 ? 22  TYR A O   1 
ATOM   29   C CB  . TYR A 1 22  ? -5.716  -12.935 -6.084  1.00 31.40 ? 22  TYR A CB  1 
ATOM   30   C CG  . TYR A 1 22  ? -5.748  -14.459 -6.147  1.00 32.09 ? 22  TYR A CG  1 
ATOM   31   C CD1 . TYR A 1 22  ? -6.194  -15.126 -7.295  1.00 32.39 ? 22  TYR A CD1 1 
ATOM   32   C CD2 . TYR A 1 22  ? -5.348  -15.226 -5.047  1.00 32.93 ? 22  TYR A CD2 1 
ATOM   33   C CE1 . TYR A 1 22  ? -6.220  -16.535 -7.354  1.00 33.12 ? 22  TYR A CE1 1 
ATOM   34   C CE2 . TYR A 1 22  ? -5.372  -16.619 -5.087  1.00 32.48 ? 22  TYR A CE2 1 
ATOM   35   C CZ  . TYR A 1 22  ? -5.808  -17.265 -6.243  1.00 33.17 ? 22  TYR A CZ  1 
ATOM   36   O OH  . TYR A 1 22  ? -5.814  -18.638 -6.264  1.00 32.60 ? 22  TYR A OH  1 
ATOM   37   N N   . ASP A 1 23  ? -4.501  -10.026 -7.576  1.00 30.83 ? 23  ASP A N   1 
ATOM   38   C CA  . ASP A 1 23  ? -4.493  -8.559  -7.491  1.00 31.51 ? 23  ASP A CA  1 
ATOM   39   C C   . ASP A 1 23  ? -4.941  -7.898  -8.786  1.00 31.74 ? 23  ASP A C   1 
ATOM   40   O O   . ASP A 1 23  ? -5.395  -8.576  -9.708  1.00 32.33 ? 23  ASP A O   1 
ATOM   41   C CB  . ASP A 1 23  ? -3.136  -8.009  -6.942  1.00 30.37 ? 23  ASP A CB  1 
ATOM   42   C CG  . ASP A 1 23  ? -2.036  -7.865  -8.010  1.00 30.51 ? 23  ASP A CG  1 
ATOM   43   O OD1 . ASP A 1 23  ? -2.306  -7.962  -9.222  1.00 27.32 ? 23  ASP A OD1 1 
ATOM   44   O OD2 . ASP A 1 23  ? -0.877  -7.592  -7.616  1.00 31.06 ? 23  ASP A OD2 1 
ATOM   45   N N   . THR A 1 24  ? -4.873  -6.568  -8.819  1.00 32.30 ? 24  THR A N   1 
ATOM   46   C CA  . THR A 1 24  ? -5.066  -5.801  -10.051 1.00 33.26 ? 24  THR A CA  1 
ATOM   47   C C   . THR A 1 24  ? -3.757  -5.039  -10.190 1.00 33.56 ? 24  THR A C   1 
ATOM   48   O O   . THR A 1 24  ? -3.259  -4.517  -9.181  1.00 33.91 ? 24  THR A O   1 
ATOM   49   C CB  . THR A 1 24  ? -6.368  -4.922  -10.011 1.00 33.67 ? 24  THR A CB  1 
ATOM   50   O OG1 . THR A 1 24  ? -6.736  -4.506  -11.337 1.00 36.57 ? 24  THR A OG1 1 
ATOM   51   C CG2 . THR A 1 24  ? -6.243  -3.716  -9.094  1.00 31.99 ? 24  THR A CG2 1 
ATOM   52   N N   . PRO A 1 25  ? -3.141  -5.047  -11.403 1.00 33.35 ? 25  PRO A N   1 
ATOM   53   C CA  . PRO A 1 25  ? -1.749  -4.589  -11.534 1.00 32.93 ? 25  PRO A CA  1 
ATOM   54   C C   . PRO A 1 25  ? -1.508  -3.137  -11.132 1.00 31.83 ? 25  PRO A C   1 
ATOM   55   O O   . PRO A 1 25  ? -0.424  -2.820  -10.643 1.00 31.00 ? 25  PRO A O   1 
ATOM   56   C CB  . PRO A 1 25  ? -1.441  -4.777  -13.031 1.00 33.24 ? 25  PRO A CB  1 
ATOM   57   C CG  . PRO A 1 25  ? -2.447  -5.769  -13.512 1.00 34.11 ? 25  PRO A CG  1 
ATOM   58   C CD  . PRO A 1 25  ? -3.680  -5.536  -12.684 1.00 33.49 ? 25  PRO A CD  1 
ATOM   59   N N   . ALA A 1 26  ? -2.511  -2.277  -11.332 1.00 31.21 ? 26  ALA A N   1 
ATOM   60   C CA  . ALA A 1 26  ? -2.361  -0.832  -11.079 1.00 30.59 ? 26  ALA A CA  1 
ATOM   61   C C   . ALA A 1 26  ? -2.981  -0.367  -9.751  1.00 29.61 ? 26  ALA A C   1 
ATOM   62   O O   . ALA A 1 26  ? -3.115  0.841   -9.496  1.00 29.38 ? 26  ALA A O   1 
ATOM   63   C CB  . ALA A 1 26  ? -2.927  -0.002  -12.287 1.00 31.17 ? 26  ALA A CB  1 
ATOM   64   N N   . GLY A 1 27  ? -3.336  -1.319  -8.885  1.00 28.29 ? 27  GLY A N   1 
ATOM   65   C CA  . GLY A 1 27  ? -3.892  -0.960  -7.577  1.00 26.13 ? 27  GLY A CA  1 
ATOM   66   C C   . GLY A 1 27  ? -2.796  -0.493  -6.638  1.00 24.99 ? 27  GLY A C   1 
ATOM   67   O O   . GLY A 1 27  ? -1.723  -1.106  -6.596  1.00 25.64 ? 27  GLY A O   1 
ATOM   68   N N   . PRO A 1 28  ? -3.037  0.602   -5.883  1.00 23.45 ? 28  PRO A N   1 
ATOM   69   C CA  . PRO A 1 28  ? -2.061  1.057   -4.898  1.00 22.69 ? 28  PRO A CA  1 
ATOM   70   C C   . PRO A 1 28  ? -1.751  0.071   -3.785  1.00 22.54 ? 28  PRO A C   1 
ATOM   71   O O   . PRO A 1 28  ? -0.601  -0.049  -3.385  1.00 21.83 ? 28  PRO A O   1 
ATOM   72   C CB  . PRO A 1 28  ? -2.711  2.327   -4.333  1.00 22.94 ? 28  PRO A CB  1 
ATOM   73   C CG  . PRO A 1 28  ? -3.409  2.892   -5.559  1.00 22.48 ? 28  PRO A CG  1 
ATOM   74   C CD  . PRO A 1 28  ? -4.051  1.642   -6.136  1.00 23.70 ? 28  PRO A CD  1 
ATOM   75   N N   . TYR A 1 29  ? -2.748  -0.624  -3.245  1.00 22.34 ? 29  TYR A N   1 
ATOM   76   C CA  . TYR A 1 29  ? -2.396  -1.639  -2.245  1.00 22.66 ? 29  TYR A CA  1 
ATOM   77   C C   . TYR A 1 29  ? -1.571  -2.761  -2.916  1.00 22.17 ? 29  TYR A C   1 
ATOM   78   O O   . TYR A 1 29  ? -0.517  -3.100  -2.423  1.00 22.60 ? 29  TYR A O   1 
ATOM   79   C CB  . TYR A 1 29  ? -3.626  -2.156  -1.506  1.00 21.89 ? 29  TYR A CB  1 
ATOM   80   C CG  . TYR A 1 29  ? -4.192  -1.185  -0.475  1.00 22.43 ? 29  TYR A CG  1 
ATOM   81   C CD1 . TYR A 1 29  ? -3.792  -1.245  0.866   1.00 21.32 ? 29  TYR A CD1 1 
ATOM   82   C CD2 . TYR A 1 29  ? -5.154  -0.243  -0.832  1.00 20.50 ? 29  TYR A CD2 1 
ATOM   83   C CE1 . TYR A 1 29  ? -4.341  -0.389  1.825   1.00 22.17 ? 29  TYR A CE1 1 
ATOM   84   C CE2 . TYR A 1 29  ? -5.698  0.614   0.107   1.00 22.61 ? 29  TYR A CE2 1 
ATOM   85   C CZ  . TYR A 1 29  ? -5.295  0.534   1.436   1.00 22.25 ? 29  TYR A CZ  1 
ATOM   86   O OH  . TYR A 1 29  ? -5.854  1.375   2.378   1.00 23.04 ? 29  TYR A OH  1 
ATOM   87   N N   . PRO A 1 30  ? -2.029  -3.294  -4.069  1.00 22.30 ? 30  PRO A N   1 
ATOM   88   C CA  . PRO A 1 30  ? -1.201  -4.244  -4.830  1.00 22.73 ? 30  PRO A CA  1 
ATOM   89   C C   . PRO A 1 30  ? 0.262   -3.798  -5.026  1.00 23.14 ? 30  PRO A C   1 
ATOM   90   O O   . PRO A 1 30  ? 1.174   -4.631  -4.904  1.00 22.65 ? 30  PRO A O   1 
ATOM   91   C CB  . PRO A 1 30  ? -1.941  -4.341  -6.167  1.00 22.56 ? 30  PRO A CB  1 
ATOM   92   C CG  . PRO A 1 30  ? -3.406  -4.257  -5.730  1.00 23.07 ? 30  PRO A CG  1 
ATOM   93   C CD  . PRO A 1 30  ? -3.429  -3.308  -4.539  1.00 22.02 ? 30  PRO A CD  1 
ATOM   94   N N   . ALA A 1 31  ? 0.463   -2.499  -5.274  1.00 22.94 ? 31  ALA A N   1 
ATOM   95   C CA  . ALA A 1 31  ? 1.794   -1.896  -5.398  1.00 23.84 ? 31  ALA A CA  1 
ATOM   96   C C   . ALA A 1 31  ? 2.701   -2.139  -4.193  1.00 24.17 ? 31  ALA A C   1 
ATOM   97   O O   . ALA A 1 31  ? 3.916   -2.279  -4.346  1.00 24.88 ? 31  ALA A O   1 
ATOM   98   C CB  . ALA A 1 31  ? 1.676   -0.367  -5.693  1.00 23.97 ? 31  ALA A CB  1 
ATOM   99   N N   . ARG A 1 32  ? 2.121   -2.206  -3.001  1.00 23.67 ? 32  ARG A N   1 
ATOM   100  C CA  . ARG A 1 32  ? 2.898   -2.442  -1.798  1.00 23.16 ? 32  ARG A CA  1 
ATOM   101  C C   . ARG A 1 32  ? 3.577   -3.814  -1.854  1.00 23.67 ? 32  ARG A C   1 
ATOM   102  O O   . ARG A 1 32  ? 4.752   -3.962  -1.490  1.00 24.19 ? 32  ARG A O   1 
ATOM   103  C CB  . ARG A 1 32  ? 1.995   -2.347  -0.558  1.00 23.68 ? 32  ARG A CB  1 
ATOM   104  C CG  . ARG A 1 32  ? 1.460   -0.925  -0.271  1.00 22.43 ? 32  ARG A CG  1 
ATOM   105  C CD  . ARG A 1 32  ? 0.464   -0.909  0.920   1.00 20.74 ? 32  ARG A CD  1 
ATOM   106  N NE  . ARG A 1 32  ? 1.070   -1.339  2.179   1.00 20.76 ? 32  ARG A NE  1 
ATOM   107  C CZ  . ARG A 1 32  ? 0.384   -1.571  3.299   1.00 21.15 ? 32  ARG A CZ  1 
ATOM   108  N NH1 . ARG A 1 32  ? -0.941  -1.435  3.319   1.00 17.87 ? 32  ARG A NH1 1 
ATOM   109  N NH2 . ARG A 1 32  ? 1.019   -1.964  4.397   1.00 19.59 ? 32  ARG A NH2 1 
ATOM   110  N N   . VAL A 1 33  ? 2.831   -4.810  -2.295  1.00 24.09 ? 33  VAL A N   1 
ATOM   111  C CA  . VAL A 1 33  ? 3.351   -6.174  -2.400  1.00 25.04 ? 33  VAL A CA  1 
ATOM   112  C C   . VAL A 1 33  ? 4.265   -6.331  -3.613  1.00 24.90 ? 33  VAL A C   1 
ATOM   113  O O   . VAL A 1 33  ? 5.332   -6.900  -3.499  1.00 25.80 ? 33  VAL A O   1 
ATOM   114  C CB  . VAL A 1 33  ? 2.196   -7.231  -2.334  1.00 25.43 ? 33  VAL A CB  1 
ATOM   115  C CG1 . VAL A 1 33  ? 2.689   -8.621  -2.758  1.00 24.91 ? 33  VAL A CG1 1 
ATOM   116  C CG2 . VAL A 1 33  ? 1.644   -7.270  -0.909  1.00 24.07 ? 33  VAL A CG2 1 
ATOM   117  N N   . ARG A 1 34  ? 3.884   -5.762  -4.745  1.00 25.44 ? 34  ARG A N   1 
ATOM   118  C CA  . ARG A 1 34  ? 4.746   -5.808  -5.933  1.00 26.28 ? 34  ARG A CA  1 
ATOM   119  C C   . ARG A 1 34  ? 6.095   -5.132  -5.698  1.00 27.06 ? 34  ARG A C   1 
ATOM   120  O O   . ARG A 1 34  ? 7.141   -5.691  -6.047  1.00 27.59 ? 34  ARG A O   1 
ATOM   121  C CB  . ARG A 1 34  ? 4.038   -5.234  -7.163  1.00 25.98 ? 34  ARG A CB  1 
ATOM   122  C CG  . ARG A 1 34  ? 2.923   -6.134  -7.678  1.00 24.95 ? 34  ARG A CG  1 
ATOM   123  C CD  . ARG A 1 34  ? 2.161   -5.484  -8.789  1.00 24.09 ? 34  ARG A CD  1 
ATOM   124  N NE  . ARG A 1 34  ? 1.095   -6.346  -9.301  1.00 26.50 ? 34  ARG A NE  1 
ATOM   125  C CZ  . ARG A 1 34  ? 1.100   -6.960  -10.490 1.00 29.10 ? 34  ARG A CZ  1 
ATOM   126  N NH1 . ARG A 1 34  ? 2.135   -6.814  -11.319 1.00 29.76 ? 34  ARG A NH1 1 
ATOM   127  N NH2 . ARG A 1 34  ? 0.067   -7.738  -10.848 1.00 26.64 ? 34  ARG A NH2 1 
ATOM   128  N N   . ILE A 1 35  ? 6.083   -3.946  -5.094  1.00 27.25 ? 35  ILE A N   1 
ATOM   129  C CA  . ILE A 1 35  ? 7.337   -3.308  -4.683  1.00 27.52 ? 35  ILE A CA  1 
ATOM   130  C C   . ILE A 1 35  ? 8.136   -4.182  -3.729  1.00 28.18 ? 35  ILE A C   1 
ATOM   131  O O   . ILE A 1 35  ? 9.345   -4.364  -3.933  1.00 28.41 ? 35  ILE A O   1 
ATOM   132  C CB  . ILE A 1 35  ? 7.135   -1.908  -4.056  1.00 26.86 ? 35  ILE A CB  1 
ATOM   133  C CG1 . ILE A 1 35  ? 6.594   -0.951  -5.123  1.00 27.43 ? 35  ILE A CG1 1 
ATOM   134  C CG2 . ILE A 1 35  ? 8.451   -1.387  -3.477  1.00 26.21 ? 35  ILE A CG2 1 
ATOM   135  C CD1 . ILE A 1 35  ? 5.928   0.305   -4.570  1.00 27.43 ? 35  ILE A CD1 1 
ATOM   136  N N   . ALA A 1 36  ? 7.485   -4.729  -2.697  1.00 28.42 ? 36  ALA A N   1 
ATOM   137  C CA  . ALA A 1 36  ? 8.216   -5.581  -1.745  1.00 28.99 ? 36  ALA A CA  1 
ATOM   138  C C   . ALA A 1 36  ? 8.826   -6.812  -2.438  1.00 29.51 ? 36  ALA A C   1 
ATOM   139  O O   . ALA A 1 36  ? 9.971   -7.188  -2.142  1.00 29.42 ? 36  ALA A O   1 
ATOM   140  C CB  . ALA A 1 36  ? 7.358   -5.985  -0.565  1.00 28.22 ? 36  ALA A CB  1 
ATOM   141  N N   . LEU A 1 37  ? 8.073   -7.419  -3.359  1.00 30.43 ? 37  LEU A N   1 
ATOM   142  C CA  . LEU A 1 37  ? 8.580   -8.565  -4.133  1.00 31.65 ? 37  LEU A CA  1 
ATOM   143  C C   . LEU A 1 37  ? 9.842   -8.235  -4.941  1.00 33.06 ? 37  LEU A C   1 
ATOM   144  O O   . LEU A 1 37  ? 10.828  -8.990  -4.902  1.00 34.62 ? 37  LEU A O   1 
ATOM   145  C CB  . LEU A 1 37  ? 7.502   -9.143  -5.056  1.00 30.37 ? 37  LEU A CB  1 
ATOM   146  C CG  . LEU A 1 37  ? 6.404   -9.954  -4.363  1.00 30.97 ? 37  LEU A CG  1 
ATOM   147  C CD1 . LEU A 1 37  ? 5.211   -10.167 -5.290  1.00 29.68 ? 37  LEU A CD1 1 
ATOM   148  C CD2 . LEU A 1 37  ? 6.953   -11.281 -3.836  1.00 29.05 ? 37  LEU A CD2 1 
ATOM   149  N N   . ALA A 1 38  ? 9.801   -7.132  -5.688  1.00 33.51 ? 38  ALA A N   1 
ATOM   150  C CA  . ALA A 1 38  ? 10.968  -6.645  -6.438  1.00 34.23 ? 38  ALA A CA  1 
ATOM   151  C C   . ALA A 1 38  ? 12.151  -6.384  -5.516  1.00 35.01 ? 38  ALA A C   1 
ATOM   152  O O   . ALA A 1 38  ? 13.298  -6.753  -5.815  1.00 35.04 ? 38  ALA A O   1 
ATOM   153  C CB  . ALA A 1 38  ? 10.611  -5.385  -7.214  1.00 33.43 ? 38  ALA A CB  1 
ATOM   154  N N   . GLU A 1 39  ? 11.853  -5.762  -4.383  1.00 35.47 ? 39  GLU A N   1 
ATOM   155  C CA  . GLU A 1 39  ? 12.832  -5.424  -3.365  1.00 36.64 ? 39  GLU A CA  1 
ATOM   156  C C   . GLU A 1 39  ? 13.539  -6.675  -2.812  1.00 37.12 ? 39  GLU A C   1 
ATOM   157  O O   . GLU A 1 39  ? 14.721  -6.630  -2.448  1.00 37.02 ? 39  GLU A O   1 
ATOM   158  C CB  . GLU A 1 39  ? 12.105  -4.659  -2.261  1.00 36.69 ? 39  GLU A CB  1 
ATOM   159  C CG  . GLU A 1 39  ? 12.872  -3.548  -1.594  1.00 38.93 ? 39  GLU A CG  1 
ATOM   160  C CD  . GLU A 1 39  ? 13.363  -2.429  -2.514  1.00 39.07 ? 39  GLU A CD  1 
ATOM   161  O OE1 . GLU A 1 39  ? 12.637  -1.913  -3.392  1.00 41.16 ? 39  GLU A OE1 1 
ATOM   162  O OE2 . GLU A 1 39  ? 14.504  -2.023  -2.307  1.00 39.33 ? 39  GLU A OE2 1 
ATOM   163  N N   . LYS A 1 40  ? 12.809  -7.789  -2.767  1.00 37.43 ? 40  LYS A N   1 
ATOM   164  C CA  . LYS A 1 40  ? 13.342  -9.062  -2.275  1.00 38.34 ? 40  LYS A CA  1 
ATOM   165  C C   . LYS A 1 40  ? 13.846  -9.965  -3.419  1.00 38.72 ? 40  LYS A C   1 
ATOM   166  O O   . LYS A 1 40  ? 14.120  -11.134 -3.201  1.00 39.14 ? 40  LYS A O   1 
ATOM   167  C CB  . LYS A 1 40  ? 12.282  -9.813  -1.447  1.00 37.47 ? 40  LYS A CB  1 
ATOM   168  C CG  . LYS A 1 40  ? 11.881  -9.147  -0.136  1.00 37.49 ? 40  LYS A CG  1 
ATOM   169  C CD  . LYS A 1 40  ? 13.063  -8.927  0.803   1.00 36.20 ? 40  LYS A CD  1 
ATOM   170  C CE  . LYS A 1 40  ? 13.631  -10.248 1.331   1.00 35.90 ? 40  LYS A CE  1 
ATOM   171  N NZ  . LYS A 1 40  ? 14.345  -10.069 2.627   1.00 34.44 ? 40  LYS A NZ  1 
ATOM   172  N N   . ASN A 1 41  ? 13.952  -9.410  -4.622  1.00 39.82 ? 41  ASN A N   1 
ATOM   173  C CA  . ASN A 1 41  ? 14.242  -10.172 -5.850  1.00 41.09 ? 41  ASN A CA  1 
ATOM   174  C C   . ASN A 1 41  ? 13.432  -11.448 -6.007  1.00 41.45 ? 41  ASN A C   1 
ATOM   175  O O   . ASN A 1 41  ? 13.994  -12.509 -6.279  1.00 41.40 ? 41  ASN A O   1 
ATOM   176  C CB  . ASN A 1 41  ? 15.740  -10.470 -5.967  1.00 40.96 ? 41  ASN A CB  1 
ATOM   177  C CG  . ASN A 1 41  ? 16.567  -9.212  -5.933  1.00 42.06 ? 41  ASN A CG  1 
ATOM   178  O OD1 . ASN A 1 41  ? 16.286  -8.257  -6.657  1.00 43.05 ? 41  ASN A OD1 1 
ATOM   179  N ND2 . ASN A 1 41  ? 17.576  -9.188  -5.071  1.00 42.60 ? 41  ASN A ND2 1 
ATOM   180  N N   . MET A 1 42  ? 12.114  -11.332 -5.841  1.00 41.95 ? 42  MET A N   1 
ATOM   181  C CA  . MET A 1 42  ? 11.216  -12.489 -5.824  1.00 42.39 ? 42  MET A CA  1 
ATOM   182  C C   . MET A 1 42  ? 10.078  -12.421 -6.828  1.00 42.34 ? 42  MET A C   1 
ATOM   183  O O   . MET A 1 42  ? 9.181   -13.265 -6.766  1.00 42.77 ? 42  MET A O   1 
ATOM   184  C CB  . MET A 1 42  ? 10.578  -12.661 -4.438  1.00 42.35 ? 42  MET A CB  1 
ATOM   185  C CG  . MET A 1 42  ? 11.493  -13.162 -3.346  1.00 44.21 ? 42  MET A CG  1 
ATOM   186  S SD  . MET A 1 42  ? 10.610  -13.187 -1.774  1.00 46.10 ? 42  MET A SD  1 
ATOM   187  C CE  . MET A 1 42  ? 11.759  -14.108 -0.764  1.00 47.18 ? 42  MET A CE  1 
ATOM   188  N N   . LEU A 1 43  ? 10.069  -11.432 -7.723  1.00 42.46 ? 43  LEU A N   1 
ATOM   189  C CA  . LEU A 1 43  ? 8.931   -11.306 -8.656  1.00 42.95 ? 43  LEU A CA  1 
ATOM   190  C C   . LEU A 1 43  ? 8.759   -12.556 -9.497  1.00 43.25 ? 43  LEU A C   1 
ATOM   191  O O   . LEU A 1 43  ? 7.627   -12.927 -9.833  1.00 43.65 ? 43  LEU A O   1 
ATOM   192  C CB  . LEU A 1 43  ? 9.039   -10.075 -9.570  1.00 42.85 ? 43  LEU A CB  1 
ATOM   193  C CG  . LEU A 1 43  ? 8.556   -8.733  -9.002  1.00 42.52 ? 43  LEU A CG  1 
ATOM   194  C CD1 . LEU A 1 43  ? 8.966   -7.594  -9.920  1.00 41.39 ? 43  LEU A CD1 1 
ATOM   195  C CD2 . LEU A 1 43  ? 7.029   -8.717  -8.770  1.00 41.50 ? 43  LEU A CD2 1 
ATOM   196  N N   . SER A 1 44  ? 9.879   -13.205 -9.822  1.00 43.44 ? 44  SER A N   1 
ATOM   197  C CA  . SER A 1 44  ? 9.869   -14.401 -10.675 1.00 43.49 ? 44  SER A CA  1 
ATOM   198  C C   . SER A 1 44  ? 9.309   -15.640 -9.956  1.00 43.35 ? 44  SER A C   1 
ATOM   199  O O   . SER A 1 44  ? 8.961   -16.616 -10.590 1.00 44.03 ? 44  SER A O   1 
ATOM   200  C CB  . SER A 1 44  ? 11.276  -14.675 -11.238 1.00 43.25 ? 44  SER A CB  1 
ATOM   201  O OG  . SER A 1 44  ? 12.129  -15.209 -10.240 0.50 42.48 ? 44  SER A OG  1 
ATOM   202  N N   . SER A 1 45  ? 9.223   -15.589 -8.630  1.00 43.52 ? 45  SER A N   1 
ATOM   203  C CA  . SER A 1 45  ? 8.612   -16.654 -7.835  1.00 43.15 ? 45  SER A CA  1 
ATOM   204  C C   . SER A 1 45  ? 7.087   -16.557 -7.768  1.00 42.41 ? 45  SER A C   1 
ATOM   205  O O   . SER A 1 45  ? 6.443   -17.406 -7.136  1.00 42.28 ? 45  SER A O   1 
ATOM   206  C CB  . SER A 1 45  ? 9.167   -16.634 -6.410  1.00 43.27 ? 45  SER A CB  1 
ATOM   207  O OG  . SER A 1 45  ? 10.565  -16.873 -6.407  1.00 45.47 ? 45  SER A OG  1 
ATOM   208  N N   . VAL A 1 46  ? 6.513   -15.537 -8.411  1.00 41.42 ? 46  VAL A N   1 
ATOM   209  C CA  . VAL A 1 46  ? 5.079   -15.238 -8.273  1.00 40.31 ? 46  VAL A CA  1 
ATOM   210  C C   . VAL A 1 46  ? 4.287   -15.353 -9.568  1.00 40.08 ? 46  VAL A C   1 
ATOM   211  O O   . VAL A 1 46  ? 4.639   -14.742 -10.574 1.00 39.91 ? 46  VAL A O   1 
ATOM   212  C CB  . VAL A 1 46  ? 4.842   -13.792 -7.710  1.00 40.33 ? 46  VAL A CB  1 
ATOM   213  C CG1 . VAL A 1 46  ? 3.341   -13.508 -7.558  1.00 39.25 ? 46  VAL A CG1 1 
ATOM   214  C CG2 . VAL A 1 46  ? 5.556   -13.601 -6.398  1.00 39.28 ? 46  VAL A CG2 1 
ATOM   215  N N   . GLN A 1 47  ? 3.188   -16.097 -9.527  1.00 39.65 ? 47  GLN A N   1 
ATOM   216  C CA  . GLN A 1 47  ? 2.206   -16.039 -10.597 1.00 40.07 ? 47  GLN A CA  1 
ATOM   217  C C   . GLN A 1 47  ? 1.096   -15.048 -10.215 1.00 39.51 ? 47  GLN A C   1 
ATOM   218  O O   . GLN A 1 47  ? 0.387   -15.259 -9.232  1.00 39.39 ? 47  GLN A O   1 
ATOM   219  C CB  . GLN A 1 47  ? 1.603   -17.426 -10.889 1.00 40.05 ? 47  GLN A CB  1 
ATOM   220  C CG  . GLN A 1 47  ? 0.637   -17.410 -12.082 1.00 42.78 ? 47  GLN A CG  1 
ATOM   221  C CD  . GLN A 1 47  ? -0.363  -18.558 -12.088 1.00 45.80 ? 47  GLN A CD  1 
ATOM   222  O OE1 . GLN A 1 47  ? -0.155  -19.603 -11.457 1.00 46.48 ? 47  GLN A OE1 1 
ATOM   223  N NE2 . GLN A 1 47  ? -1.459  -18.368 -12.812 1.00 47.08 ? 47  GLN A NE2 1 
ATOM   224  N N   . PHE A 1 48  ? 0.953   -13.972 -10.992 1.00 39.09 ? 48  PHE A N   1 
ATOM   225  C CA  . PHE A 1 48  ? -0.084  -12.975 -10.761 1.00 38.30 ? 48  PHE A CA  1 
ATOM   226  C C   . PHE A 1 48  ? -1.370  -13.387 -11.464 1.00 38.25 ? 48  PHE A C   1 
ATOM   227  O O   . PHE A 1 48  ? -1.357  -13.727 -12.656 1.00 37.49 ? 48  PHE A O   1 
ATOM   228  C CB  . PHE A 1 48  ? 0.370   -11.586 -11.233 1.00 38.43 ? 48  PHE A CB  1 
ATOM   229  C CG  . PHE A 1 48  ? 1.442   -10.955 -10.358 1.00 37.70 ? 48  PHE A CG  1 
ATOM   230  C CD1 . PHE A 1 48  ? 2.791   -11.073 -10.686 1.00 35.74 ? 48  PHE A CD1 1 
ATOM   231  C CD2 . PHE A 1 48  ? 1.096   -10.250 -9.203  1.00 36.89 ? 48  PHE A CD2 1 
ATOM   232  C CE1 . PHE A 1 48  ? 3.775   -10.496 -9.883  1.00 34.81 ? 48  PHE A CE1 1 
ATOM   233  C CE2 . PHE A 1 48  ? 2.080   -9.666  -8.389  1.00 36.88 ? 48  PHE A CE2 1 
ATOM   234  C CZ  . PHE A 1 48  ? 3.427   -9.791  -8.741  1.00 35.52 ? 48  PHE A CZ  1 
ATOM   235  N N   . VAL A 1 49  ? -2.474  -13.390 -10.713 1.00 37.79 ? 49  VAL A N   1 
ATOM   236  C CA  . VAL A 1 49  ? -3.803  -13.684 -11.272 1.00 37.34 ? 49  VAL A CA  1 
ATOM   237  C C   . VAL A 1 49  ? -4.680  -12.446 -11.132 1.00 37.35 ? 49  VAL A C   1 
ATOM   238  O O   . VAL A 1 49  ? -4.782  -11.863 -10.045 1.00 36.88 ? 49  VAL A O   1 
ATOM   239  C CB  . VAL A 1 49  ? -4.472  -14.928 -10.624 1.00 37.06 ? 49  VAL A CB  1 
ATOM   240  C CG1 . VAL A 1 49  ? -5.898  -15.132 -11.165 1.00 36.97 ? 49  VAL A CG1 1 
ATOM   241  C CG2 . VAL A 1 49  ? -3.629  -16.176 -10.887 1.00 37.57 ? 49  VAL A CG2 1 
ATOM   242  N N   . ARG A 1 50  ? -5.291  -12.041 -12.244 1.00 37.06 ? 50  ARG A N   1 
ATOM   243  C CA  . ARG A 1 50  ? -6.067  -10.812 -12.311 1.00 37.15 ? 50  ARG A CA  1 
ATOM   244  C C   . ARG A 1 50  ? -7.432  -10.950 -11.646 1.00 36.34 ? 50  ARG A C   1 
ATOM   245  O O   . ARG A 1 50  ? -8.183  -11.870 -11.943 1.00 35.99 ? 50  ARG A O   1 
ATOM   246  C CB  . ARG A 1 50  ? -6.229  -10.350 -13.776 1.00 37.96 ? 50  ARG A CB  1 
ATOM   247  C CG  . ARG A 1 50  ? -7.146  -9.134  -13.989 1.00 41.46 ? 50  ARG A CG  1 
ATOM   248  C CD  . ARG A 1 50  ? -6.599  -7.874  -13.286 1.00 45.38 ? 50  ARG A CD  1 
ATOM   249  N NE  . ARG A 1 50  ? -7.396  -6.670  -13.525 1.00 48.59 ? 50  ARG A NE  1 
ATOM   250  C CZ  . ARG A 1 50  ? -7.184  -5.809  -14.527 1.00 51.24 ? 50  ARG A CZ  1 
ATOM   251  N NH1 . ARG A 1 50  ? -6.196  -6.020  -15.397 1.00 51.01 ? 50  ARG A NH1 1 
ATOM   252  N NH2 . ARG A 1 50  ? -7.959  -4.728  -14.657 1.00 50.56 ? 50  ARG A NH2 1 
ATOM   253  N N   . ILE A 1 51  ? -7.729  -10.030 -10.729 1.00 35.28 ? 51  ILE A N   1 
ATOM   254  C CA  . ILE A 1 51  ? -9.081  -9.857  -10.222 1.00 34.10 ? 51  ILE A CA  1 
ATOM   255  C C   . ILE A 1 51  ? -9.606  -8.549  -10.814 1.00 34.36 ? 51  ILE A C   1 
ATOM   256  O O   . ILE A 1 51  ? -8.939  -7.530  -10.717 1.00 33.49 ? 51  ILE A O   1 
ATOM   257  C CB  . ILE A 1 51  ? -9.113  -9.803  -8.673  1.00 33.60 ? 51  ILE A CB  1 
ATOM   258  C CG1 . ILE A 1 51  ? -8.401  -11.038 -8.043  1.00 32.82 ? 51  ILE A CG1 1 
ATOM   259  C CG2 . ILE A 1 51  ? -10.544 -9.600  -8.175  1.00 32.41 ? 51  ILE A CG2 1 
ATOM   260  C CD1 . ILE A 1 51  ? -8.994  -12.436 -8.420  1.00 29.62 ? 51  ILE A CD1 1 
ATOM   261  N N   . ASN A 1 52  ? -10.784 -8.585  -11.439 1.00 34.63 ? 52  ASN A N   1 
ATOM   262  C CA  . ASN A 1 52  ? -11.348 -7.389  -12.055 1.00 35.69 ? 52  ASN A CA  1 
ATOM   263  C C   . ASN A 1 52  ? -12.205 -6.613  -11.060 1.00 34.88 ? 52  ASN A C   1 
ATOM   264  O O   . ASN A 1 52  ? -13.387 -6.904  -10.908 1.00 34.71 ? 52  ASN A O   1 
ATOM   265  C CB  . ASN A 1 52  ? -12.166 -7.745  -13.310 1.00 36.23 ? 52  ASN A CB  1 
ATOM   266  C CG  . ASN A 1 52  ? -11.323 -8.415  -14.396 1.00 40.37 ? 52  ASN A CG  1 
ATOM   267  O OD1 . ASN A 1 52  ? -10.380 -7.813  -14.927 1.00 45.79 ? 52  ASN A OD1 1 
ATOM   268  N ND2 . ASN A 1 52  ? -11.666 -9.662  -14.742 1.00 42.46 ? 52  ASN A ND2 1 
ATOM   269  N N   . LEU A 1 53  ? -11.616 -5.621  -10.396 1.00 34.64 ? 53  LEU A N   1 
ATOM   270  C CA  . LEU A 1 53  ? -12.361 -4.809  -9.425  1.00 34.92 ? 53  LEU A CA  1 
ATOM   271  C C   . LEU A 1 53  ? -13.433 -3.962  -10.096 1.00 35.73 ? 53  LEU A C   1 
ATOM   272  O O   . LEU A 1 53  ? -14.492 -3.697  -9.495  1.00 34.75 ? 53  LEU A O   1 
ATOM   273  C CB  . LEU A 1 53  ? -11.436 -3.900  -8.621  1.00 34.92 ? 53  LEU A CB  1 
ATOM   274  C CG  . LEU A 1 53  ? -10.200 -4.492  -7.938  1.00 35.28 ? 53  LEU A CG  1 
ATOM   275  C CD1 . LEU A 1 53  ? -9.512  -3.432  -7.066  1.00 34.30 ? 53  LEU A CD1 1 
ATOM   276  C CD2 . LEU A 1 53  ? -10.542 -5.723  -7.123  1.00 33.35 ? 53  LEU A CD2 1 
ATOM   277  N N   . TRP A 1 54  ? -13.157 -3.554  -11.337 1.00 36.10 ? 54  TRP A N   1 
ATOM   278  C CA  . TRP A 1 54  ? -14.059 -2.691  -12.084 1.00 37.71 ? 54  TRP A CA  1 
ATOM   279  C C   . TRP A 1 54  ? -15.372 -3.440  -12.334 1.00 37.50 ? 54  TRP A C   1 
ATOM   280  O O   . TRP A 1 54  ? -16.432 -2.832  -12.387 1.00 37.40 ? 54  TRP A O   1 
ATOM   281  C CB  . TRP A 1 54  ? -13.402 -2.184  -13.392 1.00 38.52 ? 54  TRP A CB  1 
ATOM   282  C CG  . TRP A 1 54  ? -12.125 -1.330  -13.173 1.00 43.16 ? 54  TRP A CG  1 
ATOM   283  C CD1 . TRP A 1 54  ? -10.829 -1.694  -13.463 1.00 46.33 ? 54  TRP A CD1 1 
ATOM   284  C CD2 . TRP A 1 54  ? -12.043 0.007   -12.613 1.00 46.37 ? 54  TRP A CD2 1 
ATOM   285  N NE1 . TRP A 1 54  ? -9.956  -0.679  -13.114 1.00 48.50 ? 54  TRP A NE1 1 
ATOM   286  C CE2 . TRP A 1 54  ? -10.671 0.372   -12.596 1.00 47.83 ? 54  TRP A CE2 1 
ATOM   287  C CE3 . TRP A 1 54  ? -12.993 0.922   -12.127 1.00 48.23 ? 54  TRP A CE3 1 
ATOM   288  C CZ2 . TRP A 1 54  ? -10.227 1.615   -12.107 1.00 48.21 ? 54  TRP A CZ2 1 
ATOM   289  C CZ3 . TRP A 1 54  ? -12.543 2.167   -11.632 1.00 48.11 ? 54  TRP A CZ3 1 
ATOM   290  C CH2 . TRP A 1 54  ? -11.174 2.490   -11.628 1.00 48.28 ? 54  TRP A CH2 1 
ATOM   291  N N   . LYS A 1 55  ? -15.289 -4.768  -12.432 1.00 37.38 ? 55  LYS A N   1 
ATOM   292  C CA  . LYS A 1 55  ? -16.469 -5.636  -12.579 1.00 37.58 ? 55  LYS A CA  1 
ATOM   293  C C   . LYS A 1 55  ? -17.038 -6.120  -11.227 1.00 37.12 ? 55  LYS A C   1 
ATOM   294  O O   . LYS A 1 55  ? -17.968 -6.932  -11.185 1.00 36.74 ? 55  LYS A O   1 
ATOM   295  C CB  . LYS A 1 55  ? -16.133 -6.842  -13.490 1.00 37.66 ? 55  LYS A CB  1 
ATOM   296  C CG  . LYS A 1 55  ? -15.849 -6.465  -14.957 1.00 39.94 ? 55  LYS A CG  1 
ATOM   297  C CD  . LYS A 1 55  ? -15.785 -7.698  -15.908 1.00 41.77 ? 55  LYS A CD  1 
ATOM   298  C CE  . LYS A 1 55  ? -15.247 -7.293  -17.299 1.00 43.71 ? 55  LYS A CE  1 
ATOM   299  N NZ  . LYS A 1 55  ? -15.345 -8.372  -18.357 1.00 45.00 ? 55  LYS A NZ  1 
ATOM   300  N N   . GLY A 1 56  ? -16.484 -5.619  -10.123 1.00 36.75 ? 56  GLY A N   1 
ATOM   301  C CA  . GLY A 1 56  ? -16.866 -6.084  -8.781  1.00 35.71 ? 56  GLY A CA  1 
ATOM   302  C C   . GLY A 1 56  ? -16.594 -7.561  -8.536  1.00 35.14 ? 56  GLY A C   1 
ATOM   303  O O   . GLY A 1 56  ? -17.325 -8.201  -7.787  1.00 34.87 ? 56  GLY A O   1 
ATOM   304  N N   . GLU A 1 57  ? -15.555 -8.105  -9.176  1.00 34.90 ? 57  GLU A N   1 
ATOM   305  C CA  . GLU A 1 57  ? -15.188 -9.524  -9.013  1.00 35.30 ? 57  GLU A CA  1 
ATOM   306  C C   . GLU A 1 57  ? -14.777 -9.858  -7.567  1.00 34.68 ? 57  GLU A C   1 
ATOM   307  O O   . GLU A 1 57  ? -15.068 -10.958 -7.057  1.00 34.40 ? 57  GLU A O   1 
ATOM   308  C CB  . GLU A 1 57  ? -14.075 -9.928  -9.985  1.00 35.69 ? 57  GLU A CB  1 
ATOM   309  C CG  . GLU A 1 57  ? -13.916 -11.439 -10.124 1.00 37.57 ? 57  GLU A CG  1 
ATOM   310  C CD  . GLU A 1 57  ? -12.728 -11.852 -10.988 1.00 39.67 ? 57  GLU A CD  1 
ATOM   311  O OE1 . GLU A 1 57  ? -12.207 -11.010 -11.761 1.00 38.66 ? 57  GLU A OE1 1 
ATOM   312  O OE2 . GLU A 1 57  ? -12.323 -13.030 -10.886 1.00 40.20 ? 57  GLU A OE2 1 
ATOM   313  N N   . HIS A 1 58  ? -14.124 -8.896  -6.918  1.00 33.70 ? 58  HIS A N   1 
ATOM   314  C CA  . HIS A 1 58  ? -13.710 -9.012  -5.508  1.00 33.34 ? 58  HIS A CA  1 
ATOM   315  C C   . HIS A 1 58  ? -14.865 -9.078  -4.489  1.00 33.34 ? 58  HIS A C   1 
ATOM   316  O O   . HIS A 1 58  ? -14.643 -9.434  -3.335  1.00 33.31 ? 58  HIS A O   1 
ATOM   317  C CB  . HIS A 1 58  ? -12.748 -7.867  -5.154  1.00 32.91 ? 58  HIS A CB  1 
ATOM   318  C CG  . HIS A 1 58  ? -13.360 -6.496  -5.257  1.00 33.13 ? 58  HIS A CG  1 
ATOM   319  N ND1 . HIS A 1 58  ? -13.861 -5.985  -6.438  1.00 31.50 ? 58  HIS A ND1 1 
ATOM   320  C CD2 . HIS A 1 58  ? -13.537 -5.529  -4.323  1.00 31.94 ? 58  HIS A CD2 1 
ATOM   321  C CE1 . HIS A 1 58  ? -14.327 -4.766  -6.226  1.00 32.41 ? 58  HIS A CE1 1 
ATOM   322  N NE2 . HIS A 1 58  ? -14.146 -4.464  -4.950  1.00 33.57 ? 58  HIS A NE2 1 
ATOM   323  N N   . LYS A 1 59  ? -16.085 -8.738  -4.913  1.00 33.75 ? 59  LYS A N   1 
ATOM   324  C CA  . LYS A 1 59  ? -17.268 -8.742  -4.019  1.00 34.40 ? 59  LYS A CA  1 
ATOM   325  C C   . LYS A 1 59  ? -18.181 -9.965  -4.233  1.00 34.94 ? 59  LYS A C   1 
ATOM   326  O O   . LYS A 1 59  ? -19.228 -10.105 -3.584  1.00 35.88 ? 59  LYS A O   1 
ATOM   327  C CB  . LYS A 1 59  ? -18.064 -7.419  -4.127  1.00 34.11 ? 59  LYS A CB  1 
ATOM   328  C CG  . LYS A 1 59  ? -17.299 -6.157  -3.696  1.00 34.01 ? 59  LYS A CG  1 
ATOM   329  C CD  . LYS A 1 59  ? -18.214 -4.916  -3.641  1.00 35.65 ? 59  LYS A CD  1 
ATOM   330  C CE  . LYS A 1 59  ? -17.465 -3.653  -3.149  1.00 37.69 ? 59  LYS A CE  1 
ATOM   331  N NZ  . LYS A 1 59  ? -18.341 -2.449  -2.792  1.00 35.93 ? 59  LYS A NZ  1 
ATOM   332  N N   . LYS A 1 60  ? -17.764 -10.860 -5.122  1.00 35.19 ? 60  LYS A N   1 
ATOM   333  C CA  . LYS A 1 60  ? -18.505 -12.079 -5.427  1.00 36.06 ? 60  LYS A CA  1 
ATOM   334  C C   . LYS A 1 60  ? -17.973 -13.312 -4.665  1.00 35.77 ? 60  LYS A C   1 
ATOM   335  O O   . LYS A 1 60  ? -16.809 -13.315 -4.234  1.00 34.68 ? 60  LYS A O   1 
ATOM   336  C CB  . LYS A 1 60  ? -18.493 -12.323 -6.938  1.00 36.47 ? 60  LYS A CB  1 
ATOM   337  C CG  . LYS A 1 60  ? -19.395 -11.356 -7.683  1.00 39.07 ? 60  LYS A CG  1 
ATOM   338  C CD  . LYS A 1 60  ? -19.189 -11.426 -9.189  1.00 41.83 ? 60  LYS A CD  1 
ATOM   339  C CE  . LYS A 1 60  ? -20.123 -10.449 -9.889  1.00 43.90 ? 60  LYS A CE  1 
ATOM   340  N NZ  . LYS A 1 60  ? -19.571 -10.057 -11.210 1.00 45.64 ? 60  LYS A NZ  1 
ATOM   341  N N   . PRO A 1 61  ? -18.826 -14.360 -4.502  1.00 35.73 ? 61  PRO A N   1 
ATOM   342  C CA  . PRO A 1 61  ? -18.527 -15.490 -3.618  1.00 35.42 ? 61  PRO A CA  1 
ATOM   343  C C   . PRO A 1 61  ? -17.191 -16.181 -3.867  1.00 34.51 ? 61  PRO A C   1 
ATOM   344  O O   . PRO A 1 61  ? -16.545 -16.590 -2.912  1.00 34.11 ? 61  PRO A O   1 
ATOM   345  C CB  . PRO A 1 61  ? -19.702 -16.455 -3.864  1.00 35.76 ? 61  PRO A CB  1 
ATOM   346  C CG  . PRO A 1 61  ? -20.836 -15.540 -4.174  1.00 36.25 ? 61  PRO A CG  1 
ATOM   347  C CD  . PRO A 1 61  ? -20.211 -14.448 -5.022  1.00 36.43 ? 61  PRO A CD  1 
ATOM   348  N N   . GLU A 1 62  ? -16.780 -16.304 -5.121  1.00 34.31 ? 62  GLU A N   1 
ATOM   349  C CA  . GLU A 1 62  ? -15.515 -16.982 -5.447  1.00 34.70 ? 62  GLU A CA  1 
ATOM   350  C C   . GLU A 1 62  ? -14.282 -16.256 -4.871  1.00 33.63 ? 62  GLU A C   1 
ATOM   351  O O   . GLU A 1 62  ? -13.371 -16.886 -4.315  1.00 33.69 ? 62  GLU A O   1 
ATOM   352  C CB  . GLU A 1 62  ? -15.371 -17.161 -6.958  1.00 35.10 ? 62  GLU A CB  1 
ATOM   353  C CG  . GLU A 1 62  ? -14.400 -18.262 -7.351  1.00 38.93 ? 62  GLU A CG  1 
ATOM   354  C CD  . GLU A 1 62  ? -14.216 -18.373 -8.855  1.00 43.61 ? 62  GLU A CD  1 
ATOM   355  O OE1 . GLU A 1 62  ? -14.498 -17.384 -9.573  1.00 45.06 ? 62  GLU A OE1 1 
ATOM   356  O OE2 . GLU A 1 62  ? -13.778 -19.449 -9.319  1.00 45.43 ? 62  GLU A OE2 1 
ATOM   357  N N   . PHE A 1 63  ? -14.242 -14.933 -4.994  1.00 32.41 ? 63  PHE A N   1 
ATOM   358  C CA  . PHE A 1 63  ? -13.098 -14.235 -4.429  1.00 30.98 ? 63  PHE A CA  1 
ATOM   359  C C   . PHE A 1 63  ? -13.197 -14.113 -2.917  1.00 30.25 ? 63  PHE A C   1 
ATOM   360  O O   . PHE A 1 63  ? -12.175 -14.095 -2.237  1.00 30.42 ? 63  PHE A O   1 
ATOM   361  C CB  . PHE A 1 63  ? -12.834 -12.860 -5.048  1.00 30.26 ? 63  PHE A CB  1 
ATOM   362  C CG  . PHE A 1 63  ? -11.563 -12.267 -4.566  1.00 29.48 ? 63  PHE A CG  1 
ATOM   363  C CD1 . PHE A 1 63  ? -10.343 -12.770 -5.017  1.00 30.51 ? 63  PHE A CD1 1 
ATOM   364  C CD2 . PHE A 1 63  ? -11.563 -11.282 -3.580  1.00 29.94 ? 63  PHE A CD2 1 
ATOM   365  C CE1 . PHE A 1 63  ? -9.140  -12.255 -4.530  1.00 27.60 ? 63  PHE A CE1 1 
ATOM   366  C CE2 . PHE A 1 63  ? -10.367 -10.771 -3.090  1.00 29.79 ? 63  PHE A CE2 1 
ATOM   367  C CZ  . PHE A 1 63  ? -9.157  -11.270 -3.572  1.00 29.70 ? 63  PHE A CZ  1 
ATOM   368  N N   . LEU A 1 64  ? -14.421 -14.027 -2.402  1.00 29.84 ? 64  LEU A N   1 
ATOM   369  C CA  . LEU A 1 64  ? -14.627 -13.840 -0.972  1.00 30.14 ? 64  LEU A CA  1 
ATOM   370  C C   . LEU A 1 64  ? -14.185 -15.085 -0.210  1.00 30.12 ? 64  LEU A C   1 
ATOM   371  O O   . LEU A 1 64  ? -13.857 -15.013 0.973   1.00 30.22 ? 64  LEU A O   1 
ATOM   372  C CB  . LEU A 1 64  ? -16.092 -13.517 -0.673  1.00 30.30 ? 64  LEU A CB  1 
ATOM   373  C CG  . LEU A 1 64  ? -16.613 -12.108 -0.949  1.00 29.84 ? 64  LEU A CG  1 
ATOM   374  C CD1 . LEU A 1 64  ? -18.099 -12.056 -0.633  1.00 32.34 ? 64  LEU A CD1 1 
ATOM   375  C CD2 . LEU A 1 64  ? -15.852 -11.041 -0.149  1.00 31.45 ? 64  LEU A CD2 1 
ATOM   376  N N   . ALA A 1 65  ? -14.177 -16.222 -0.905  1.00 29.73 ? 65  ALA A N   1 
ATOM   377  C CA  . ALA A 1 65  ? -13.648 -17.471 -0.355  1.00 29.57 ? 65  ALA A CA  1 
ATOM   378  C C   . ALA A 1 65  ? -12.125 -17.404 -0.275  1.00 29.02 ? 65  ALA A C   1 
ATOM   379  O O   . ALA A 1 65  ? -11.534 -18.066 0.579   1.00 29.73 ? 65  ALA A O   1 
ATOM   380  C CB  . ALA A 1 65  ? -14.110 -18.687 -1.193  1.00 29.30 ? 65  ALA A CB  1 
ATOM   381  N N   . LYS A 1 66  ? -11.486 -16.611 -1.144  1.00 28.26 ? 66  LYS A N   1 
ATOM   382  C CA  . LYS A 1 66  ? -10.042 -16.357 -1.015  1.00 27.82 ? 66  LYS A CA  1 
ATOM   383  C C   . LYS A 1 66  ? -9.738  -15.321 0.085   1.00 26.80 ? 66  LYS A C   1 
ATOM   384  O O   . LYS A 1 66  ? -8.662  -15.345 0.691   1.00 26.26 ? 66  LYS A O   1 
ATOM   385  C CB  . LYS A 1 66  ? -9.398  -15.918 -2.346  1.00 28.31 ? 66  LYS A CB  1 
ATOM   386  C CG  . LYS A 1 66  ? -9.611  -16.868 -3.538  1.00 30.81 ? 66  LYS A CG  1 
ATOM   387  C CD  . LYS A 1 66  ? -8.800  -18.146 -3.337  1.00 32.80 ? 66  LYS A CD  1 
ATOM   388  C CE  . LYS A 1 66  ? -8.848  -19.053 -4.562  1.00 33.50 ? 66  LYS A CE  1 
ATOM   389  N NZ  . LYS A 1 66  ? -8.310  -20.407 -4.197  1.00 32.39 ? 66  LYS A NZ  1 
ATOM   390  N N   . ASN A 1 67  ? -10.683 -14.409 0.324   1.00 26.25 ? 67  ASN A N   1 
ATOM   391  C CA  . ASN A 1 67  ? -10.496 -13.322 1.296   1.00 25.90 ? 67  ASN A CA  1 
ATOM   392  C C   . ASN A 1 67  ? -11.825 -12.791 1.825   1.00 25.35 ? 67  ASN A C   1 
ATOM   393  O O   . ASN A 1 67  ? -12.557 -12.052 1.140   1.00 25.05 ? 67  ASN A O   1 
ATOM   394  C CB  . ASN A 1 67  ? -9.658  -12.177 0.674   1.00 26.17 ? 67  ASN A CB  1 
ATOM   395  C CG  . ASN A 1 67  ? -9.344  -11.049 1.650   1.00 26.45 ? 67  ASN A CG  1 
ATOM   396  O OD1 . ASN A 1 67  ? -9.650  -11.115 2.851   1.00 25.10 ? 67  ASN A OD1 1 
ATOM   397  N ND2 . ASN A 1 67  ? -8.735  -9.987  1.127   1.00 23.47 ? 67  ASN A ND2 1 
ATOM   398  N N   . TYR A 1 68  ? -12.129 -13.165 3.058   1.00 24.17 ? 68  TYR A N   1 
ATOM   399  C CA  . TYR A 1 68  ? -13.298 -12.646 3.712   1.00 23.77 ? 68  TYR A CA  1 
ATOM   400  C C   . TYR A 1 68  ? -13.456 -11.106 3.572   1.00 23.67 ? 68  TYR A C   1 
ATOM   401  O O   . TYR A 1 68  ? -14.566 -10.611 3.418   1.00 23.41 ? 68  TYR A O   1 
ATOM   402  C CB  . TYR A 1 68  ? -13.269 -13.014 5.189   1.00 23.29 ? 68  TYR A CB  1 
ATOM   403  C CG  . TYR A 1 68  ? -14.416 -12.401 5.941   1.00 22.45 ? 68  TYR A CG  1 
ATOM   404  C CD1 . TYR A 1 68  ? -15.700 -12.956 5.868   1.00 22.52 ? 68  TYR A CD1 1 
ATOM   405  C CD2 . TYR A 1 68  ? -14.229 -11.251 6.705   1.00 23.24 ? 68  TYR A CD2 1 
ATOM   406  C CE1 . TYR A 1 68  ? -16.766 -12.381 6.539   1.00 24.04 ? 68  TYR A CE1 1 
ATOM   407  C CE2 . TYR A 1 68  ? -15.284 -10.675 7.386   1.00 24.30 ? 68  TYR A CE2 1 
ATOM   408  C CZ  . TYR A 1 68  ? -16.550 -11.249 7.304   1.00 22.50 ? 68  TYR A CZ  1 
ATOM   409  O OH  . TYR A 1 68  ? -17.584 -10.658 7.973   1.00 21.57 ? 68  TYR A OH  1 
ATOM   410  N N   . SER A 1 69  ? -12.354 -10.364 3.677   1.00 23.25 ? 69  SER A N   1 
ATOM   411  C CA  . SER A 1 69  ? -12.410 -8.900  3.657   1.00 23.75 ? 69  SER A CA  1 
ATOM   412  C C   . SER A 1 69  ? -12.645 -8.305  2.262   1.00 23.71 ? 69  SER A C   1 
ATOM   413  O O   . SER A 1 69  ? -12.940 -7.112  2.134   1.00 24.57 ? 69  SER A O   1 
ATOM   414  C CB  . SER A 1 69  ? -11.151 -8.309  4.308   1.00 23.78 ? 69  SER A CB  1 
ATOM   415  O OG  . SER A 1 69  ? -11.165 -8.594  5.707   1.00 23.43 ? 69  SER A OG  1 
ATOM   416  N N   . GLY A 1 70  ? -12.530 -9.129  1.229   1.00 23.14 ? 70  GLY A N   1 
ATOM   417  C CA  . GLY A 1 70  ? -12.942 -8.728  -0.123  1.00 23.70 ? 70  GLY A CA  1 
ATOM   418  C C   . GLY A 1 70  ? -12.028 -7.713  -0.798  1.00 23.91 ? 70  GLY A C   1 
ATOM   419  O O   . GLY A 1 70  ? -12.505 -6.823  -1.496  1.00 23.27 ? 70  GLY A O   1 
ATOM   420  N N   . THR A 1 71  ? -10.717 -7.840  -0.577  1.00 24.12 ? 71  THR A N   1 
ATOM   421  C CA  . THR A 1 71  ? -9.753  -6.870  -1.099  1.00 24.09 ? 71  THR A CA  1 
ATOM   422  C C   . THR A 1 71  ? -8.566  -7.564  -1.706  1.00 23.98 ? 71  THR A C   1 
ATOM   423  O O   . THR A 1 71  ? -8.327  -8.729  -1.429  1.00 23.69 ? 71  THR A O   1 
ATOM   424  C CB  . THR A 1 71  ? -9.266  -5.847  -0.018  1.00 24.10 ? 71  THR A CB  1 
ATOM   425  O OG1 . THR A 1 71  ? -8.656  -6.525  1.093   1.00 24.62 ? 71  THR A OG1 1 
ATOM   426  C CG2 . THR A 1 71  ? -10.441 -4.993  0.480   1.00 24.79 ? 71  THR A CG2 1 
ATOM   427  N N   . VAL A 1 72  ? -7.827  -6.837  -2.539  1.00 23.67 ? 72  VAL A N   1 
ATOM   428  C CA  . VAL A 1 72  ? -6.565  -7.324  -3.096  1.00 23.50 ? 72  VAL A CA  1 
ATOM   429  C C   . VAL A 1 72  ? -5.395  -6.470  -2.561  1.00 24.02 ? 72  VAL A C   1 
ATOM   430  O O   . VAL A 1 72  ? -5.573  -5.275  -2.269  1.00 23.27 ? 72  VAL A O   1 
ATOM   431  C CB  . VAL A 1 72  ? -6.598  -7.325  -4.649  1.00 24.23 ? 72  VAL A CB  1 
ATOM   432  C CG1 . VAL A 1 72  ? -7.526  -8.440  -5.160  1.00 25.29 ? 72  VAL A CG1 1 
ATOM   433  C CG2 . VAL A 1 72  ? -7.040  -5.952  -5.179  1.00 22.26 ? 72  VAL A CG2 1 
ATOM   434  N N   . PRO A 1 73  ? -4.187  -7.066  -2.433  1.00 23.82 ? 73  PRO A N   1 
ATOM   435  C CA  . PRO A 1 73  ? -3.779  -8.403  -2.871  1.00 24.57 ? 73  PRO A CA  1 
ATOM   436  C C   . PRO A 1 73  ? -3.991  -9.508  -1.830  1.00 25.19 ? 73  PRO A C   1 
ATOM   437  O O   . PRO A 1 73  ? -4.156  -9.242  -0.629  1.00 24.39 ? 73  PRO A O   1 
ATOM   438  C CB  . PRO A 1 73  ? -2.279  -8.242  -3.127  1.00 24.40 ? 73  PRO A CB  1 
ATOM   439  C CG  . PRO A 1 73  ? -1.855  -7.204  -2.081  1.00 24.23 ? 73  PRO A CG  1 
ATOM   440  C CD  . PRO A 1 73  ? -3.058  -6.291  -1.894  1.00 23.44 ? 73  PRO A CD  1 
ATOM   441  N N   . VAL A 1 74  ? -3.976  -10.742 -2.319  1.00 26.16 ? 74  VAL A N   1 
ATOM   442  C CA  . VAL A 1 74  ? -4.012  -11.916 -1.467  1.00 26.76 ? 74  VAL A CA  1 
ATOM   443  C C   . VAL A 1 74  ? -2.983  -12.905 -2.008  1.00 27.24 ? 74  VAL A C   1 
ATOM   444  O O   . VAL A 1 74  ? -2.927  -13.150 -3.222  1.00 26.94 ? 74  VAL A O   1 
ATOM   445  C CB  . VAL A 1 74  ? -5.389  -12.591 -1.477  1.00 26.89 ? 74  VAL A CB  1 
ATOM   446  C CG1 . VAL A 1 74  ? -5.387  -13.840 -0.563  1.00 27.84 ? 74  VAL A CG1 1 
ATOM   447  C CG2 . VAL A 1 74  ? -6.469  -11.599 -1.044  1.00 27.27 ? 74  VAL A CG2 1 
ATOM   448  N N   . LEU A 1 75  ? -2.179  -13.455 -1.103  1.00 27.47 ? 75  LEU A N   1 
ATOM   449  C CA  . LEU A 1 75  ? -1.194  -14.454 -1.461  1.00 28.50 ? 75  LEU A CA  1 
ATOM   450  C C   . LEU A 1 75  ? -1.704  -15.869 -1.193  1.00 28.78 ? 75  LEU A C   1 
ATOM   451  O O   . LEU A 1 75  ? -2.226  -16.150 -0.120  1.00 27.80 ? 75  LEU A O   1 
ATOM   452  C CB  . LEU A 1 75  ? 0.113   -14.203 -0.692  1.00 28.03 ? 75  LEU A CB  1 
ATOM   453  C CG  . LEU A 1 75  ? 1.259   -15.212 -0.754  1.00 28.41 ? 75  LEU A CG  1 
ATOM   454  C CD1 . LEU A 1 75  ? 1.932   -15.169 -2.111  1.00 29.24 ? 75  LEU A CD1 1 
ATOM   455  C CD2 . LEU A 1 75  ? 2.270   -14.911 0.367   1.00 27.11 ? 75  LEU A CD2 1 
ATOM   456  N N   . GLU A 1 76  ? -1.525  -16.749 -2.180  1.00 30.71 ? 76  GLU A N   1 
ATOM   457  C CA  . GLU A 1 76  ? -1.831  -18.174 -2.032  1.00 32.44 ? 76  GLU A CA  1 
ATOM   458  C C   . GLU A 1 76  ? -0.564  -19.006 -2.266  1.00 33.02 ? 76  GLU A C   1 
ATOM   459  O O   . GLU A 1 76  ? 0.033   -18.959 -3.341  1.00 32.09 ? 76  GLU A O   1 
ATOM   460  C CB  . GLU A 1 76  ? -2.940  -18.601 -2.997  1.00 33.36 ? 76  GLU A CB  1 
ATOM   461  C CG  . GLU A 1 76  ? -3.379  -20.063 -2.795  1.00 36.22 ? 76  GLU A CG  1 
ATOM   462  C CD  . GLU A 1 76  ? -4.502  -20.507 -3.713  1.00 39.49 ? 76  GLU A CD  1 
ATOM   463  O OE1 . GLU A 1 76  ? -5.458  -19.735 -3.954  1.00 40.03 ? 76  GLU A OE1 1 
ATOM   464  O OE2 . GLU A 1 76  ? -4.441  -21.668 -4.178  1.00 43.07 ? 76  GLU A OE2 1 
ATOM   465  N N   . LEU A 1 77  ? -0.160  -19.746 -1.242  1.00 33.49 ? 77  LEU A N   1 
ATOM   466  C CA  . LEU A 1 77  ? 1.008   -20.614 -1.325  1.00 34.81 ? 77  LEU A CA  1 
ATOM   467  C C   . LEU A 1 77  ? 0.721   -21.922 -2.061  1.00 35.61 ? 77  LEU A C   1 
ATOM   468  O O   . LEU A 1 77  ? -0.425  -22.259 -2.321  1.00 35.41 ? 77  LEU A O   1 
ATOM   469  C CB  . LEU A 1 77  ? 1.536   -20.921 0.085   1.00 34.31 ? 77  LEU A CB  1 
ATOM   470  C CG  . LEU A 1 77  ? 1.711   -19.763 1.062   1.00 34.13 ? 77  LEU A CG  1 
ATOM   471  C CD1 . LEU A 1 77  ? 2.297   -20.301 2.371   1.00 33.70 ? 77  LEU A CD1 1 
ATOM   472  C CD2 . LEU A 1 77  ? 2.596   -18.658 0.457   1.00 33.47 ? 77  LEU A CD2 1 
ATOM   473  N N   . ASP A 1 78  ? 1.787   -22.657 -2.378  1.00 37.75 ? 78  ASP A N   1 
ATOM   474  C CA  . ASP A 1 78  ? 1.699   -23.928 -3.117  1.00 38.84 ? 78  ASP A CA  1 
ATOM   475  C C   . ASP A 1 78  ? 0.732   -24.929 -2.457  1.00 39.65 ? 78  ASP A C   1 
ATOM   476  O O   . ASP A 1 78  ? 0.008   -25.655 -3.150  1.00 40.32 ? 78  ASP A O   1 
ATOM   477  C CB  . ASP A 1 78  ? 3.110   -24.527 -3.288  1.00 39.19 ? 78  ASP A CB  1 
ATOM   478  C CG  . ASP A 1 78  ? 3.119   -25.792 -4.135  0.50 39.98 ? 78  ASP A CG  1 
ATOM   479  O OD1 . ASP A 1 78  ? 3.211   -26.889 -3.546  0.50 40.66 ? 78  ASP A OD1 1 
ATOM   480  O OD2 . ASP A 1 78  ? 3.036   -25.692 -5.379  0.50 40.18 ? 78  ASP A OD2 1 
ATOM   481  N N   . ASP A 1 79  ? 0.688   -24.951 -1.128  1.00 40.13 ? 79  ASP A N   1 
ATOM   482  C CA  . ASP A 1 79  ? -0.226  -25.858 -0.429  1.00 40.83 ? 79  ASP A CA  1 
ATOM   483  C C   . ASP A 1 79  ? -1.645  -25.313 -0.241  1.00 40.73 ? 79  ASP A C   1 
ATOM   484  O O   . ASP A 1 79  ? -2.477  -25.950 0.416   1.00 41.12 ? 79  ASP A O   1 
ATOM   485  C CB  . ASP A 1 79  ? 0.365   -26.345 0.900   1.00 41.38 ? 79  ASP A CB  1 
ATOM   486  C CG  . ASP A 1 79  ? 0.604   -25.225 1.899   1.00 43.44 ? 79  ASP A CG  1 
ATOM   487  O OD1 . ASP A 1 79  ? 0.094   -24.089 1.705   1.00 43.72 ? 79  ASP A OD1 1 
ATOM   488  O OD2 . ASP A 1 79  ? 1.320   -25.498 2.887   1.00 43.93 ? 79  ASP A OD2 1 
ATOM   489  N N   . GLY A 1 80  ? -1.930  -24.151 -0.831  1.00 39.63 ? 80  GLY A N   1 
ATOM   490  C CA  . GLY A 1 80  ? -3.252  -23.547 -0.709  1.00 38.62 ? 80  GLY A CA  1 
ATOM   491  C C   . GLY A 1 80  ? -3.456  -22.622 0.488   1.00 37.67 ? 80  GLY A C   1 
ATOM   492  O O   . GLY A 1 80  ? -4.543  -22.083 0.652   1.00 37.82 ? 80  GLY A O   1 
ATOM   493  N N   . THR A 1 81  ? -2.437  -22.449 1.334   1.00 36.73 ? 81  THR A N   1 
ATOM   494  C CA  . THR A 1 81  ? -2.516  -21.470 2.434   1.00 35.15 ? 81  THR A CA  1 
ATOM   495  C C   . THR A 1 81  ? -2.692  -20.035 1.871   1.00 34.07 ? 81  THR A C   1 
ATOM   496  O O   . THR A 1 81  ? -1.974  -19.603 0.970   1.00 33.82 ? 81  THR A O   1 
ATOM   497  C CB  . THR A 1 81  ? -1.291  -21.545 3.372   1.00 35.52 ? 81  THR A CB  1 
ATOM   498  O OG1 . THR A 1 81  ? -1.051  -22.910 3.746   1.00 36.39 ? 81  THR A OG1 1 
ATOM   499  C CG2 . THR A 1 81  ? -1.526  -20.731 4.644   1.00 35.10 ? 81  THR A CG2 1 
ATOM   500  N N   . LEU A 1 82  ? -3.677  -19.325 2.402   1.00 32.66 ? 82  LEU A N   1 
ATOM   501  C CA  . LEU A 1 82  ? -3.987  -17.961 2.002   1.00 30.78 ? 82  LEU A CA  1 
ATOM   502  C C   . LEU A 1 82  ? -3.453  -16.950 3.007   1.00 29.52 ? 82  LEU A C   1 
ATOM   503  O O   . LEU A 1 82  ? -3.745  -17.024 4.206   1.00 28.64 ? 82  LEU A O   1 
ATOM   504  C CB  . LEU A 1 82  ? -5.505  -17.806 1.838   1.00 31.29 ? 82  LEU A CB  1 
ATOM   505  C CG  . LEU A 1 82  ? -6.086  -18.583 0.646   1.00 31.01 ? 82  LEU A CG  1 
ATOM   506  C CD1 . LEU A 1 82  ? -7.574  -18.842 0.858   1.00 32.64 ? 82  LEU A CD1 1 
ATOM   507  C CD2 . LEU A 1 82  ? -5.853  -17.836 -0.694  1.00 30.38 ? 82  LEU A CD2 1 
ATOM   508  N N   . ILE A 1 83  ? -2.670  -15.990 2.517   1.00 28.22 ? 83  ILE A N   1 
ATOM   509  C CA  . ILE A 1 83  ? -2.193  -14.905 3.374   1.00 26.96 ? 83  ILE A CA  1 
ATOM   510  C C   . ILE A 1 83  ? -2.690  -13.600 2.776   1.00 26.36 ? 83  ILE A C   1 
ATOM   511  O O   . ILE A 1 83  ? -2.313  -13.225 1.648   1.00 26.06 ? 83  ILE A O   1 
ATOM   512  C CB  . ILE A 1 83  ? -0.660  -14.928 3.554   1.00 27.34 ? 83  ILE A CB  1 
ATOM   513  C CG1 . ILE A 1 83  ? -0.257  -16.231 4.254   1.00 26.79 ? 83  ILE A CG1 1 
ATOM   514  C CG2 . ILE A 1 83  ? -0.179  -13.691 4.348   1.00 25.83 ? 83  ILE A CG2 1 
ATOM   515  C CD1 . ILE A 1 83  ? 1.223   -16.440 4.406   1.00 25.41 ? 83  ILE A CD1 1 
ATOM   516  N N   . ALA A 1 84  ? -3.581  -12.954 3.521   1.00 24.21 ? 84  ALA A N   1 
ATOM   517  C CA  . ALA A 1 84  ? -4.164  -11.726 3.094   1.00 23.15 ? 84  ALA A CA  1 
ATOM   518  C C   . ALA A 1 84  ? -3.568  -10.562 3.893   1.00 22.78 ? 84  ALA A C   1 
ATOM   519  O O   . ALA A 1 84  ? -2.985  -10.773 4.963   1.00 22.62 ? 84  ALA A O   1 
ATOM   520  C CB  . ALA A 1 84  ? -5.691  -11.794 3.272   1.00 22.87 ? 84  ALA A CB  1 
ATOM   521  N N   . GLU A 1 85  ? -3.731  -9.352  3.364   1.00 21.38 ? 85  GLU A N   1 
ATOM   522  C CA  . GLU A 1 85  ? -3.269  -8.094  3.968   1.00 21.02 ? 85  GLU A CA  1 
ATOM   523  C C   . GLU A 1 85  ? -1.836  -7.766  3.572   1.00 21.53 ? 85  GLU A C   1 
ATOM   524  O O   . GLU A 1 85  ? -0.920  -8.584  3.773   1.00 20.84 ? 85  GLU A O   1 
ATOM   525  C CB  . GLU A 1 85  ? -3.425  -8.072  5.512   1.00 20.39 ? 85  GLU A CB  1 
ATOM   526  C CG  . GLU A 1 85  ? -4.875  -8.186  6.023   1.00 19.39 ? 85  GLU A CG  1 
ATOM   527  C CD  . GLU A 1 85  ? -5.771  -7.060  5.534   1.00 21.57 ? 85  GLU A CD  1 
ATOM   528  O OE1 . GLU A 1 85  ? -5.366  -5.871  5.631   1.00 17.13 ? 85  GLU A OE1 1 
ATOM   529  O OE2 . GLU A 1 85  ? -6.872  -7.377  5.028   1.00 22.61 ? 85  GLU A OE2 1 
ATOM   530  N N   . CYS A 1 86  ? -1.637  -6.562  3.035   1.00 20.68 ? 86  CYS A N   1 
ATOM   531  C CA  . CYS A 1 86  ? -0.313  -6.137  2.598   1.00 21.08 ? 86  CYS A CA  1 
ATOM   532  C C   . CYS A 1 86  ? 0.759   -6.335  3.656   1.00 21.34 ? 86  CYS A C   1 
ATOM   533  O O   . CYS A 1 86  ? 1.845   -6.846  3.338   1.00 21.61 ? 86  CYS A O   1 
ATOM   534  C CB  . CYS A 1 86  ? -0.320  -4.676  2.116   1.00 20.10 ? 86  CYS A CB  1 
ATOM   535  S SG  . CYS A 1 86  ? -1.175  -4.502  0.574   1.00 20.76 ? 86  CYS A SG  1 
ATOM   536  N N   . THR A 1 87  ? 0.458   -5.959  4.904   1.00 21.49 ? 87  THR A N   1 
ATOM   537  C CA  . THR A 1 87  ? 1.423   -6.078  5.997   1.00 22.38 ? 87  THR A CA  1 
ATOM   538  C C   . THR A 1 87  ? 1.866   -7.518  6.230   1.00 23.52 ? 87  THR A C   1 
ATOM   539  O O   . THR A 1 87  ? 3.076   -7.791  6.432   1.00 23.51 ? 87  THR A O   1 
ATOM   540  C CB  . THR A 1 87  ? 0.877   -5.432  7.304   1.00 22.32 ? 87  THR A CB  1 
ATOM   541  O OG1 . THR A 1 87  ? 0.673   -4.038  7.066   1.00 21.84 ? 87  THR A OG1 1 
ATOM   542  C CG2 . THR A 1 87  ? 1.849   -5.559  8.455   1.00 21.70 ? 87  THR A CG2 1 
ATOM   543  N N   . ALA A 1 88  ? 0.887   -8.431  6.182   1.00 23.77 ? 88  ALA A N   1 
ATOM   544  C CA  . ALA A 1 88  ? 1.102   -9.846  6.466   1.00 23.93 ? 88  ALA A CA  1 
ATOM   545  C C   . ALA A 1 88  ? 1.863   -10.531 5.340   1.00 24.02 ? 88  ALA A C   1 
ATOM   546  O O   . ALA A 1 88  ? 2.795   -11.308 5.592   1.00 24.39 ? 88  ALA A O   1 
ATOM   547  C CB  . ALA A 1 88  ? -0.245  -10.548 6.710   1.00 23.14 ? 88  ALA A CB  1 
ATOM   548  N N   . ILE A 1 89  ? 1.482   -10.226 4.104   1.00 24.74 ? 89  ILE A N   1 
ATOM   549  C CA  . ILE A 1 89  ? 2.201   -10.707 2.925   1.00 25.39 ? 89  ILE A CA  1 
ATOM   550  C C   . ILE A 1 89  ? 3.654   -10.237 2.950   1.00 26.21 ? 89  ILE A C   1 
ATOM   551  O O   . ILE A 1 89  ? 4.573   -11.007 2.648   1.00 27.17 ? 89  ILE A O   1 
ATOM   552  C CB  . ILE A 1 89  ? 1.507   -10.273 1.616   1.00 25.41 ? 89  ILE A CB  1 
ATOM   553  C CG1 . ILE A 1 89  ? 0.054   -10.772 1.608   1.00 25.72 ? 89  ILE A CG1 1 
ATOM   554  C CG2 . ILE A 1 89  ? 2.291   -10.770 0.360   1.00 23.67 ? 89  ILE A CG2 1 
ATOM   555  C CD1 . ILE A 1 89  ? -0.793  -10.156 0.490   1.00 25.09 ? 89  ILE A CD1 1 
ATOM   556  N N   . THR A 1 90  ? 3.874   -8.980  3.318   1.00 26.50 ? 90  THR A N   1 
ATOM   557  C CA  . THR A 1 90  ? 5.237   -8.450  3.346   1.00 26.55 ? 90  THR A CA  1 
ATOM   558  C C   . THR A 1 90  ? 6.079   -9.122  4.425   1.00 27.17 ? 90  THR A C   1 
ATOM   559  O O   . THR A 1 90  ? 7.258   -9.477  4.189   1.00 26.60 ? 90  THR A O   1 
ATOM   560  C CB  . THR A 1 90  ? 5.260   -6.928  3.498   1.00 26.71 ? 90  THR A CB  1 
ATOM   561  O OG1 . THR A 1 90  ? 4.439   -6.353  2.468   1.00 26.36 ? 90  THR A OG1 1 
ATOM   562  C CG2 . THR A 1 90  ? 6.696   -6.403  3.332   1.00 26.32 ? 90  THR A CG2 1 
ATOM   563  N N   . GLU A 1 91  ? 5.467   -9.311  5.592   1.00 26.85 ? 91  GLU A N   1 
ATOM   564  C CA  . GLU A 1 91  ? 6.115   -9.987  6.680   1.00 28.70 ? 91  GLU A CA  1 
ATOM   565  C C   . GLU A 1 91  ? 6.464   -11.425 6.244   1.00 28.78 ? 91  GLU A C   1 
ATOM   566  O O   . GLU A 1 91  ? 7.580   -11.875 6.482   1.00 28.95 ? 91  GLU A O   1 
ATOM   567  C CB  . GLU A 1 91  ? 5.258   -9.901  7.951   1.00 28.57 ? 91  GLU A CB  1 
ATOM   568  C CG  . GLU A 1 91  ? 5.894   -10.442 9.182   1.00 32.59 ? 91  GLU A CG  1 
ATOM   569  C CD  . GLU A 1 91  ? 6.666   -9.460  10.059  1.00 34.43 ? 91  GLU A CD  1 
ATOM   570  O OE1 . GLU A 1 91  ? 6.641   -8.217  9.902   1.00 33.82 ? 91  GLU A OE1 1 
ATOM   571  O OE2 . GLU A 1 91  ? 7.306   -9.984  10.985  1.00 40.43 ? 91  GLU A OE2 1 
ATOM   572  N N   . TYR A 1 92  ? 5.553   -12.092 5.531   1.00 29.22 ? 92  TYR A N   1 
ATOM   573  C CA  . TYR A 1 92  ? 5.802   -13.454 5.031   1.00 29.68 ? 92  TYR A CA  1 
ATOM   574  C C   . TYR A 1 92  ? 7.003   -13.511 4.059   1.00 30.40 ? 92  TYR A C   1 
ATOM   575  O O   . TYR A 1 92  ? 7.960   -14.262 4.282   1.00 29.66 ? 92  TYR A O   1 
ATOM   576  C CB  . TYR A 1 92  ? 4.549   -14.084 4.376   1.00 29.33 ? 92  TYR A CB  1 
ATOM   577  C CG  . TYR A 1 92  ? 4.856   -15.458 3.796   1.00 29.90 ? 92  TYR A CG  1 
ATOM   578  C CD1 . TYR A 1 92  ? 4.879   -16.589 4.618   1.00 29.83 ? 92  TYR A CD1 1 
ATOM   579  C CD2 . TYR A 1 92  ? 5.167   -15.615 2.441   1.00 30.33 ? 92  TYR A CD2 1 
ATOM   580  C CE1 . TYR A 1 92  ? 5.183   -17.858 4.103   1.00 30.59 ? 92  TYR A CE1 1 
ATOM   581  C CE2 . TYR A 1 92  ? 5.481   -16.867 1.909   1.00 31.53 ? 92  TYR A CE2 1 
ATOM   582  C CZ  . TYR A 1 92  ? 5.491   -17.988 2.754   1.00 31.75 ? 92  TYR A CZ  1 
ATOM   583  O OH  . TYR A 1 92  ? 5.796   -19.228 2.241   1.00 31.68 ? 92  TYR A OH  1 
ATOM   584  N N   . ILE A 1 93  ? 6.957   -12.701 3.004   1.00 30.51 ? 93  ILE A N   1 
ATOM   585  C CA  . ILE A 1 93  ? 8.000   -12.735 1.989   1.00 31.25 ? 93  ILE A CA  1 
ATOM   586  C C   . ILE A 1 93  ? 9.342   -12.163 2.469   1.00 31.77 ? 93  ILE A C   1 
ATOM   587  O O   . ILE A 1 93  ? 10.394  -12.553 1.961   1.00 31.91 ? 93  ILE A O   1 
ATOM   588  C CB  . ILE A 1 93  ? 7.584   -12.069 0.660   1.00 30.88 ? 93  ILE A CB  1 
ATOM   589  C CG1 . ILE A 1 93  ? 7.444   -10.561 0.824   1.00 31.64 ? 93  ILE A CG1 1 
ATOM   590  C CG2 . ILE A 1 93  ? 6.323   -12.707 0.090   1.00 30.40 ? 93  ILE A CG2 1 
ATOM   591  C CD1 . ILE A 1 93  ? 7.463   -9.800  -0.518  1.00 30.70 ? 93  ILE A CD1 1 
ATOM   592  N N   . ASP A 1 94  ? 9.308   -11.259 3.442   1.00 32.28 ? 94  ASP A N   1 
ATOM   593  C CA  . ASP A 1 94  ? 10.539  -10.685 3.983   1.00 33.11 ? 94  ASP A CA  1 
ATOM   594  C C   . ASP A 1 94  ? 11.309  -11.694 4.817   1.00 34.08 ? 94  ASP A C   1 
ATOM   595  O O   . ASP A 1 94  ? 12.544  -11.646 4.854   1.00 34.52 ? 94  ASP A O   1 
ATOM   596  C CB  . ASP A 1 94  ? 10.261  -9.432  4.823   1.00 32.97 ? 94  ASP A CB  1 
ATOM   597  C CG  . ASP A 1 94  ? 11.516  -8.611  5.094   1.00 32.08 ? 94  ASP A CG  1 
ATOM   598  O OD1 . ASP A 1 94  ? 12.408  -8.509  4.213   1.00 32.74 ? 94  ASP A OD1 1 
ATOM   599  O OD2 . ASP A 1 94  ? 11.602  -8.057  6.198   1.00 30.29 ? 94  ASP A OD2 1 
ATOM   600  N N   . ALA A 1 95  ? 10.590  -12.584 5.500   1.00 34.55 ? 95  ALA A N   1 
ATOM   601  C CA  . ALA A 1 95  ? 11.222  -13.571 6.383   1.00 35.90 ? 95  ALA A CA  1 
ATOM   602  C C   . ALA A 1 95  ? 11.655  -14.842 5.646   1.00 36.85 ? 95  ALA A C   1 
ATOM   603  O O   . ALA A 1 95  ? 12.433  -15.625 6.186   1.00 36.77 ? 95  ALA A O   1 
ATOM   604  C CB  . ALA A 1 95  ? 10.289  -13.940 7.555   1.00 35.23 ? 95  ALA A CB  1 
ATOM   605  N N   . LEU A 1 96  ? 11.147  -15.035 4.426   1.00 38.54 ? 96  LEU A N   1 
ATOM   606  C CA  . LEU A 1 96  ? 11.381  -16.257 3.653   1.00 40.32 ? 96  LEU A CA  1 
ATOM   607  C C   . LEU A 1 96  ? 12.862  -16.583 3.442   1.00 41.85 ? 96  LEU A C   1 
ATOM   608  O O   . LEU A 1 96  ? 13.292  -17.695 3.750   1.00 41.86 ? 96  LEU A O   1 
ATOM   609  C CB  . LEU A 1 96  ? 10.670  -16.203 2.301   1.00 40.42 ? 96  LEU A CB  1 
ATOM   610  C CG  . LEU A 1 96  ? 9.339   -16.928 2.074   1.00 40.14 ? 96  LEU A CG  1 
ATOM   611  C CD1 . LEU A 1 96  ? 9.057   -16.932 0.576   1.00 40.48 ? 96  LEU A CD1 1 
ATOM   612  C CD2 . LEU A 1 96  ? 9.329   -18.362 2.622   1.00 39.73 ? 96  LEU A CD2 1 
ATOM   613  N N   . ASP A 1 97  ? 13.636  -15.618 2.934   1.00 43.19 ? 97  ASP A N   1 
ATOM   614  C CA  . ASP A 1 97  ? 15.051  -15.855 2.612   1.00 44.44 ? 97  ASP A CA  1 
ATOM   615  C C   . ASP A 1 97  ? 15.978  -15.719 3.821   1.00 44.88 ? 97  ASP A C   1 
ATOM   616  O O   . ASP A 1 97  ? 17.200  -15.697 3.668   1.00 45.43 ? 97  ASP A O   1 
ATOM   617  C CB  . ASP A 1 97  ? 15.528  -14.986 1.423   1.00 44.81 ? 97  ASP A CB  1 
ATOM   618  C CG  . ASP A 1 97  ? 15.674  -13.488 1.769   1.00 46.44 ? 97  ASP A CG  1 
ATOM   619  O OD1 . ASP A 1 97  ? 15.594  -13.085 2.956   1.00 47.78 ? 97  ASP A OD1 1 
ATOM   620  O OD2 . ASP A 1 97  ? 15.861  -12.692 0.819   1.00 47.97 ? 97  ASP A OD2 1 
ATOM   621  N N   . GLY A 1 98  ? 15.383  -15.593 5.012   1.00 45.17 ? 98  GLY A N   1 
ATOM   622  C CA  . GLY A 1 98  ? 16.121  -15.579 6.269   1.00 44.81 ? 98  GLY A CA  1 
ATOM   623  C C   . GLY A 1 98  ? 16.803  -14.268 6.617   1.00 44.82 ? 98  GLY A C   1 
ATOM   624  O O   . GLY A 1 98  ? 17.338  -14.122 7.719   1.00 45.14 ? 98  GLY A O   1 
ATOM   625  N N   . THR A 1 99  ? 16.798  -13.306 5.696   1.00 44.16 ? 99  THR A N   1 
ATOM   626  C CA  . THR A 1 99  ? 17.421  -12.014 5.975   1.00 43.53 ? 99  THR A CA  1 
ATOM   627  C C   . THR A 1 99  ? 16.465  -10.838 5.737   1.00 42.38 ? 99  THR A C   1 
ATOM   628  O O   . THR A 1 99  ? 16.359  -10.320 4.605   1.00 42.51 ? 99  THR A O   1 
ATOM   629  C CB  . THR A 1 99  ? 18.821  -11.855 5.274   1.00 44.10 ? 99  THR A CB  1 
ATOM   630  O OG1 . THR A 1 99  ? 19.173  -10.468 5.173   1.00 46.26 ? 99  THR A OG1 1 
ATOM   631  C CG2 . THR A 1 99  ? 18.832  -12.487 3.883   1.00 45.30 ? 99  THR A CG2 1 
ATOM   632  N N   . PRO A 1 100 ? 15.748  -10.419 6.804   1.00 40.89 ? 100 PRO A N   1 
ATOM   633  C CA  . PRO A 1 100 ? 14.706  -9.402  6.641   1.00 39.67 ? 100 PRO A CA  1 
ATOM   634  C C   . PRO A 1 100 ? 15.324  -8.037  6.394   1.00 38.15 ? 100 PRO A C   1 
ATOM   635  O O   . PRO A 1 100 ? 16.185  -7.585  7.158   1.00 38.15 ? 100 PRO A O   1 
ATOM   636  C CB  . PRO A 1 100 ? 13.961  -9.435  7.981   1.00 39.56 ? 100 PRO A CB  1 
ATOM   637  C CG  . PRO A 1 100 ? 15.000  -9.872  8.982   1.00 41.07 ? 100 PRO A CG  1 
ATOM   638  C CD  . PRO A 1 100 ? 15.944  -10.796 8.219   1.00 41.09 ? 100 PRO A CD  1 
ATOM   639  N N   . THR A 1 101 ? 14.900  -7.398  5.320   1.00 36.36 ? 101 THR A N   1 
ATOM   640  C CA  . THR A 1 101 ? 15.449  -6.101  4.961   1.00 34.98 ? 101 THR A CA  1 
ATOM   641  C C   . THR A 1 101 ? 14.357  -5.041  4.889   1.00 33.41 ? 101 THR A C   1 
ATOM   642  O O   . THR A 1 101 ? 14.655  -3.892  4.556   1.00 33.51 ? 101 THR A O   1 
ATOM   643  C CB  . THR A 1 101 ? 16.117  -6.170  3.585   1.00 34.96 ? 101 THR A CB  1 
ATOM   644  O OG1 . THR A 1 101 ? 15.184  -6.745  2.672   1.00 36.27 ? 101 THR A OG1 1 
ATOM   645  C CG2 . THR A 1 101 ? 17.400  -7.040  3.614   1.00 35.87 ? 101 THR A CG2 1 
ATOM   646  N N   . LEU A 1 102 ? 13.113  -5.435  5.183   1.00 31.13 ? 102 LEU A N   1 
ATOM   647  C CA  . LEU A 1 102 ? 11.949  -4.544  5.072   1.00 29.49 ? 102 LEU A CA  1 
ATOM   648  C C   . LEU A 1 102 ? 11.184  -4.372  6.373   1.00 29.01 ? 102 LEU A C   1 
ATOM   649  O O   . LEU A 1 102 ? 10.523  -3.340  6.572   1.00 26.94 ? 102 LEU A O   1 
ATOM   650  C CB  . LEU A 1 102 ? 10.976  -5.050  3.999   1.00 29.37 ? 102 LEU A CB  1 
ATOM   651  C CG  . LEU A 1 102 ? 11.502  -5.129  2.556   1.00 27.92 ? 102 LEU A CG  1 
ATOM   652  C CD1 . LEU A 1 102 ? 10.526  -5.859  1.640   1.00 27.98 ? 102 LEU A CD1 1 
ATOM   653  C CD2 . LEU A 1 102 ? 11.844  -3.745  2.011   1.00 27.57 ? 102 LEU A CD2 1 
ATOM   654  N N   . THR A 1 103 ? 11.250  -5.390  7.239   1.00 28.26 ? 103 THR A N   1 
ATOM   655  C CA  . THR A 1 103 ? 10.375  -5.465  8.417   1.00 28.42 ? 103 THR A CA  1 
ATOM   656  C C   . THR A 1 103 ? 11.120  -5.435  9.747   1.00 28.52 ? 103 THR A C   1 
ATOM   657  O O   . THR A 1 103 ? 10.494  -5.362  10.795  1.00 27.80 ? 103 THR A O   1 
ATOM   658  C CB  . THR A 1 103 ? 9.450   -6.715  8.376   1.00 28.62 ? 103 THR A CB  1 
ATOM   659  O OG1 . THR A 1 103 ? 10.251  -7.899  8.363   1.00 29.53 ? 103 THR A OG1 1 
ATOM   660  C CG2 . THR A 1 103 ? 8.565   -6.705  7.137   1.00 27.06 ? 103 THR A CG2 1 
ATOM   661  N N   . GLY A 1 104 ? 12.455  -5.483  9.700   1.00 28.81 ? 104 GLY A N   1 
ATOM   662  C CA  . GLY A 1 104 ? 13.292  -5.178  10.870  1.00 30.12 ? 104 GLY A CA  1 
ATOM   663  C C   . GLY A 1 104 ? 14.034  -6.393  11.414  1.00 31.92 ? 104 GLY A C   1 
ATOM   664  O O   . GLY A 1 104 ? 13.538  -7.514  11.344  1.00 31.23 ? 104 GLY A O   1 
ATOM   665  N N   . LYS A 1 105 ? 15.229  -6.173  11.954  1.00 33.27 ? 105 LYS A N   1 
ATOM   666  C CA  . LYS A 1 105 ? 15.999  -7.266  12.572  1.00 34.58 ? 105 LYS A CA  1 
ATOM   667  C C   . LYS A 1 105 ? 15.922  -7.198  14.080  1.00 34.15 ? 105 LYS A C   1 
ATOM   668  O O   . LYS A 1 105 ? 15.572  -8.175  14.743  1.00 35.41 ? 105 LYS A O   1 
ATOM   669  C CB  . LYS A 1 105 ? 17.462  -7.199  12.132  1.00 35.15 ? 105 LYS A CB  1 
ATOM   670  C CG  . LYS A 1 105 ? 17.638  -7.240  10.628  1.00 38.63 ? 105 LYS A CG  1 
ATOM   671  C CD  . LYS A 1 105 ? 18.814  -6.338  10.184  1.00 44.36 ? 105 LYS A CD  1 
ATOM   672  C CE  . LYS A 1 105 ? 19.042  -6.444  8.676   1.00 46.00 ? 105 LYS A CE  1 
ATOM   673  N NZ  . LYS A 1 105 ? 20.345  -5.848  8.273   1.00 48.71 ? 105 LYS A NZ  1 
ATOM   674  N N   . THR A 1 106 ? 16.253  -6.037  14.631  1.00 33.72 ? 106 THR A N   1 
ATOM   675  C CA  . THR A 1 106 ? 16.266  -5.859  16.074  1.00 32.86 ? 106 THR A CA  1 
ATOM   676  C C   . THR A 1 106 ? 14.840  -5.607  16.540  1.00 32.71 ? 106 THR A C   1 
ATOM   677  O O   . THR A 1 106 ? 13.980  -5.249  15.718  1.00 31.78 ? 106 THR A O   1 
ATOM   678  C CB  . THR A 1 106 ? 17.115  -4.641  16.485  1.00 33.08 ? 106 THR A CB  1 
ATOM   679  O OG1 . THR A 1 106 ? 16.518  -3.446  15.954  1.00 32.82 ? 106 THR A OG1 1 
ATOM   680  C CG2 . THR A 1 106 ? 18.565  -4.770  15.986  1.00 33.43 ? 106 THR A CG2 1 
ATOM   681  N N   . PRO A 1 107 ? 14.589  -5.775  17.854  1.00 32.31 ? 107 PRO A N   1 
ATOM   682  C CA  . PRO A 1 107 ? 13.287  -5.418  18.417  1.00 32.51 ? 107 PRO A CA  1 
ATOM   683  C C   . PRO A 1 107 ? 12.852  -3.963  18.117  1.00 32.42 ? 107 PRO A C   1 
ATOM   684  O O   . PRO A 1 107 ? 11.712  -3.753  17.720  1.00 32.08 ? 107 PRO A O   1 
ATOM   685  C CB  . PRO A 1 107 ? 13.474  -5.661  19.917  1.00 32.71 ? 107 PRO A CB  1 
ATOM   686  C CG  . PRO A 1 107 ? 14.498  -6.785  19.972  1.00 32.15 ? 107 PRO A CG  1 
ATOM   687  C CD  . PRO A 1 107 ? 15.440  -6.498  18.831  1.00 32.46 ? 107 PRO A CD  1 
ATOM   688  N N   . LEU A 1 108 ? 13.756  -2.988  18.272  1.00 31.85 ? 108 LEU A N   1 
ATOM   689  C CA  . LEU A 1 108 ? 13.468  -1.577  17.984  1.00 31.04 ? 108 LEU A CA  1 
ATOM   690  C C   . LEU A 1 108 ? 13.072  -1.353  16.522  1.00 30.93 ? 108 LEU A C   1 
ATOM   691  O O   . LEU A 1 108 ? 12.128  -0.610  16.227  1.00 31.06 ? 108 LEU A O   1 
ATOM   692  C CB  . LEU A 1 108 ? 14.685  -0.705  18.352  1.00 31.48 ? 108 LEU A CB  1 
ATOM   693  C CG  . LEU A 1 108 ? 14.662  0.800   18.069  1.00 31.87 ? 108 LEU A CG  1 
ATOM   694  C CD1 . LEU A 1 108 ? 13.575  1.489   18.901  1.00 32.14 ? 108 LEU A CD1 1 
ATOM   695  C CD2 . LEU A 1 108 ? 16.039  1.424   18.374  1.00 33.16 ? 108 LEU A CD2 1 
ATOM   696  N N   . GLU A 1 109 ? 13.800  -1.986  15.610  1.00 29.77 ? 109 GLU A N   1 
ATOM   697  C CA  . GLU A 1 109 ? 13.508  -1.872  14.196  1.00 29.85 ? 109 GLU A CA  1 
ATOM   698  C C   . GLU A 1 109 ? 12.121  -2.436  13.879  1.00 29.15 ? 109 GLU A C   1 
ATOM   699  O O   . GLU A 1 109 ? 11.334  -1.793  13.189  1.00 29.01 ? 109 GLU A O   1 
ATOM   700  C CB  . GLU A 1 109 ? 14.567  -2.601  13.366  1.00 29.48 ? 109 GLU A CB  1 
ATOM   701  C CG  . GLU A 1 109 ? 15.922  -1.882  13.347  1.00 32.84 ? 109 GLU A CG  1 
ATOM   702  C CD  . GLU A 1 109 ? 17.031  -2.691  12.672  1.00 34.16 ? 109 GLU A CD  1 
ATOM   703  O OE1 . GLU A 1 109 ? 16.831  -3.885  12.327  1.00 31.98 ? 109 GLU A OE1 1 
ATOM   704  O OE2 . GLU A 1 109 ? 18.113  -2.102  12.489  1.00 35.74 ? 109 GLU A OE2 1 
ATOM   705  N N   . LYS A 1 110 ? 11.838  -3.639  14.365  1.00 28.23 ? 110 LYS A N   1 
ATOM   706  C CA  . LYS A 1 110 ? 10.534  -4.279  14.128  1.00 27.92 ? 110 LYS A CA  1 
ATOM   707  C C   . LYS A 1 110 ? 9.404   -3.374  14.616  1.00 27.15 ? 110 LYS A C   1 
ATOM   708  O O   . LYS A 1 110 ? 8.450   -3.121  13.894  1.00 27.20 ? 110 LYS A O   1 
ATOM   709  C CB  . LYS A 1 110 ? 10.457  -5.627  14.833  1.00 27.50 ? 110 LYS A CB  1 
ATOM   710  C CG  . LYS A 1 110 ? 11.323  -6.687  14.222  1.00 28.12 ? 110 LYS A CG  1 
ATOM   711  C CD  . LYS A 1 110 ? 11.312  -7.954  15.065  1.00 28.53 ? 110 LYS A CD  1 
ATOM   712  C CE  . LYS A 1 110 ? 11.942  -9.126  14.306  1.00 31.27 ? 110 LYS A CE  1 
ATOM   713  N NZ  . LYS A 1 110 ? 12.220  -10.268 15.239  0.50 29.74 ? 110 LYS A NZ  1 
ATOM   714  N N   . GLY A 1 111 ? 9.538   -2.894  15.844  1.00 26.87 ? 111 GLY A N   1 
ATOM   715  C CA  . GLY A 1 111 ? 8.585   -1.975  16.454  1.00 27.39 ? 111 GLY A CA  1 
ATOM   716  C C   . GLY A 1 111 ? 8.388   -0.675  15.693  1.00 27.04 ? 111 GLY A C   1 
ATOM   717  O O   . GLY A 1 111 ? 7.242   -0.283  15.440  1.00 26.92 ? 111 GLY A O   1 
ATOM   718  N N   . VAL A 1 112 ? 9.481   -0.009  15.308  1.00 26.14 ? 112 VAL A N   1 
ATOM   719  C CA  . VAL A 1 112 ? 9.355   1.330   14.672  1.00 25.78 ? 112 VAL A CA  1 
ATOM   720  C C   . VAL A 1 112 ? 8.824   1.199   13.246  1.00 24.74 ? 112 VAL A C   1 
ATOM   721  O O   . VAL A 1 112 ? 8.013   2.020   12.793  1.00 25.06 ? 112 VAL A O   1 
ATOM   722  C CB  . VAL A 1 112 ? 10.676  2.163   14.699  1.00 25.95 ? 112 VAL A CB  1 
ATOM   723  C CG1 . VAL A 1 112 ? 10.531  3.495   13.880  1.00 27.63 ? 112 VAL A CG1 1 
ATOM   724  C CG2 . VAL A 1 112 ? 11.069  2.475   16.119  1.00 25.57 ? 112 VAL A CG2 1 
ATOM   725  N N   . ILE A 1 113 ? 9.250   0.149   12.557  1.00 22.56 ? 113 ILE A N   1 
ATOM   726  C CA  . ILE A 1 113 ? 8.816   -0.073  11.212  1.00 22.53 ? 113 ILE A CA  1 
ATOM   727  C C   . ILE A 1 113 ? 7.307   -0.405  11.217  1.00 22.29 ? 113 ILE A C   1 
ATOM   728  O O   . ILE A 1 113 ? 6.568   0.105   10.394  1.00 21.53 ? 113 ILE A O   1 
ATOM   729  C CB  . ILE A 1 113 ? 9.658   -1.180  10.509  1.00 22.45 ? 113 ILE A CB  1 
ATOM   730  C CG1 . ILE A 1 113 ? 11.060  -0.643  10.157  1.00 23.30 ? 113 ILE A CG1 1 
ATOM   731  C CG2 . ILE A 1 113 ? 8.956   -1.686  9.255   1.00 20.39 ? 113 ILE A CG2 1 
ATOM   732  C CD1 . ILE A 1 113 ? 12.086  -1.761  9.776   1.00 25.28 ? 113 ILE A CD1 1 
ATOM   733  N N   . HIS A 1 114 ? 6.867   -1.237  12.163  1.00 21.84 ? 114 HIS A N   1 
ATOM   734  C CA  . HIS A 1 114 ? 5.444   -1.602  12.225  1.00 22.12 ? 114 HIS A CA  1 
ATOM   735  C C   . HIS A 1 114 ? 4.593   -0.417  12.617  1.00 21.76 ? 114 HIS A C   1 
ATOM   736  O O   . HIS A 1 114 ? 3.498   -0.225  12.065  1.00 21.40 ? 114 HIS A O   1 
ATOM   737  C CB  . HIS A 1 114 ? 5.192   -2.820  13.121  1.00 21.43 ? 114 HIS A CB  1 
ATOM   738  C CG  . HIS A 1 114 ? 5.294   -4.109  12.365  1.00 24.35 ? 114 HIS A CG  1 
ATOM   739  N ND1 . HIS A 1 114 ? 4.279   -4.577  11.552  1.00 24.79 ? 114 HIS A ND1 1 
ATOM   740  C CD2 . HIS A 1 114 ? 6.315   -4.991  12.237  1.00 23.04 ? 114 HIS A CD2 1 
ATOM   741  C CE1 . HIS A 1 114 ? 4.663   -5.704  10.979  1.00 26.20 ? 114 HIS A CE1 1 
ATOM   742  N NE2 . HIS A 1 114 ? 5.888   -5.983  11.386  1.00 25.71 ? 114 HIS A NE2 1 
ATOM   743  N N   . MET A 1 115 ? 5.110   0.394   13.536  1.00 20.86 ? 115 MET A N   1 
ATOM   744  C CA  . MET A 1 115 ? 4.414   1.612   13.925  1.00 21.11 ? 115 MET A CA  1 
ATOM   745  C C   . MET A 1 115 ? 4.223   2.519   12.718  1.00 20.94 ? 115 MET A C   1 
ATOM   746  O O   . MET A 1 115 ? 3.119   2.976   12.450  1.00 19.91 ? 115 MET A O   1 
ATOM   747  C CB  . MET A 1 115 ? 5.177   2.354   15.016  1.00 20.98 ? 115 MET A CB  1 
ATOM   748  C CG  . MET A 1 115 ? 4.841   3.829   15.110  1.00 22.07 ? 115 MET A CG  1 
ATOM   749  S SD  . MET A 1 115 ? 6.015   4.618   16.238  1.00 28.65 ? 115 MET A SD  1 
ATOM   750  C CE  . MET A 1 115 ? 5.442   6.279   16.111  1.00 27.10 ? 115 MET A CE  1 
ATOM   751  N N   . MET A 1 116 ? 5.312   2.787   11.990  1.00 21.04 ? 116 MET A N   1 
ATOM   752  C CA  . MET A 1 116 ? 5.239   3.734   10.876  1.00 20.92 ? 116 MET A CA  1 
ATOM   753  C C   . MET A 1 116 ? 4.440   3.160   9.709   1.00 20.60 ? 116 MET A C   1 
ATOM   754  O O   . MET A 1 116 ? 3.716   3.878   9.024   1.00 20.58 ? 116 MET A O   1 
ATOM   755  C CB  . MET A 1 116 ? 6.640   4.175   10.428  1.00 20.52 ? 116 MET A CB  1 
ATOM   756  C CG  . MET A 1 116 ? 7.423   4.889   11.522  1.00 22.41 ? 116 MET A CG  1 
ATOM   757  S SD  . MET A 1 116 ? 6.550   6.301   12.233  1.00 23.74 ? 116 MET A SD  1 
ATOM   758  C CE  . MET A 1 116 ? 6.626   7.384   10.821  1.00 22.89 ? 116 MET A CE  1 
ATOM   759  N N   . ASN A 1 117 ? 4.578   1.861   9.482   1.00 20.30 ? 117 ASN A N   1 
ATOM   760  C CA  . ASN A 1 117 ? 3.776   1.172   8.469   1.00 20.81 ? 117 ASN A CA  1 
ATOM   761  C C   . ASN A 1 117 ? 2.270   1.310   8.759   1.00 20.79 ? 117 ASN A C   1 
ATOM   762  O O   . ASN A 1 117 ? 1.487   1.691   7.892   1.00 20.43 ? 117 ASN A O   1 
ATOM   763  C CB  . ASN A 1 117 ? 4.173   -0.301  8.429   1.00 20.31 ? 117 ASN A CB  1 
ATOM   764  C CG  . ASN A 1 117 ? 3.311   -1.115  7.486   1.00 21.92 ? 117 ASN A CG  1 
ATOM   765  O OD1 . ASN A 1 117 ? 3.283   -0.859  6.297   1.00 22.47 ? 117 ASN A OD1 1 
ATOM   766  N ND2 . ASN A 1 117 ? 2.617   -2.123  8.026   1.00 21.13 ? 117 ASN A ND2 1 
ATOM   767  N N   . LYS A 1 118 ? 1.885   1.025   9.992   1.00 21.79 ? 118 LYS A N   1 
ATOM   768  C CA  . LYS A 1 118 ? 0.474   1.143   10.414  1.00 22.00 ? 118 LYS A CA  1 
ATOM   769  C C   . LYS A 1 118 ? 0.018   2.600   10.374  1.00 21.64 ? 118 LYS A C   1 
ATOM   770  O O   . LYS A 1 118 ? -1.086  2.892   9.961   1.00 21.09 ? 118 LYS A O   1 
ATOM   771  C CB  . LYS A 1 118 ? 0.274   0.555   11.811  1.00 21.58 ? 118 LYS A CB  1 
ATOM   772  C CG  . LYS A 1 118 ? -1.169  0.702   12.408  1.00 24.96 ? 118 LYS A CG  1 
ATOM   773  C CD  . LYS A 1 118 ? -2.235  0.011   11.584  1.00 29.02 ? 118 LYS A CD  1 
ATOM   774  C CE  . LYS A 1 118 ? -3.614  0.072   12.285  1.00 28.46 ? 118 LYS A CE  1 
ATOM   775  N NZ  . LYS A 1 118 ? -3.503  -0.443  13.643  1.00 27.99 ? 118 LYS A NZ  1 
ATOM   776  N N   . ARG A 1 119 ? 0.893   3.509   10.789  1.00 22.38 ? 119 ARG A N   1 
ATOM   777  C CA  . ARG A 1 119 ? 0.553   4.928   10.808  1.00 22.77 ? 119 ARG A CA  1 
ATOM   778  C C   . ARG A 1 119 ? 0.361   5.479   9.389   1.00 22.41 ? 119 ARG A C   1 
ATOM   779  O O   . ARG A 1 119 ? -0.516  6.318   9.159   1.00 23.29 ? 119 ARG A O   1 
ATOM   780  C CB  . ARG A 1 119 ? 1.597   5.710   11.615  1.00 22.95 ? 119 ARG A CB  1 
ATOM   781  C CG  . ARG A 1 119 ? 1.373   7.205   11.640  1.00 24.93 ? 119 ARG A CG  1 
ATOM   782  C CD  . ARG A 1 119 ? 2.324   7.878   12.606  1.00 25.10 ? 119 ARG A CD  1 
ATOM   783  N NE  . ARG A 1 119 ? 2.027   7.499   13.981  1.00 25.75 ? 119 ARG A NE  1 
ATOM   784  C CZ  . ARG A 1 119 ? 2.734   7.884   15.033  1.00 27.65 ? 119 ARG A CZ  1 
ATOM   785  N NH1 . ARG A 1 119 ? 3.822   8.650   14.879  1.00 27.35 ? 119 ARG A NH1 1 
ATOM   786  N NH2 . ARG A 1 119 ? 2.367   7.484   16.243  1.00 28.16 ? 119 ARG A NH2 1 
ATOM   787  N N   . ALA A 1 120 ? 1.175   5.010   8.441   1.00 21.31 ? 120 ALA A N   1 
ATOM   788  C CA  . ALA A 1 120 ? 1.013   5.358   7.031   1.00 21.05 ? 120 ALA A CA  1 
ATOM   789  C C   . ALA A 1 120 ? -0.326  4.843   6.477   1.00 20.29 ? 120 ALA A C   1 
ATOM   790  O O   . ALA A 1 120 ? -0.956  5.515   5.693   1.00 21.03 ? 120 ALA A O   1 
ATOM   791  C CB  . ALA A 1 120 ? 2.187   4.800   6.184   1.00 20.21 ? 120 ALA A CB  1 
ATOM   792  N N   . GLU A 1 121 ? -0.731  3.642   6.868   1.00 19.50 ? 121 GLU A N   1 
ATOM   793  C CA  . GLU A 1 121 ? -2.061  3.133   6.517   1.00 19.10 ? 121 GLU A CA  1 
ATOM   794  C C   . GLU A 1 121 ? -3.132  4.014   7.110   1.00 18.48 ? 121 GLU A C   1 
ATOM   795  O O   . GLU A 1 121 ? -3.968  4.503   6.392   1.00 18.10 ? 121 GLU A O   1 
ATOM   796  C CB  . GLU A 1 121 ? -2.255  1.695   7.027   1.00 19.63 ? 121 GLU A CB  1 
ATOM   797  C CG  . GLU A 1 121 ? -1.389  0.667   6.299   1.00 18.20 ? 121 GLU A CG  1 
ATOM   798  C CD  . GLU A 1 121 ? -1.686  -0.746  6.792   1.00 21.84 ? 121 GLU A CD  1 
ATOM   799  O OE1 . GLU A 1 121 ? -1.997  -0.888  7.983   1.00 23.02 ? 121 GLU A OE1 1 
ATOM   800  O OE2 . GLU A 1 121 ? -1.631  -1.703  5.992   1.00 21.24 ? 121 GLU A OE2 1 
ATOM   801  N N   . LEU A 1 122 ? -3.071  4.235   8.418   1.00 18.77 ? 122 LEU A N   1 
ATOM   802  C CA  . LEU A 1 122 ? -4.075  5.016   9.132   1.00 20.08 ? 122 LEU A CA  1 
ATOM   803  C C   . LEU A 1 122 ? -4.202  6.462   8.675   1.00 20.29 ? 122 LEU A C   1 
ATOM   804  O O   . LEU A 1 122 ? -5.320  6.990   8.581   1.00 19.90 ? 122 LEU A O   1 
ATOM   805  C CB  . LEU A 1 122 ? -3.736  5.068   10.621  1.00 20.30 ? 122 LEU A CB  1 
ATOM   806  C CG  . LEU A 1 122 ? -4.091  3.882   11.487  1.00 22.07 ? 122 LEU A CG  1 
ATOM   807  C CD1 . LEU A 1 122 ? -3.471  4.091   12.853  1.00 23.18 ? 122 LEU A CD1 1 
ATOM   808  C CD2 . LEU A 1 122 ? -5.631  3.770   11.579  1.00 23.92 ? 122 LEU A CD2 1 
ATOM   809  N N   . GLU A 1 123 ? -3.062  7.121   8.479   1.00 19.71 ? 123 GLU A N   1 
ATOM   810  C CA  . GLU A 1 123 ? -3.077  8.567   8.271   1.00 20.15 ? 123 GLU A CA  1 
ATOM   811  C C   . GLU A 1 123 ? -2.945  9.016   6.812   1.00 20.04 ? 123 GLU A C   1 
ATOM   812  O O   . GLU A 1 123 ? -3.089  10.212  6.519   1.00 21.85 ? 123 GLU A O   1 
ATOM   813  C CB  . GLU A 1 123 ? -1.999  9.238   9.143   1.00 19.68 ? 123 GLU A CB  1 
ATOM   814  C CG  . GLU A 1 123 ? -2.084  8.875   10.643  1.00 19.95 ? 123 GLU A CG  1 
ATOM   815  C CD  . GLU A 1 123 ? -3.406  9.312   11.309  1.00 21.95 ? 123 GLU A CD  1 
ATOM   816  O OE1 . GLU A 1 123 ? -4.130  10.158  10.740  1.00 20.84 ? 123 GLU A OE1 1 
ATOM   817  O OE2 . GLU A 1 123 ? -3.705  8.824   12.418  1.00 24.52 ? 123 GLU A OE2 1 
ATOM   818  N N   . LEU A 1 124 ? -2.651  8.094   5.900   1.00 19.86 ? 124 LEU A N   1 
ATOM   819  C CA  . LEU A 1 124 ? -2.483  8.472   4.503   1.00 19.66 ? 124 LEU A CA  1 
ATOM   820  C C   . LEU A 1 124 ? -3.160  7.533   3.497   1.00 20.05 ? 124 LEU A C   1 
ATOM   821  O O   . LEU A 1 124 ? -4.068  7.942   2.773   1.00 19.30 ? 124 LEU A O   1 
ATOM   822  C CB  . LEU A 1 124 ? -0.992  8.670   4.151   1.00 19.42 ? 124 LEU A CB  1 
ATOM   823  C CG  . LEU A 1 124 ? -0.687  9.024   2.698   1.00 19.59 ? 124 LEU A CG  1 
ATOM   824  C CD1 . LEU A 1 124 ? -1.233  10.436  2.359   1.00 21.83 ? 124 LEU A CD1 1 
ATOM   825  C CD2 . LEU A 1 124 ? 0.824   8.925   2.410   1.00 21.29 ? 124 LEU A CD2 1 
ATOM   826  N N   . LEU A 1 125 ? -2.712  6.282   3.432   1.00 20.09 ? 125 LEU A N   1 
ATOM   827  C CA  . LEU A 1 125 ? -3.201  5.384   2.387   1.00 19.79 ? 125 LEU A CA  1 
ATOM   828  C C   . LEU A 1 125 ? -4.663  4.995   2.563   1.00 19.68 ? 125 LEU A C   1 
ATOM   829  O O   . LEU A 1 125 ? -5.460  5.099   1.618   1.00 19.66 ? 125 LEU A O   1 
ATOM   830  C CB  . LEU A 1 125 ? -2.332  4.131   2.314   1.00 20.15 ? 125 LEU A CB  1 
ATOM   831  C CG  . LEU A 1 125 ? -2.741  2.994   1.369   1.00 19.90 ? 125 LEU A CG  1 
ATOM   832  C CD1 . LEU A 1 125 ? -2.788  3.427   -0.110  1.00 21.23 ? 125 LEU A CD1 1 
ATOM   833  C CD2 . LEU A 1 125 ? -1.726  1.891   1.559   1.00 17.56 ? 125 LEU A CD2 1 
ATOM   834  N N   . ASP A 1 126 ? -5.018  4.518   3.755   1.00 19.49 ? 126 ASP A N   1 
ATOM   835  C CA  . ASP A 1 126 ? -6.402  4.089   4.002   1.00 20.15 ? 126 ASP A CA  1 
ATOM   836  C C   . ASP A 1 126 ? -7.357  5.266   3.764   1.00 19.91 ? 126 ASP A C   1 
ATOM   837  O O   . ASP A 1 126 ? -8.370  5.103   3.085   1.00 20.74 ? 126 ASP A O   1 
ATOM   838  C CB  . ASP A 1 126 ? -6.621  3.584   5.436   1.00 20.49 ? 126 ASP A CB  1 
ATOM   839  C CG  . ASP A 1 126 ? -5.959  2.235   5.742   1.00 21.74 ? 126 ASP A CG  1 
ATOM   840  O OD1 . ASP A 1 126 ? -5.355  1.558   4.864   1.00 22.84 ? 126 ASP A OD1 1 
ATOM   841  O OD2 . ASP A 1 126 ? -6.068  1.867   6.932   1.00 19.69 ? 126 ASP A OD2 1 
ATOM   842  N N   . PRO A 1 127 ? -7.052  6.455   4.332   1.00 20.32 ? 127 PRO A N   1 
ATOM   843  C CA  . PRO A 1 127 ? -8.048  7.509   4.095   1.00 20.63 ? 127 PRO A CA  1 
ATOM   844  C C   . PRO A 1 127 ? -8.172  7.961   2.645   1.00 21.13 ? 127 PRO A C   1 
ATOM   845  O O   . PRO A 1 127 ? -9.265  8.306   2.218   1.00 21.21 ? 127 PRO A O   1 
ATOM   846  C CB  . PRO A 1 127 ? -7.621  8.665   5.024   1.00 20.16 ? 127 PRO A CB  1 
ATOM   847  C CG  . PRO A 1 127 ? -6.246  8.350   5.478   1.00 22.40 ? 127 PRO A CG  1 
ATOM   848  C CD  . PRO A 1 127 ? -6.079  6.832   5.380   1.00 20.36 ? 127 PRO A CD  1 
ATOM   849  N N   . VAL A 1 128 ? -7.080  7.956   1.880   1.00 21.49 ? 128 VAL A N   1 
ATOM   850  C CA  . VAL A 1 128 ? -7.196  8.274   0.452   1.00 21.60 ? 128 VAL A CA  1 
ATOM   851  C C   . VAL A 1 128 ? -8.147  7.278   -0.231  1.00 21.69 ? 128 VAL A C   1 
ATOM   852  O O   . VAL A 1 128 ? -8.986  7.660   -1.068  1.00 22.25 ? 128 VAL A O   1 
ATOM   853  C CB  . VAL A 1 128 ? -5.826  8.284   -0.253  1.00 21.49 ? 128 VAL A CB  1 
ATOM   854  C CG1 . VAL A 1 128 ? -6.002  8.287   -1.756  1.00 22.39 ? 128 VAL A CG1 1 
ATOM   855  C CG2 . VAL A 1 128 ? -5.042  9.518   0.162   1.00 19.71 ? 128 VAL A CG2 1 
ATOM   856  N N   . SER A 1 129 ? -8.012  6.006   0.145   1.00 20.85 ? 129 SER A N   1 
ATOM   857  C CA  . SER A 1 129 ? -8.755  4.932   -0.459  1.00 21.02 ? 129 SER A CA  1 
ATOM   858  C C   . SER A 1 129 ? -10.226 5.044   -0.070  1.00 20.94 ? 129 SER A C   1 
ATOM   859  O O   . SER A 1 129 ? -11.103 4.818   -0.908  1.00 20.69 ? 129 SER A O   1 
ATOM   860  C CB  . SER A 1 129 ? -8.184  3.589   -0.007  1.00 20.99 ? 129 SER A CB  1 
ATOM   861  O OG  . SER A 1 129 ? -8.933  2.502   -0.507  1.00 23.56 ? 129 SER A OG  1 
ATOM   862  N N   . VAL A 1 130 ? -10.495 5.393   1.187   1.00 20.41 ? 130 VAL A N   1 
ATOM   863  C CA  . VAL A 1 130 ? -11.891 5.579   1.637   1.00 21.32 ? 130 VAL A CA  1 
ATOM   864  C C   . VAL A 1 130 ? -12.520 6.788   0.900   1.00 22.11 ? 130 VAL A C   1 
ATOM   865  O O   . VAL A 1 130 ? -13.670 6.723   0.419   1.00 20.09 ? 130 VAL A O   1 
ATOM   866  C CB  . VAL A 1 130 ? -11.992 5.742   3.184   1.00 21.45 ? 130 VAL A CB  1 
ATOM   867  C CG1 . VAL A 1 130 ? -13.404 6.133   3.601   1.00 21.98 ? 130 VAL A CG1 1 
ATOM   868  C CG2 . VAL A 1 130 ? -11.518 4.408   3.905   1.00 18.88 ? 130 VAL A CG2 1 
ATOM   869  N N   . TYR A 1 131 ? -11.735 7.861   0.774   1.00 22.21 ? 131 TYR A N   1 
ATOM   870  C CA  . TYR A 1 131 ? -12.150 9.006   -0.062  1.00 23.32 ? 131 TYR A CA  1 
ATOM   871  C C   . TYR A 1 131 ? -12.489 8.561   -1.497  1.00 23.03 ? 131 TYR A C   1 
ATOM   872  O O   . TYR A 1 131 ? -13.547 8.912   -2.014  1.00 24.11 ? 131 TYR A O   1 
ATOM   873  C CB  . TYR A 1 131 ? -11.083 10.119  -0.025  1.00 22.97 ? 131 TYR A CB  1 
ATOM   874  C CG  . TYR A 1 131 ? -11.218 11.194  -1.104  1.00 26.03 ? 131 TYR A CG  1 
ATOM   875  C CD1 . TYR A 1 131 ? -12.305 12.079  -1.121  1.00 26.75 ? 131 TYR A CD1 1 
ATOM   876  C CD2 . TYR A 1 131 ? -10.250 11.321  -2.104  1.00 27.63 ? 131 TYR A CD2 1 
ATOM   877  C CE1 . TYR A 1 131 ? -12.420 13.073  -2.107  1.00 28.39 ? 131 TYR A CE1 1 
ATOM   878  C CE2 . TYR A 1 131 ? -10.357 12.299  -3.087  1.00 29.17 ? 131 TYR A CE2 1 
ATOM   879  C CZ  . TYR A 1 131 ? -11.441 13.168  -3.083  1.00 29.60 ? 131 TYR A CZ  1 
ATOM   880  O OH  . TYR A 1 131 ? -11.535 14.116  -4.066  1.00 28.79 ? 131 TYR A OH  1 
ATOM   881  N N   . PHE A 1 132 ? -11.634 7.762   -2.128  1.00 23.12 ? 132 PHE A N   1 
ATOM   882  C CA  . PHE A 1 132 ? -11.922 7.248   -3.493  1.00 24.04 ? 132 PHE A CA  1 
ATOM   883  C C   . PHE A 1 132 ? -13.276 6.555   -3.567  1.00 24.36 ? 132 PHE A C   1 
ATOM   884  O O   . PHE A 1 132 ? -14.113 6.863   -4.436  1.00 24.45 ? 132 PHE A O   1 
ATOM   885  C CB  . PHE A 1 132 ? -10.819 6.280   -3.960  1.00 23.60 ? 132 PHE A CB  1 
ATOM   886  C CG  . PHE A 1 132 ? -11.051 5.663   -5.333  1.00 26.60 ? 132 PHE A CG  1 
ATOM   887  C CD1 . PHE A 1 132 ? -11.018 6.444   -6.497  1.00 27.34 ? 132 PHE A CD1 1 
ATOM   888  C CD2 . PHE A 1 132 ? -11.255 4.282   -5.465  1.00 26.45 ? 132 PHE A CD2 1 
ATOM   889  C CE1 . PHE A 1 132 ? -11.206 5.853   -7.758  1.00 27.72 ? 132 PHE A CE1 1 
ATOM   890  C CE2 . PHE A 1 132 ? -11.430 3.694   -6.713  1.00 27.30 ? 132 PHE A CE2 1 
ATOM   891  C CZ  . PHE A 1 132 ? -11.409 4.475   -7.860  1.00 28.00 ? 132 PHE A CZ  1 
ATOM   892  N N   . HIS A 1 133 ? -13.490 5.602   -2.661  1.00 23.81 ? 133 HIS A N   1 
ATOM   893  C CA  . HIS A 1 133 ? -14.685 4.747   -2.710  1.00 23.01 ? 133 HIS A CA  1 
ATOM   894  C C   . HIS A 1 133 ? -15.971 5.417   -2.251  1.00 23.40 ? 133 HIS A C   1 
ATOM   895  O O   . HIS A 1 133 ? -17.068 5.016   -2.700  1.00 23.94 ? 133 HIS A O   1 
ATOM   896  C CB  . HIS A 1 133 ? -14.426 3.460   -1.912  1.00 23.06 ? 133 HIS A CB  1 
ATOM   897  C CG  . HIS A 1 133 ? -13.429 2.552   -2.569  1.00 23.02 ? 133 HIS A CG  1 
ATOM   898  N ND1 . HIS A 1 133 ? -13.676 1.944   -3.782  1.00 22.99 ? 133 HIS A ND1 1 
ATOM   899  C CD2 . HIS A 1 133 ? -12.170 2.189   -2.214  1.00 23.46 ? 133 HIS A CD2 1 
ATOM   900  C CE1 . HIS A 1 133 ? -12.618 1.234   -4.141  1.00 24.15 ? 133 HIS A CE1 1 
ATOM   901  N NE2 . HIS A 1 133 ? -11.695 1.353   -3.200  1.00 22.90 ? 133 HIS A NE2 1 
ATOM   902  N N   . HIS A 1 134 ? -15.845 6.420   -1.376  1.00 23.00 ? 134 HIS A N   1 
ATOM   903  C CA  . HIS A 1 134 ? -17.008 7.050   -0.716  1.00 23.79 ? 134 HIS A CA  1 
ATOM   904  C C   . HIS A 1 134 ? -17.385 8.463   -1.177  1.00 24.09 ? 134 HIS A C   1 
ATOM   905  O O   . HIS A 1 134 ? -18.564 8.795   -1.193  1.00 23.81 ? 134 HIS A O   1 
ATOM   906  C CB  . HIS A 1 134 ? -16.914 6.969   0.815   1.00 22.94 ? 134 HIS A CB  1 
ATOM   907  C CG  . HIS A 1 134 ? -17.123 5.573   1.322   1.00 24.68 ? 134 HIS A CG  1 
ATOM   908  N ND1 . HIS A 1 134 ? -18.371 5.082   1.643   1.00 23.51 ? 134 HIS A ND1 1 
ATOM   909  C CD2 . HIS A 1 134 ? -16.265 4.528   1.444   1.00 22.94 ? 134 HIS A CD2 1 
ATOM   910  C CE1 . HIS A 1 134 ? -18.262 3.808   1.993   1.00 25.26 ? 134 HIS A CE1 1 
ATOM   911  N NE2 . HIS A 1 134 ? -16.999 3.444   1.866   1.00 20.58 ? 134 HIS A NE2 1 
ATOM   912  N N   . ALA A 1 135 ? -16.397 9.277   -1.551  1.00 24.15 ? 135 ALA A N   1 
ATOM   913  C CA  . ALA A 1 135 ? -16.686 10.643  -1.970  1.00 23.86 ? 135 ALA A CA  1 
ATOM   914  C C   . ALA A 1 135 ? -16.319 10.929  -3.448  1.00 24.29 ? 135 ALA A C   1 
ATOM   915  O O   . ALA A 1 135 ? -16.311 12.078  -3.871  1.00 24.40 ? 135 ALA A O   1 
ATOM   916  C CB  . ALA A 1 135 ? -16.015 11.617  -1.050  1.00 23.53 ? 135 ALA A CB  1 
ATOM   917  N N   . THR A 1 136 ? -16.028 9.888   -4.218  1.00 24.27 ? 136 THR A N   1 
ATOM   918  C CA  . THR A 1 136 ? -15.937 10.000  -5.678  1.00 24.97 ? 136 THR A CA  1 
ATOM   919  C C   . THR A 1 136 ? -16.720 8.813   -6.245  1.00 26.34 ? 136 THR A C   1 
ATOM   920  O O   . THR A 1 136 ? -17.091 7.925   -5.487  1.00 25.35 ? 136 THR A O   1 
ATOM   921  C CB  . THR A 1 136 ? -14.468 9.973   -6.224  1.00 24.63 ? 136 THR A CB  1 
ATOM   922  O OG1 . THR A 1 136 ? -14.024 8.628   -6.328  1.00 22.87 ? 136 THR A OG1 1 
ATOM   923  C CG2 . THR A 1 136 ? -13.470 10.804  -5.376  1.00 24.13 ? 136 THR A CG2 1 
ATOM   924  N N   . PRO A 1 137 ? -16.974 8.787   -7.580  1.00 27.29 ? 137 PRO A N   1 
ATOM   925  C CA  . PRO A 1 137 ? -17.625 7.637   -8.232  1.00 27.62 ? 137 PRO A CA  1 
ATOM   926  C C   . PRO A 1 137 ? -16.910 6.307   -7.965  1.00 27.64 ? 137 PRO A C   1 
ATOM   927  O O   . PRO A 1 137 ? -17.525 5.234   -8.074  1.00 27.57 ? 137 PRO A O   1 
ATOM   928  C CB  . PRO A 1 137 ? -17.525 7.984   -9.724  1.00 27.72 ? 137 PRO A CB  1 
ATOM   929  C CG  . PRO A 1 137 ? -17.548 9.484   -9.748  1.00 27.80 ? 137 PRO A CG  1 
ATOM   930  C CD  . PRO A 1 137 ? -16.863 9.940   -8.491  1.00 27.62 ? 137 PRO A CD  1 
ATOM   931  N N   . GLY A 1 138 ? -15.616 6.390   -7.652  1.00 28.24 ? 138 GLY A N   1 
ATOM   932  C CA  . GLY A 1 138 ? -14.814 5.217   -7.289  1.00 27.80 ? 138 GLY A CA  1 
ATOM   933  C C   . GLY A 1 138 ? -14.829 4.196   -8.396  1.00 28.74 ? 138 GLY A C   1 
ATOM   934  O O   . GLY A 1 138 ? -14.532 4.517   -9.562  1.00 28.06 ? 138 GLY A O   1 
ATOM   935  N N   . LEU A 1 139 ? -15.241 2.975   -8.043  1.00 28.20 ? 139 LEU A N   1 
ATOM   936  C CA  . LEU A 1 139 ? -15.279 1.890   -8.993  1.00 28.51 ? 139 LEU A CA  1 
ATOM   937  C C   . LEU A 1 139 ? -16.598 1.862   -9.768  1.00 28.72 ? 139 LEU A C   1 
ATOM   938  O O   . LEU A 1 139 ? -16.841 0.948   -10.533 1.00 30.02 ? 139 LEU A O   1 
ATOM   939  C CB  . LEU A 1 139 ? -15.010 0.536   -8.297  1.00 28.28 ? 139 LEU A CB  1 
ATOM   940  C CG  . LEU A 1 139 ? -13.637 0.222   -7.681  1.00 27.13 ? 139 LEU A CG  1 
ATOM   941  C CD1 . LEU A 1 139 ? -13.679 -1.128  -6.946  1.00 27.82 ? 139 LEU A CD1 1 
ATOM   942  C CD2 . LEU A 1 139 ? -12.515 0.213   -8.691  1.00 27.54 ? 139 LEU A CD2 1 
ATOM   943  N N   . GLY A 1 140 ? -17.447 2.866   -9.584  1.00 29.15 ? 140 GLY A N   1 
ATOM   944  C CA  . GLY A 1 140 ? -18.680 2.931   -10.348 1.00 29.32 ? 140 GLY A CA  1 
ATOM   945  C C   . GLY A 1 140 ? -19.903 2.520   -9.546  1.00 30.09 ? 140 GLY A C   1 
ATOM   946  O O   . GLY A 1 140 ? -19.785 1.776   -8.554  1.00 29.60 ? 140 GLY A O   1 
ATOM   947  N N   . PRO A 1 141 ? -21.093 2.998   -9.968  1.00 31.07 ? 141 PRO A N   1 
ATOM   948  C CA  . PRO A 1 141 ? -22.333 2.864   -9.186  1.00 31.43 ? 141 PRO A CA  1 
ATOM   949  C C   . PRO A 1 141 ? -22.828 1.434   -9.003  1.00 32.20 ? 141 PRO A C   1 
ATOM   950  O O   . PRO A 1 141 ? -23.556 1.186   -8.059  1.00 32.99 ? 141 PRO A O   1 
ATOM   951  C CB  . PRO A 1 141 ? -23.355 3.688   -9.979  1.00 31.89 ? 141 PRO A CB  1 
ATOM   952  C CG  . PRO A 1 141 ? -22.793 3.718   -11.383 1.00 32.27 ? 141 PRO A CG  1 
ATOM   953  C CD  . PRO A 1 141 ? -21.314 3.720   -11.242 1.00 30.85 ? 141 PRO A CD  1 
ATOM   954  N N   . GLU A 1 142 ? -22.438 0.506   -9.878  1.00 32.63 ? 142 GLU A N   1 
ATOM   955  C CA  . GLU A 1 142 ? -22.758 -0.908  -9.668  1.00 33.88 ? 142 GLU A CA  1 
ATOM   956  C C   . GLU A 1 142 ? -21.824 -1.601  -8.640  1.00 34.25 ? 142 GLU A C   1 
ATOM   957  O O   . GLU A 1 142 ? -22.199 -2.612  -8.049  1.00 34.55 ? 142 GLU A O   1 
ATOM   958  C CB  . GLU A 1 142 ? -22.778 -1.686  -11.000 1.00 33.86 ? 142 GLU A CB  1 
ATOM   959  C CG  . GLU A 1 142 ? -23.933 -1.322  -11.945 1.00 34.99 ? 142 GLU A CG  1 
ATOM   960  C CD  . GLU A 1 142 ? -23.738 -0.003  -12.673 0.50 35.82 ? 142 GLU A CD  1 
ATOM   961  O OE1 . GLU A 1 142 ? -24.495 0.940   -12.364 0.50 36.08 ? 142 GLU A OE1 1 
ATOM   962  O OE2 . GLU A 1 142 ? -22.835 0.097   -13.542 0.50 36.18 ? 142 GLU A OE2 1 
ATOM   963  N N   . VAL A 1 143 ? -20.624 -1.062  -8.422  1.00 34.49 ? 143 VAL A N   1 
ATOM   964  C CA  . VAL A 1 143 ? -19.684 -1.647  -7.444  1.00 34.61 ? 143 VAL A CA  1 
ATOM   965  C C   . VAL A 1 143 ? -19.762 -0.959  -6.087  1.00 34.70 ? 143 VAL A C   1 
ATOM   966  O O   . VAL A 1 143 ? -19.775 -1.629  -5.039  1.00 35.35 ? 143 VAL A O   1 
ATOM   967  C CB  . VAL A 1 143 ? -18.225 -1.628  -7.943  1.00 34.45 ? 143 VAL A CB  1 
ATOM   968  C CG1 . VAL A 1 143 ? -17.277 -2.060  -6.829  1.00 34.75 ? 143 VAL A CG1 1 
ATOM   969  C CG2 . VAL A 1 143 ? -18.071 -2.520  -9.158  1.00 34.52 ? 143 VAL A CG2 1 
ATOM   970  N N   . GLU A 1 144 ? -19.797 0.372   -6.110  1.00 34.15 ? 144 GLU A N   1 
ATOM   971  C CA  . GLU A 1 144 ? -19.959 1.182   -4.912  1.00 34.01 ? 144 GLU A CA  1 
ATOM   972  C C   . GLU A 1 144 ? -21.424 1.277   -4.486  1.00 34.89 ? 144 GLU A C   1 
ATOM   973  O O   . GLU A 1 144 ? -22.061 2.336   -4.619  1.00 35.64 ? 144 GLU A O   1 
ATOM   974  C CB  . GLU A 1 144 ? -19.374 2.588   -5.123  1.00 33.44 ? 144 GLU A CB  1 
ATOM   975  C CG  . GLU A 1 144 ? -17.990 2.605   -5.804  1.00 30.43 ? 144 GLU A CG  1 
ATOM   976  C CD  . GLU A 1 144 ? -16.853 2.107   -4.898  1.00 29.85 ? 144 GLU A CD  1 
ATOM   977  O OE1 . GLU A 1 144 ? -17.109 1.751   -3.727  1.00 27.57 ? 144 GLU A OE1 1 
ATOM   978  O OE2 . GLU A 1 144 ? -15.697 2.077   -5.368  1.00 29.29 ? 144 GLU A OE2 1 
ATOM   979  N N   . LEU A 1 145 ? -21.954 0.184   -3.947  1.00 34.75 ? 145 LEU A N   1 
ATOM   980  C CA  . LEU A 1 145 ? -23.373 0.134   -3.584  1.00 34.53 ? 145 LEU A CA  1 
ATOM   981  C C   . LEU A 1 145 ? -23.779 1.043   -2.422  1.00 33.89 ? 145 LEU A C   1 
ATOM   982  O O   . LEU A 1 145 ? -24.905 1.549   -2.385  1.00 34.69 ? 145 LEU A O   1 
ATOM   983  C CB  . LEU A 1 145 ? -23.835 -1.312  -3.358  1.00 35.34 ? 145 LEU A CB  1 
ATOM   984  C CG  . LEU A 1 145 ? -23.919 -2.108  -4.663  1.00 36.31 ? 145 LEU A CG  1 
ATOM   985  C CD1 . LEU A 1 145 ? -24.098 -3.594  -4.391  1.00 38.05 ? 145 LEU A CD1 1 
ATOM   986  C CD2 . LEU A 1 145 ? -25.038 -1.553  -5.573  1.00 38.48 ? 145 LEU A CD2 1 
ATOM   987  N N   . TYR A 1 146 ? -22.893 1.245   -1.463  1.00 32.08 ? 146 TYR A N   1 
ATOM   988  C CA  . TYR A 1 146 ? -23.153 2.238   -0.429  1.00 30.30 ? 146 TYR A CA  1 
ATOM   989  C C   . TYR A 1 146 ? -22.009 3.216   -0.472  1.00 29.20 ? 146 TYR A C   1 
ATOM   990  O O   . TYR A 1 146 ? -20.849 2.810   -0.608  1.00 28.45 ? 146 TYR A O   1 
ATOM   991  C CB  . TYR A 1 146 ? -23.247 1.600   0.969   1.00 30.89 ? 146 TYR A CB  1 
ATOM   992  C CG  . TYR A 1 146 ? -23.251 2.618   2.108   1.00 29.93 ? 146 TYR A CG  1 
ATOM   993  C CD1 . TYR A 1 146 ? -24.415 3.294   2.458   1.00 30.43 ? 146 TYR A CD1 1 
ATOM   994  C CD2 . TYR A 1 146 ? -22.087 2.891   2.840   1.00 29.74 ? 146 TYR A CD2 1 
ATOM   995  C CE1 . TYR A 1 146 ? -24.425 4.218   3.496   1.00 28.74 ? 146 TYR A CE1 1 
ATOM   996  C CE2 . TYR A 1 146 ? -22.091 3.814   3.884   1.00 28.72 ? 146 TYR A CE2 1 
ATOM   997  C CZ  . TYR A 1 146 ? -23.264 4.477   4.202   1.00 29.69 ? 146 TYR A CZ  1 
ATOM   998  O OH  . TYR A 1 146 ? -23.284 5.399   5.252   1.00 28.67 ? 146 TYR A OH  1 
ATOM   999  N N   . GLN A 1 147 ? -22.331 4.501   -0.353  1.00 27.86 ? 147 GLN A N   1 
ATOM   1000 C CA  . GLN A 1 147 ? -21.327 5.545   -0.270  1.00 27.12 ? 147 GLN A CA  1 
ATOM   1001 C C   . GLN A 1 147 ? -21.725 6.591   0.766   1.00 26.81 ? 147 GLN A C   1 
ATOM   1002 O O   . GLN A 1 147 ? -22.881 6.994   0.844   1.00 26.17 ? 147 GLN A O   1 
ATOM   1003 C CB  . GLN A 1 147 ? -21.119 6.207   -1.637  1.00 27.12 ? 147 GLN A CB  1 
ATOM   1004 C CG  . GLN A 1 147 ? -20.376 5.360   -2.640  1.00 26.58 ? 147 GLN A CG  1 
ATOM   1005 C CD  . GLN A 1 147 ? -20.063 6.133   -3.915  1.00 29.52 ? 147 GLN A CD  1 
ATOM   1006 O OE1 . GLN A 1 147 ? -20.969 6.589   -4.616  1.00 33.19 ? 147 GLN A OE1 1 
ATOM   1007 N NE2 . GLN A 1 147 ? -18.786 6.317   -4.198  1.00 24.48 ? 147 GLN A NE2 1 
ATOM   1008 N N   . ASN A 1 148 ? -20.761 7.019   1.570   1.00 25.61 ? 148 ASN A N   1 
ATOM   1009 C CA  . ASN A 1 148 ? -20.996 8.053   2.560   1.00 25.75 ? 148 ASN A CA  1 
ATOM   1010 C C   . ASN A 1 148 ? -20.039 9.187   2.216   1.00 26.29 ? 148 ASN A C   1 
ATOM   1011 O O   . ASN A 1 148 ? -18.855 9.189   2.629   1.00 24.69 ? 148 ASN A O   1 
ATOM   1012 C CB  . ASN A 1 148 ? -20.760 7.505   3.975   1.00 25.33 ? 148 ASN A CB  1 
ATOM   1013 C CG  . ASN A 1 148 ? -21.188 8.475   5.075   1.00 26.27 ? 148 ASN A CG  1 
ATOM   1014 O OD1 . ASN A 1 148 ? -20.722 9.609   5.151   1.00 24.61 ? 148 ASN A OD1 1 
ATOM   1015 N ND2 . ASN A 1 148 ? -22.050 8.002   5.967   1.00 26.96 ? 148 ASN A ND2 1 
ATOM   1016 N N   . LYS A 1 149 ? -20.559 10.135  1.424   1.00 26.18 ? 149 LYS A N   1 
ATOM   1017 C CA  . LYS A 1 149 ? -19.767 11.234  0.909   1.00 27.11 ? 149 LYS A CA  1 
ATOM   1018 C C   . LYS A 1 149 ? -19.157 12.064  2.025   1.00 26.66 ? 149 LYS A C   1 
ATOM   1019 O O   . LYS A 1 149 ? -17.977 12.396  1.954   1.00 25.78 ? 149 LYS A O   1 
ATOM   1020 C CB  . LYS A 1 149 ? -20.600 12.113  -0.026  1.00 27.57 ? 149 LYS A CB  1 
ATOM   1021 C CG  . LYS A 1 149 ? -19.824 13.290  -0.616  1.00 30.76 ? 149 LYS A CG  1 
ATOM   1022 C CD  . LYS A 1 149 ? -20.620 13.921  -1.795  1.00 35.92 ? 149 LYS A CD  1 
ATOM   1023 C CE  . LYS A 1 149 ? -19.756 14.924  -2.558  1.00 39.45 ? 149 LYS A CE  1 
ATOM   1024 N NZ  . LYS A 1 149 ? -20.128 14.929  -4.010  1.00 40.63 ? 149 LYS A NZ  1 
ATOM   1025 N N   . GLU A 1 150 ? -19.949 12.368  3.063   1.00 25.92 ? 150 GLU A N   1 
ATOM   1026 C CA  . GLU A 1 150 ? -19.469 13.167  4.173   1.00 25.67 ? 150 GLU A CA  1 
ATOM   1027 C C   . GLU A 1 150 ? -18.277 12.490  4.862   1.00 24.91 ? 150 GLU A C   1 
ATOM   1028 O O   . GLU A 1 150 ? -17.290 13.142  5.187   1.00 24.70 ? 150 GLU A O   1 
ATOM   1029 C CB  . GLU A 1 150 ? -20.594 13.449  5.185   1.00 26.30 ? 150 GLU A CB  1 
ATOM   1030 C CG  . GLU A 1 150 ? -20.168 14.309  6.367   1.00 28.96 ? 150 GLU A CG  1 
ATOM   1031 C CD  . GLU A 1 150 ? -21.302 14.542  7.369   1.00 34.34 ? 150 GLU A CD  1 
ATOM   1032 O OE1 . GLU A 1 150 ? -22.412 14.887  6.930   1.00 35.31 ? 150 GLU A OE1 1 
ATOM   1033 O OE2 . GLU A 1 150 ? -21.085 14.377  8.592   1.00 34.56 ? 150 GLU A OE2 1 
ATOM   1034 N N   . TRP A 1 151 ? -18.373 11.183  5.075   1.00 24.27 ? 151 TRP A N   1 
ATOM   1035 C CA  . TRP A 1 151 ? -17.252 10.432  5.669   1.00 24.21 ? 151 TRP A CA  1 
ATOM   1036 C C   . TRP A 1 151 ? -16.043 10.473  4.723   1.00 23.85 ? 151 TRP A C   1 
ATOM   1037 O O   . TRP A 1 151 ? -14.917 10.706  5.169   1.00 23.81 ? 151 TRP A O   1 
ATOM   1038 C CB  . TRP A 1 151 ? -17.630 8.971   5.929   1.00 23.29 ? 151 TRP A CB  1 
ATOM   1039 C CG  . TRP A 1 151 ? -16.565 8.222   6.722   1.00 24.61 ? 151 TRP A CG  1 
ATOM   1040 C CD1 . TRP A 1 151 ? -15.624 7.337   6.238   1.00 26.20 ? 151 TRP A CD1 1 
ATOM   1041 C CD2 . TRP A 1 151 ? -16.355 8.288   8.140   1.00 25.37 ? 151 TRP A CD2 1 
ATOM   1042 N NE1 . TRP A 1 151 ? -14.842 6.848   7.276   1.00 23.66 ? 151 TRP A NE1 1 
ATOM   1043 C CE2 . TRP A 1 151 ? -15.265 7.426   8.449   1.00 25.19 ? 151 TRP A CE2 1 
ATOM   1044 C CE3 . TRP A 1 151 ? -16.994 8.976   9.181   1.00 25.46 ? 151 TRP A CE3 1 
ATOM   1045 C CZ2 . TRP A 1 151 ? -14.803 7.248   9.754   1.00 25.40 ? 151 TRP A CZ2 1 
ATOM   1046 C CZ3 . TRP A 1 151 ? -16.530 8.796   10.484  1.00 27.93 ? 151 TRP A CZ3 1 
ATOM   1047 C CH2 . TRP A 1 151 ? -15.445 7.939   10.757  1.00 29.30 ? 151 TRP A CH2 1 
ATOM   1048 N N   . GLY A 1 152 ? -16.303 10.235  3.435   1.00 23.60 ? 152 GLY A N   1 
ATOM   1049 C CA  . GLY A 1 152 ? -15.258 10.184  2.405   1.00 24.35 ? 152 GLY A CA  1 
ATOM   1050 C C   . GLY A 1 152 ? -14.481 11.494  2.313   1.00 24.56 ? 152 GLY A C   1 
ATOM   1051 O O   . GLY A 1 152 ? -13.257 11.501  2.152   1.00 24.62 ? 152 GLY A O   1 
ATOM   1052 N N   . LEU A 1 153 ? -15.188 12.608  2.436   1.00 24.86 ? 153 LEU A N   1 
ATOM   1053 C CA  . LEU A 1 153 ? -14.541 13.921  2.399   1.00 25.76 ? 153 LEU A CA  1 
ATOM   1054 C C   . LEU A 1 153 ? -13.672 14.206  3.620   1.00 25.81 ? 153 LEU A C   1 
ATOM   1055 O O   . LEU A 1 153 ? -12.601 14.832  3.507   1.00 24.93 ? 153 LEU A O   1 
ATOM   1056 C CB  . LEU A 1 153 ? -15.585 15.034  2.161   1.00 26.53 ? 153 LEU A CB  1 
ATOM   1057 C CG  . LEU A 1 153 ? -16.127 15.163  0.724   1.00 29.10 ? 153 LEU A CG  1 
ATOM   1058 C CD1 . LEU A 1 153 ? -17.126 16.325  0.585   1.00 32.37 ? 153 LEU A CD1 1 
ATOM   1059 C CD2 . LEU A 1 153 ? -14.991 15.313  -0.331  1.00 30.61 ? 153 LEU A CD2 1 
ATOM   1060 N N   . ARG A 1 154 ? -14.117 13.750  4.793   1.00 25.67 ? 154 ARG A N   1 
ATOM   1061 C CA  . ARG A 1 154 ? -13.324 13.910  6.006   1.00 26.39 ? 154 ARG A CA  1 
ATOM   1062 C C   . ARG A 1 154 ? -12.051 13.066  5.938   1.00 25.24 ? 154 ARG A C   1 
ATOM   1063 O O   . ARG A 1 154 ? -11.026 13.466  6.467   1.00 25.31 ? 154 ARG A O   1 
ATOM   1064 C CB  . ARG A 1 154 ? -14.117 13.514  7.261   1.00 26.51 ? 154 ARG A CB  1 
ATOM   1065 C CG  . ARG A 1 154 ? -15.114 14.593  7.689   1.00 30.62 ? 154 ARG A CG  1 
ATOM   1066 C CD  . ARG A 1 154 ? -15.805 14.193  8.964   0.50 30.66 ? 154 ARG A CD  1 
ATOM   1067 N NE  . ARG A 1 154 ? -14.908 14.233  10.119  0.50 34.96 ? 154 ARG A NE  1 
ATOM   1068 C CZ  . ARG A 1 154 ? -14.650 15.329  10.835  1.00 36.26 ? 154 ARG A CZ  1 
ATOM   1069 N NH1 . ARG A 1 154 ? -15.204 16.487  10.505  1.00 36.57 ? 154 ARG A NH1 1 
ATOM   1070 N NH2 . ARG A 1 154 ? -13.821 15.264  11.870  1.00 38.30 ? 154 ARG A NH2 1 
ATOM   1071 N N   . GLN A 1 155 ? -12.143 11.897  5.317   1.00 25.00 ? 155 GLN A N   1 
ATOM   1072 C CA  . GLN A 1 155 ? -10.956 11.053  5.085   1.00 25.26 ? 155 GLN A CA  1 
ATOM   1073 C C   . GLN A 1 155 ? -9.973  11.751  4.123   1.00 24.84 ? 155 GLN A C   1 
ATOM   1074 O O   . GLN A 1 155 ? -8.758  11.707  4.339   1.00 24.72 ? 155 GLN A O   1 
ATOM   1075 C CB  . GLN A 1 155 ? -11.324 9.643   4.596   1.00 25.01 ? 155 GLN A CB  1 
ATOM   1076 C CG  . GLN A 1 155 ? -12.228 8.817   5.558   1.00 26.84 ? 155 GLN A CG  1 
ATOM   1077 C CD  . GLN A 1 155 ? -11.966 9.092   7.020   1.00 31.66 ? 155 GLN A CD  1 
ATOM   1078 O OE1 . GLN A 1 155 ? -10.932 8.700   7.559   1.00 32.19 ? 155 GLN A OE1 1 
ATOM   1079 N NE2 . GLN A 1 155 ? -12.912 9.776   7.679   1.00 34.13 ? 155 GLN A NE2 1 
ATOM   1080 N N   . ARG A 1 156 ? -10.499 12.412  3.092   1.00 24.72 ? 156 ARG A N   1 
ATOM   1081 C CA  . ARG A 1 156 ? -9.665  13.286  2.242   1.00 25.60 ? 156 ARG A CA  1 
ATOM   1082 C C   . ARG A 1 156 ? -8.840  14.279  3.069   1.00 25.35 ? 156 ARG A C   1 
ATOM   1083 O O   . ARG A 1 156 ? -7.615  14.339  2.930   1.00 25.37 ? 156 ARG A O   1 
ATOM   1084 C CB  . ARG A 1 156 ? -10.510 14.021  1.191   1.00 26.28 ? 156 ARG A CB  1 
ATOM   1085 C CG  . ARG A 1 156 ? -9.671  14.831  0.165   1.00 29.36 ? 156 ARG A CG  1 
ATOM   1086 C CD  . ARG A 1 156 ? -10.514 15.906  -0.510  1.00 33.52 ? 156 ARG A CD  1 
ATOM   1087 N NE  . ARG A 1 156 ? -11.062 16.827  0.496   1.00 38.70 ? 156 ARG A NE  1 
ATOM   1088 C CZ  . ARG A 1 156 ? -12.035 17.705  0.263   1.00 39.21 ? 156 ARG A CZ  1 
ATOM   1089 N NH1 . ARG A 1 156 ? -12.580 17.794  -0.951  1.00 36.47 ? 156 ARG A NH1 1 
ATOM   1090 N NH2 . ARG A 1 156 ? -12.463 18.490  1.252   1.00 37.76 ? 156 ARG A NH2 1 
ATOM   1091 N N   . ASP A 1 157 ? -9.508  15.052  3.929   1.00 25.13 ? 157 ASP A N   1 
ATOM   1092 C CA  . ASP A 1 157 ? -8.832  15.950  4.879   1.00 25.50 ? 157 ASP A CA  1 
ATOM   1093 C C   . ASP A 1 157 ? -7.818  15.263  5.800   1.00 24.61 ? 157 ASP A C   1 
ATOM   1094 O O   . ASP A 1 157 ? -6.746  15.824  6.095   1.00 24.22 ? 157 ASP A O   1 
ATOM   1095 C CB  . ASP A 1 157 ? -9.880  16.678  5.720   1.00 26.64 ? 157 ASP A CB  1 
ATOM   1096 C CG  . ASP A 1 157 ? -10.781 17.584  4.866   1.00 29.77 ? 157 ASP A CG  1 
ATOM   1097 O OD1 . ASP A 1 157 ? -10.415 17.872  3.702   1.00 31.43 ? 157 ASP A OD1 1 
ATOM   1098 O OD2 . ASP A 1 157 ? -11.844 18.002  5.359   1.00 33.62 ? 157 ASP A OD2 1 
ATOM   1099 N N   . LYS A 1 158 ? -8.165  14.066  6.282   1.00 23.42 ? 158 LYS A N   1 
ATOM   1100 C CA  . LYS A 1 158 ? -7.252  13.281  7.125   1.00 23.18 ? 158 LYS A CA  1 
ATOM   1101 C C   . LYS A 1 158 ? -5.951  12.965  6.386   1.00 22.74 ? 158 LYS A C   1 
ATOM   1102 O O   . LYS A 1 158 ? -4.862  13.078  6.968   1.00 22.46 ? 158 LYS A O   1 
ATOM   1103 C CB  . LYS A 1 158 ? -7.901  11.953  7.564   1.00 24.13 ? 158 LYS A CB  1 
ATOM   1104 C CG  . LYS A 1 158 ? -7.119  11.198  8.659   1.00 23.97 ? 158 LYS A CG  1 
ATOM   1105 C CD  . LYS A 1 158 ? -7.904  9.976   9.144   1.00 26.42 ? 158 LYS A CD  1 
ATOM   1106 C CE  . LYS A 1 158 ? -7.300  9.414   10.432  1.00 29.60 ? 158 LYS A CE  1 
ATOM   1107 N NZ  . LYS A 1 158 ? -7.944  8.098   10.784  1.00 34.27 ? 158 LYS A NZ  1 
ATOM   1108 N N   . ALA A 1 159 ? -6.089  12.554  5.125   1.00 21.91 ? 159 ALA A N   1 
ATOM   1109 C CA  . ALA A 1 159 ? -4.970  12.227  4.256   1.00 23.46 ? 159 ALA A CA  1 
ATOM   1110 C C   . ALA A 1 159 ? -4.071  13.454  4.033   1.00 24.41 ? 159 ALA A C   1 
ATOM   1111 O O   . ALA A 1 159 ? -2.833  13.347  4.131   1.00 24.82 ? 159 ALA A O   1 
ATOM   1112 C CB  . ALA A 1 159 ? -5.464  11.660  2.933   1.00 22.97 ? 159 ALA A CB  1 
ATOM   1113 N N   . LEU A 1 160 ? -4.690  14.621  3.795   1.00 24.67 ? 160 LEU A N   1 
ATOM   1114 C CA  . LEU A 1 160 ? -3.929  15.882  3.673   1.00 25.19 ? 160 LEU A CA  1 
ATOM   1115 C C   . LEU A 1 160 ? -3.105  16.143  4.917   1.00 25.24 ? 160 LEU A C   1 
ATOM   1116 O O   . LEU A 1 160 ? -1.912  16.451  4.814   1.00 24.83 ? 160 LEU A O   1 
ATOM   1117 C CB  . LEU A 1 160 ? -4.842  17.086  3.363   1.00 25.17 ? 160 LEU A CB  1 
ATOM   1118 C CG  . LEU A 1 160 ? -5.157  17.276  1.877   1.00 28.16 ? 160 LEU A CG  1 
ATOM   1119 C CD1 . LEU A 1 160 ? -6.305  18.321  1.684   1.00 28.88 ? 160 LEU A CD1 1 
ATOM   1120 C CD2 . LEU A 1 160 ? -3.899  17.722  1.090   1.00 27.59 ? 160 LEU A CD2 1 
ATOM   1121 N N   . HIS A 1 161 ? -3.718  15.984  6.098   1.00 25.15 ? 161 HIS A N   1 
ATOM   1122 C CA  . HIS A 1 161 ? -2.974  16.111  7.332   1.00 25.62 ? 161 HIS A CA  1 
ATOM   1123 C C   . HIS A 1 161 ? -1.842  15.093  7.389   1.00 25.39 ? 161 HIS A C   1 
ATOM   1124 O O   . HIS A 1 161 ? -0.751  15.390  7.892   1.00 25.18 ? 161 HIS A O   1 
ATOM   1125 C CB  . HIS A 1 161 ? -3.869  16.000  8.579   1.00 26.00 ? 161 HIS A CB  1 
ATOM   1126 C CG  . HIS A 1 161 ? -4.848  17.129  8.727   1.00 30.38 ? 161 HIS A CG  1 
ATOM   1127 N ND1 . HIS A 1 161 ? -4.462  18.439  8.949   1.00 32.09 ? 161 HIS A ND1 1 
ATOM   1128 C CD2 . HIS A 1 161 ? -6.204  17.137  8.704   1.00 32.33 ? 161 HIS A CD2 1 
ATOM   1129 C CE1 . HIS A 1 161 ? -5.540  19.203  9.038   1.00 32.84 ? 161 HIS A CE1 1 
ATOM   1130 N NE2 . HIS A 1 161 ? -6.609  18.437  8.898   1.00 32.12 ? 161 HIS A NE2 1 
ATOM   1131 N N   . GLY A 1 162 ? -2.114  13.889  6.887   1.00 25.30 ? 162 GLY A N   1 
ATOM   1132 C CA  . GLY A 1 162 ? -1.120  12.832  6.850   1.00 25.24 ? 162 GLY A CA  1 
ATOM   1133 C C   . GLY A 1 162 ? 0.122   13.246  6.068   1.00 24.82 ? 162 GLY A C   1 
ATOM   1134 O O   . GLY A 1 162 ? 1.238   13.006  6.511   1.00 24.94 ? 162 GLY A O   1 
ATOM   1135 N N   . MET A 1 163 ? -0.089  13.852  4.903   1.00 24.79 ? 163 MET A N   1 
ATOM   1136 C CA  . MET A 1 163 ? 1.010   14.388  4.087   1.00 24.33 ? 163 MET A CA  1 
ATOM   1137 C C   . MET A 1 163 ? 1.882   15.361  4.888   1.00 24.88 ? 163 MET A C   1 
ATOM   1138 O O   . MET A 1 163 ? 3.110   15.225  4.913   1.00 25.04 ? 163 MET A O   1 
ATOM   1139 C CB  . MET A 1 163 ? 0.454   15.037  2.819   1.00 24.19 ? 163 MET A CB  1 
ATOM   1140 C CG  . MET A 1 163 ? -0.268  14.063  1.894   1.00 23.85 ? 163 MET A CG  1 
ATOM   1141 S SD  . MET A 1 163 ? -0.995  14.919  0.491   1.00 24.70 ? 163 MET A SD  1 
ATOM   1142 C CE  . MET A 1 163 ? -1.701  13.610  -0.460  1.00 25.10 ? 163 MET A CE  1 
ATOM   1143 N N   . HIS A 1 164 ? 1.245   16.288  5.609   1.00 25.10 ? 164 HIS A N   1 
ATOM   1144 C CA  . HIS A 1 164 ? 1.971   17.199  6.483   1.00 25.55 ? 164 HIS A CA  1 
ATOM   1145 C C   . HIS A 1 164 ? 2.720   16.424  7.559   1.00 25.61 ? 164 HIS A C   1 
ATOM   1146 O O   . HIS A 1 164 ? 3.901   16.694  7.808   1.00 24.87 ? 164 HIS A O   1 
ATOM   1147 C CB  . HIS A 1 164 ? 1.050   18.287  7.091   1.00 26.04 ? 164 HIS A CB  1 
ATOM   1148 C CG  . HIS A 1 164 ? 0.528   19.273  6.081   1.00 28.36 ? 164 HIS A CG  1 
ATOM   1149 N ND1 . HIS A 1 164 ? 1.288   20.321  5.585   1.00 31.65 ? 164 HIS A ND1 1 
ATOM   1150 C CD2 . HIS A 1 164 ? -0.673  19.360  5.462   1.00 27.54 ? 164 HIS A CD2 1 
ATOM   1151 C CE1 . HIS A 1 164 ? 0.567   21.012  4.721   1.00 29.09 ? 164 HIS A CE1 1 
ATOM   1152 N NE2 . HIS A 1 164 ? -0.620  20.442  4.619   1.00 29.20 ? 164 HIS A NE2 1 
ATOM   1153 N N   . TYR A 1 165 ? 2.056   15.444  8.176   1.00 25.16 ? 165 TYR A N   1 
ATOM   1154 C CA  . TYR A 1 165 ? 2.737   14.594  9.143   1.00 24.56 ? 165 TYR A CA  1 
ATOM   1155 C C   . TYR A 1 165 ? 3.970   13.898  8.531   1.00 24.05 ? 165 TYR A C   1 
ATOM   1156 O O   . TYR A 1 165 ? 5.039   13.931  9.118   1.00 23.98 ? 165 TYR A O   1 
ATOM   1157 C CB  . TYR A 1 165 ? 1.813   13.532  9.783   1.00 24.42 ? 165 TYR A CB  1 
ATOM   1158 C CG  . TYR A 1 165 ? 2.643   12.543  10.574  1.00 22.79 ? 165 TYR A CG  1 
ATOM   1159 C CD1 . TYR A 1 165 ? 3.190   12.895  11.815  1.00 21.92 ? 165 TYR A CD1 1 
ATOM   1160 C CD2 . TYR A 1 165 ? 2.962   11.298  10.048  1.00 21.95 ? 165 TYR A CD2 1 
ATOM   1161 C CE1 . TYR A 1 165 ? 4.006   12.004  12.536  1.00 18.83 ? 165 TYR A CE1 1 
ATOM   1162 C CE2 . TYR A 1 165 ? 3.761   10.397  10.760  1.00 19.73 ? 165 TYR A CE2 1 
ATOM   1163 C CZ  . TYR A 1 165 ? 4.274   10.764  11.992  1.00 19.48 ? 165 TYR A CZ  1 
ATOM   1164 O OH  . TYR A 1 165 ? 5.058   9.864   12.656  1.00 22.39 ? 165 TYR A OH  1 
ATOM   1165 N N   . PHE A 1 166 ? 3.829   13.251  7.380   1.00 24.89 ? 166 PHE A N   1 
ATOM   1166 C CA  . PHE A 1 166 ? 5.005   12.558  6.807   1.00 24.90 ? 166 PHE A CA  1 
ATOM   1167 C C   . PHE A 1 166 ? 6.114   13.514  6.332   1.00 25.94 ? 166 PHE A C   1 
ATOM   1168 O O   . PHE A 1 166 ? 7.304   13.189  6.406   1.00 25.65 ? 166 PHE A O   1 
ATOM   1169 C CB  . PHE A 1 166 ? 4.626   11.490  5.784   1.00 25.47 ? 166 PHE A CB  1 
ATOM   1170 C CG  . PHE A 1 166 ? 4.055   10.263  6.432   1.00 23.23 ? 166 PHE A CG  1 
ATOM   1171 C CD1 . PHE A 1 166 ? 4.893   9.384   7.129   1.00 21.79 ? 166 PHE A CD1 1 
ATOM   1172 C CD2 . PHE A 1 166 ? 2.674   10.039  6.433   1.00 22.61 ? 166 PHE A CD2 1 
ATOM   1173 C CE1 . PHE A 1 166 ? 4.365   8.269   7.795   1.00 22.51 ? 166 PHE A CE1 1 
ATOM   1174 C CE2 . PHE A 1 166 ? 2.143   8.917   7.081   1.00 20.39 ? 166 PHE A CE2 1 
ATOM   1175 C CZ  . PHE A 1 166 ? 2.988   8.049   7.771   1.00 21.18 ? 166 PHE A CZ  1 
ATOM   1176 N N   . ASP A 1 167 ? 5.726   14.715  5.924   1.00 26.51 ? 167 ASP A N   1 
ATOM   1177 C CA  . ASP A 1 167 ? 6.726   15.748  5.647   1.00 27.01 ? 167 ASP A CA  1 
ATOM   1178 C C   . ASP A 1 167 ? 7.580   16.076  6.881   1.00 27.11 ? 167 ASP A C   1 
ATOM   1179 O O   . ASP A 1 167 ? 8.800   16.131  6.778   1.00 27.71 ? 167 ASP A O   1 
ATOM   1180 C CB  . ASP A 1 167 ? 6.083   17.000  5.070   1.00 26.20 ? 167 ASP A CB  1 
ATOM   1181 C CG  . ASP A 1 167 ? 7.120   18.025  4.643   1.00 27.68 ? 167 ASP A CG  1 
ATOM   1182 O OD1 . ASP A 1 167 ? 7.800   17.788  3.621   1.00 24.82 ? 167 ASP A OD1 1 
ATOM   1183 O OD2 . ASP A 1 167 ? 7.260   19.045  5.337   1.00 24.19 ? 167 ASP A OD2 1 
ATOM   1184 N N   . THR A 1 168 ? 6.953   16.248  8.048   1.00 28.26 ? 168 THR A N   1 
ATOM   1185 C CA  . THR A 1 168 ? 7.689   16.505  9.293   1.00 28.91 ? 168 THR A CA  1 
ATOM   1186 C C   . THR A 1 168 ? 8.632   15.358  9.664   1.00 28.92 ? 168 THR A C   1 
ATOM   1187 O O   . THR A 1 168 ? 9.735   15.602  10.200  1.00 28.90 ? 168 THR A O   1 
ATOM   1188 C CB  . THR A 1 168 ? 6.765   16.796  10.512  1.00 29.88 ? 168 THR A CB  1 
ATOM   1189 O OG1 . THR A 1 168 ? 6.119   15.578  10.929  1.00 33.95 ? 168 THR A OG1 1 
ATOM   1190 C CG2 . THR A 1 168 ? 5.694   17.859  10.177  1.00 28.36 ? 168 THR A CG2 1 
ATOM   1191 N N   . VAL A 1 169 ? 8.191   14.115  9.423   1.00 28.08 ? 169 VAL A N   1 
ATOM   1192 C CA  . VAL A 1 169 ? 9.047   12.941  9.642   1.00 27.92 ? 169 VAL A CA  1 
ATOM   1193 C C   . VAL A 1 169 ? 10.286  13.036  8.719   1.00 27.79 ? 169 VAL A C   1 
ATOM   1194 O O   . VAL A 1 169 ? 11.418  12.829  9.154   1.00 27.88 ? 169 VAL A O   1 
ATOM   1195 C CB  . VAL A 1 169 ? 8.293   11.587  9.352   1.00 27.71 ? 169 VAL A CB  1 
ATOM   1196 C CG1 . VAL A 1 169 ? 9.251   10.409  9.407   1.00 27.98 ? 169 VAL A CG1 1 
ATOM   1197 C CG2 . VAL A 1 169 ? 7.151   11.366  10.340  1.00 27.90 ? 169 VAL A CG2 1 
ATOM   1198 N N   . LEU A 1 170 ? 10.056  13.328  7.445   1.00 27.45 ? 170 LEU A N   1 
ATOM   1199 C CA  . LEU A 1 170 ? 11.136  13.284  6.458   1.00 28.00 ? 170 LEU A CA  1 
ATOM   1200 C C   . LEU A 1 170 ? 12.087  14.518  6.445   1.00 28.88 ? 170 LEU A C   1 
ATOM   1201 O O   . LEU A 1 170 ? 13.082  14.536  5.708   1.00 28.10 ? 170 LEU A O   1 
ATOM   1202 C CB  . LEU A 1 170 ? 10.564  12.960  5.077   1.00 27.91 ? 170 LEU A CB  1 
ATOM   1203 C CG  . LEU A 1 170 ? 9.840   11.592  5.084   1.00 27.04 ? 170 LEU A CG  1 
ATOM   1204 C CD1 . LEU A 1 170 ? 8.940   11.485  3.877   1.00 24.26 ? 170 LEU A CD1 1 
ATOM   1205 C CD2 . LEU A 1 170 ? 10.855  10.445  5.110   1.00 26.72 ? 170 LEU A CD2 1 
ATOM   1206 N N   . ARG A 1 171 ? 11.802  15.509  7.297   1.00 28.99 ? 171 ARG A N   1 
ATOM   1207 C CA  . ARG A 1 171 ? 12.726  16.612  7.540   1.00 30.14 ? 171 ARG A CA  1 
ATOM   1208 C C   . ARG A 1 171 ? 13.779  16.187  8.548   1.00 30.86 ? 171 ARG A C   1 
ATOM   1209 O O   . ARG A 1 171 ? 14.784  16.875  8.729   1.00 30.95 ? 171 ARG A O   1 
ATOM   1210 C CB  . ARG A 1 171 ? 11.977  17.850  8.037   1.00 30.62 ? 171 ARG A CB  1 
ATOM   1211 C CG  . ARG A 1 171 ? 11.070  18.487  6.984   1.00 30.18 ? 171 ARG A CG  1 
ATOM   1212 C CD  . ARG A 1 171 ? 10.146  19.531  7.599   1.00 34.13 ? 171 ARG A CD  1 
ATOM   1213 N NE  . ARG A 1 171 ? 10.746  20.120  8.793   1.00 39.46 ? 171 ARG A NE  1 
ATOM   1214 C CZ  . ARG A 1 171 ? 10.073  20.541  9.870   1.00 42.82 ? 171 ARG A CZ  1 
ATOM   1215 N NH1 . ARG A 1 171 ? 10.744  21.050  10.898  1.00 43.92 ? 171 ARG A NH1 1 
ATOM   1216 N NH2 . ARG A 1 171 ? 8.741   20.465  9.927   1.00 43.15 ? 171 ARG A NH2 1 
ATOM   1217 N N   . GLU A 1 172 ? 13.555  15.037  9.184   1.00 30.90 ? 172 GLU A N   1 
ATOM   1218 C CA  . GLU A 1 172 ? 14.426  14.561  10.245  1.00 31.40 ? 172 GLU A CA  1 
ATOM   1219 C C   . GLU A 1 172 ? 15.107  13.239  9.915   1.00 30.91 ? 172 GLU A C   1 
ATOM   1220 O O   . GLU A 1 172 ? 16.177  12.945  10.444  1.00 31.10 ? 172 GLU A O   1 
ATOM   1221 C CB  . GLU A 1 172 ? 13.685  14.525  11.595  1.00 31.96 ? 172 GLU A CB  1 
ATOM   1222 C CG  . GLU A 1 172 ? 13.306  15.955  12.081  1.00 34.81 ? 172 GLU A CG  1 
ATOM   1223 C CD  . GLU A 1 172 ? 13.219  16.095  13.595  0.50 34.02 ? 172 GLU A CD  1 
ATOM   1224 O OE1 . GLU A 1 172 ? 12.284  15.533  14.193  0.50 34.38 ? 172 GLU A OE1 1 
ATOM   1225 O OE2 . GLU A 1 172 ? 14.071  16.796  14.177  0.50 32.50 ? 172 GLU A OE2 1 
ATOM   1226 N N   . ARG A 1 173 ? 14.524  12.451  9.017   1.00 30.28 ? 173 ARG A N   1 
ATOM   1227 C CA  . ARG A 1 173 ? 15.182  11.204  8.620   1.00 29.96 ? 173 ARG A CA  1 
ATOM   1228 C C   . ARG A 1 173 ? 14.984  10.906  7.136   1.00 28.89 ? 173 ARG A C   1 
ATOM   1229 O O   . ARG A 1 173 ? 14.000  11.363  6.551   1.00 28.14 ? 173 ARG A O   1 
ATOM   1230 C CB  . ARG A 1 173 ? 14.742  10.040  9.515   1.00 30.98 ? 173 ARG A CB  1 
ATOM   1231 C CG  . ARG A 1 173 ? 13.318  10.111  9.953   1.00 33.44 ? 173 ARG A CG  1 
ATOM   1232 C CD  . ARG A 1 173 ? 13.160  9.481   11.342  1.00 40.73 ? 173 ARG A CD  1 
ATOM   1233 N NE  . ARG A 1 173 ? 11.912  8.737   11.389  1.00 42.42 ? 173 ARG A NE  1 
ATOM   1234 C CZ  . ARG A 1 173 ? 11.440  8.075   12.443  1.00 44.39 ? 173 ARG A CZ  1 
ATOM   1235 N NH1 . ARG A 1 173 ? 12.110  8.036   13.596  1.00 43.68 ? 173 ARG A NH1 1 
ATOM   1236 N NH2 . ARG A 1 173 ? 10.286  7.434   12.321  1.00 42.37 ? 173 ARG A NH2 1 
ATOM   1237 N N   . PRO A 1 174 ? 15.953  10.188  6.511   1.00 27.73 ? 174 PRO A N   1 
ATOM   1238 C CA  . PRO A 1 174 ? 15.961  9.926   5.058   1.00 27.45 ? 174 PRO A CA  1 
ATOM   1239 C C   . PRO A 1 174 ? 14.886  8.950   4.555   1.00 26.94 ? 174 PRO A C   1 
ATOM   1240 O O   . PRO A 1 174 ? 14.575  8.933   3.366   1.00 26.46 ? 174 PRO A O   1 
ATOM   1241 C CB  . PRO A 1 174 ? 17.353  9.330   4.809   1.00 27.14 ? 174 PRO A CB  1 
ATOM   1242 C CG  . PRO A 1 174 ? 17.805  8.819   6.147   1.00 27.49 ? 174 PRO A CG  1 
ATOM   1243 C CD  . PRO A 1 174 ? 17.199  9.737   7.158   1.00 27.65 ? 174 PRO A CD  1 
ATOM   1244 N N   . TYR A 1 175 ? 14.360  8.123   5.450   1.00 27.07 ? 175 TYR A N   1 
ATOM   1245 C CA  . TYR A 1 175 ? 13.348  7.127   5.092   1.00 26.67 ? 175 TYR A CA  1 
ATOM   1246 C C   . TYR A 1 175 ? 12.296  7.207   6.187   1.00 26.04 ? 175 TYR A C   1 
ATOM   1247 O O   . TYR A 1 175 ? 12.560  7.761   7.241   1.00 25.11 ? 175 TYR A O   1 
ATOM   1248 C CB  . TYR A 1 175 ? 13.969  5.714   5.041   1.00 27.00 ? 175 TYR A CB  1 
ATOM   1249 C CG  . TYR A 1 175 ? 15.056  5.551   3.987   1.00 28.14 ? 175 TYR A CG  1 
ATOM   1250 C CD1 . TYR A 1 175 ? 16.412  5.536   4.332   1.00 27.79 ? 175 TYR A CD1 1 
ATOM   1251 C CD2 . TYR A 1 175 ? 14.716  5.430   2.638   1.00 29.48 ? 175 TYR A CD2 1 
ATOM   1252 C CE1 . TYR A 1 175 ? 17.406  5.401   3.339   1.00 29.95 ? 175 TYR A CE1 1 
ATOM   1253 C CE2 . TYR A 1 175 ? 15.685  5.292   1.660   1.00 30.63 ? 175 TYR A CE2 1 
ATOM   1254 C CZ  . TYR A 1 175 ? 17.022  5.279   2.011   1.00 30.50 ? 175 TYR A CZ  1 
ATOM   1255 O OH  . TYR A 1 175 ? 17.947  5.144   0.995   1.00 31.64 ? 175 TYR A OH  1 
ATOM   1256 N N   . VAL A 1 176 ? 11.118  6.640   5.943   1.00 25.24 ? 176 VAL A N   1 
ATOM   1257 C CA  . VAL A 1 176 ? 9.997   6.811   6.860   1.00 24.38 ? 176 VAL A CA  1 
ATOM   1258 C C   . VAL A 1 176 ? 10.262  6.294   8.269   1.00 24.48 ? 176 VAL A C   1 
ATOM   1259 O O   . VAL A 1 176 ? 9.897   6.952   9.231   1.00 24.47 ? 176 VAL A O   1 
ATOM   1260 C CB  . VAL A 1 176 ? 8.673   6.218   6.278   1.00 23.60 ? 176 VAL A CB  1 
ATOM   1261 C CG1 . VAL A 1 176 ? 7.554   6.283   7.293   1.00 22.74 ? 176 VAL A CG1 1 
ATOM   1262 C CG2 . VAL A 1 176 ? 8.277   6.984   5.049   1.00 22.19 ? 176 VAL A CG2 1 
ATOM   1263 N N   . ALA A 1 177 ? 10.912  5.139   8.393   1.00 25.59 ? 177 ALA A N   1 
ATOM   1264 C CA  . ALA A 1 177 ? 11.186  4.562   9.715   1.00 26.73 ? 177 ALA A CA  1 
ATOM   1265 C C   . ALA A 1 177 ? 12.598  4.854   10.277  1.00 27.81 ? 177 ALA A C   1 
ATOM   1266 O O   . ALA A 1 177 ? 12.945  4.373   11.356  1.00 27.10 ? 177 ALA A O   1 
ATOM   1267 C CB  . ALA A 1 177 ? 10.935  3.059   9.703   1.00 27.15 ? 177 ALA A CB  1 
ATOM   1268 N N   . GLY A 1 178 ? 13.408  5.632   9.563   1.00 28.71 ? 178 GLY A N   1 
ATOM   1269 C CA  . GLY A 1 178 ? 14.758  5.923   10.062  1.00 30.13 ? 178 GLY A CA  1 
ATOM   1270 C C   . GLY A 1 178 ? 15.810  5.971   8.982   1.00 30.87 ? 178 GLY A C   1 
ATOM   1271 O O   . GLY A 1 178 ? 15.626  6.613   7.950   1.00 31.48 ? 178 GLY A O   1 
ATOM   1272 N N   . ASP A 1 179 ? 16.915  5.281   9.219   1.00 32.23 ? 179 ASP A N   1 
ATOM   1273 C CA  . ASP A 1 179 ? 18.093  5.420   8.373   1.00 33.34 ? 179 ASP A CA  1 
ATOM   1274 C C   . ASP A 1 179 ? 18.087  4.482   7.177   1.00 32.61 ? 179 ASP A C   1 
ATOM   1275 O O   . ASP A 1 179 ? 18.949  4.578   6.300   1.00 32.23 ? 179 ASP A O   1 
ATOM   1276 C CB  . ASP A 1 179 ? 19.370  5.252   9.211   1.00 34.53 ? 179 ASP A CB  1 
ATOM   1277 C CG  . ASP A 1 179 ? 19.663  6.475   10.070  1.00 38.10 ? 179 ASP A CG  1 
ATOM   1278 O OD1 . ASP A 1 179 ? 19.576  7.607   9.544   1.00 41.43 ? 179 ASP A OD1 1 
ATOM   1279 O OD2 . ASP A 1 179 ? 19.983  6.310   11.275  1.00 43.20 ? 179 ASP A OD2 1 
ATOM   1280 N N   . SER A 1 180 ? 17.082  3.608   7.126   1.00 32.03 ? 180 SER A N   1 
ATOM   1281 C CA  . SER A 1 180 ? 16.979  2.574   6.110   1.00 31.33 ? 180 SER A CA  1 
ATOM   1282 C C   . SER A 1 180 ? 15.584  2.472   5.510   1.00 30.65 ? 180 SER A C   1 
ATOM   1283 O O   . SER A 1 180 ? 14.585  2.723   6.207   1.00 29.98 ? 180 SER A O   1 
ATOM   1284 C CB  . SER A 1 180 ? 17.319  1.221   6.747   1.00 32.57 ? 180 SER A CB  1 
ATOM   1285 O OG  . SER A 1 180 ? 18.679  1.212   7.121   1.00 36.54 ? 180 SER A OG  1 
ATOM   1286 N N   . PHE A 1 181 ? 15.545  2.084   4.226   1.00 28.89 ? 181 PHE A N   1 
ATOM   1287 C CA  . PHE A 1 181 ? 14.336  1.783   3.467   1.00 28.13 ? 181 PHE A CA  1 
ATOM   1288 C C   . PHE A 1 181 ? 13.601  0.629   4.133   1.00 27.55 ? 181 PHE A C   1 
ATOM   1289 O O   . PHE A 1 181 ? 14.214  -0.378  4.510   1.00 27.75 ? 181 PHE A O   1 
ATOM   1290 C CB  . PHE A 1 181 ? 14.703  1.398   2.024   1.00 27.47 ? 181 PHE A CB  1 
ATOM   1291 C CG  . PHE A 1 181 ? 13.507  1.159   1.098   1.00 27.41 ? 181 PHE A CG  1 
ATOM   1292 C CD1 . PHE A 1 181 ? 12.831  2.230   0.506   1.00 26.26 ? 181 PHE A CD1 1 
ATOM   1293 C CD2 . PHE A 1 181 ? 13.069  -0.148  0.815   1.00 27.40 ? 181 PHE A CD2 1 
ATOM   1294 C CE1 . PHE A 1 181 ? 11.739  2.022   -0.369  1.00 24.53 ? 181 PHE A CE1 1 
ATOM   1295 C CE2 . PHE A 1 181 ? 11.980  -0.379  -0.062  1.00 27.19 ? 181 PHE A CE2 1 
ATOM   1296 C CZ  . PHE A 1 181 ? 11.320  0.702   -0.664  1.00 27.60 ? 181 PHE A CZ  1 
ATOM   1297 N N   . SER A 1 182 ? 12.286  0.750   4.259   1.00 26.24 ? 182 SER A N   1 
ATOM   1298 C CA  . SER A 1 182 ? 11.519  -0.331  4.908   1.00 24.92 ? 182 SER A CA  1 
ATOM   1299 C C   . SER A 1 182 ? 10.126  -0.453  4.345   1.00 24.61 ? 182 SER A C   1 
ATOM   1300 O O   . SER A 1 182 ? 9.727   0.318   3.461   1.00 23.36 ? 182 SER A O   1 
ATOM   1301 C CB  . SER A 1 182 ? 11.451  -0.111  6.421   1.00 24.84 ? 182 SER A CB  1 
ATOM   1302 O OG  . SER A 1 182 ? 10.575  0.972   6.762   1.00 24.65 ? 182 SER A OG  1 
ATOM   1303 N N   . MET A 1 183 ? 9.389   -1.438  4.859   1.00 23.50 ? 183 MET A N   1 
ATOM   1304 C CA  . MET A 1 183 ? 7.963   -1.608  4.535   1.00 22.72 ? 183 MET A CA  1 
ATOM   1305 C C   . MET A 1 183 ? 7.198   -0.275  4.628   1.00 21.84 ? 183 MET A C   1 
ATOM   1306 O O   . MET A 1 183 ? 6.278   -0.028  3.831   1.00 21.65 ? 183 MET A O   1 
ATOM   1307 C CB  . MET A 1 183 ? 7.356   -2.621  5.503   1.00 21.72 ? 183 MET A CB  1 
ATOM   1308 C CG  . MET A 1 183 ? 5.889   -2.882  5.324   1.00 22.96 ? 183 MET A CG  1 
ATOM   1309 S SD  . MET A 1 183 ? 5.374   -4.291  6.300   1.00 20.09 ? 183 MET A SD  1 
ATOM   1310 C CE  . MET A 1 183 ? 5.858   -3.880  7.980   1.00 17.47 ? 183 MET A CE  1 
ATOM   1311 N N   . ALA A 1 184 ? 7.570   0.543   5.608   1.00 21.28 ? 184 ALA A N   1 
ATOM   1312 C CA  . ALA A 1 184 ? 6.934   1.855   5.850   1.00 22.09 ? 184 ALA A CA  1 
ATOM   1313 C C   . ALA A 1 184 ? 7.039   2.836   4.681   1.00 21.28 ? 184 ALA A C   1 
ATOM   1314 O O   . ALA A 1 184 ? 6.075   3.556   4.358   1.00 21.00 ? 184 ALA A O   1 
ATOM   1315 C CB  . ALA A 1 184 ? 7.489   2.488   7.115   1.00 20.75 ? 184 ALA A CB  1 
ATOM   1316 N N   . ASP A 1 185 ? 8.200   2.891   4.043   1.00 21.56 ? 185 ASP A N   1 
ATOM   1317 C CA  . ASP A 1 185 ? 8.334   3.731   2.852   1.00 21.66 ? 185 ASP A CA  1 
ATOM   1318 C C   . ASP A 1 185 ? 7.380   3.238   1.775   1.00 21.60 ? 185 ASP A C   1 
ATOM   1319 O O   . ASP A 1 185 ? 6.773   4.038   1.055   1.00 21.79 ? 185 ASP A O   1 
ATOM   1320 C CB  . ASP A 1 185 ? 9.768   3.664   2.325   1.00 22.11 ? 185 ASP A CB  1 
ATOM   1321 C CG  . ASP A 1 185 ? 10.752  4.244   3.289   1.00 22.73 ? 185 ASP A CG  1 
ATOM   1322 O OD1 . ASP A 1 185 ? 10.826  5.500   3.385   1.00 22.66 ? 185 ASP A OD1 1 
ATOM   1323 O OD2 . ASP A 1 185 ? 11.420  3.449   3.982   1.00 24.24 ? 185 ASP A OD2 1 
ATOM   1324 N N   . ILE A 1 186 ? 7.266   1.911   1.650   1.00 21.26 ? 186 ILE A N   1 
ATOM   1325 C CA  . ILE A 1 186 ? 6.422   1.322   0.621   1.00 21.17 ? 186 ILE A CA  1 
ATOM   1326 C C   . ILE A 1 186 ? 4.957   1.741   0.825   1.00 20.93 ? 186 ILE A C   1 
ATOM   1327 O O   . ILE A 1 186 ? 4.269   2.080   -0.122  1.00 21.30 ? 186 ILE A O   1 
ATOM   1328 C CB  . ILE A 1 186 ? 6.559   -0.233  0.555   1.00 21.24 ? 186 ILE A CB  1 
ATOM   1329 C CG1 . ILE A 1 186 ? 8.036   -0.635  0.318   1.00 22.57 ? 186 ILE A CG1 1 
ATOM   1330 C CG2 . ILE A 1 186 ? 5.679   -0.787  -0.550  1.00 19.76 ? 186 ILE A CG2 1 
ATOM   1331 C CD1 . ILE A 1 186 ? 8.329   -2.181  0.457   1.00 20.60 ? 186 ILE A CD1 1 
ATOM   1332 N N   . THR A 1 187 ? 4.495   1.733   2.069   1.00 20.81 ? 187 THR A N   1 
ATOM   1333 C CA  . THR A 1 187 ? 3.121   2.163   2.372   1.00 20.50 ? 187 THR A CA  1 
ATOM   1334 C C   . THR A 1 187 ? 2.876   3.657   1.999   1.00 19.94 ? 187 THR A C   1 
ATOM   1335 O O   . THR A 1 187 ? 1.880   3.994   1.347   1.00 19.06 ? 187 THR A O   1 
ATOM   1336 C CB  . THR A 1 187 ? 2.804   1.885   3.839   1.00 20.86 ? 187 THR A CB  1 
ATOM   1337 O OG1 . THR A 1 187 ? 3.210   0.542   4.152   1.00 19.43 ? 187 THR A OG1 1 
ATOM   1338 C CG2 . THR A 1 187 ? 1.248   2.084   4.144   1.00 19.65 ? 187 THR A CG2 1 
ATOM   1339 N N   . VAL A 1 188 ? 3.809   4.532   2.359   1.00 19.87 ? 188 VAL A N   1 
ATOM   1340 C CA  . VAL A 1 188 ? 3.707   5.956   1.974   1.00 20.23 ? 188 VAL A CA  1 
ATOM   1341 C C   . VAL A 1 188 ? 3.757   6.120   0.451   1.00 20.64 ? 188 VAL A C   1 
ATOM   1342 O O   . VAL A 1 188 ? 2.942   6.844   -0.145  1.00 21.54 ? 188 VAL A O   1 
ATOM   1343 C CB  . VAL A 1 188 ? 4.760   6.836   2.743   1.00 20.65 ? 188 VAL A CB  1 
ATOM   1344 C CG1 . VAL A 1 188 ? 4.627   8.340   2.379   1.00 20.75 ? 188 VAL A CG1 1 
ATOM   1345 C CG2 . VAL A 1 188 ? 4.566   6.662   4.221   1.00 18.60 ? 188 VAL A CG2 1 
ATOM   1346 N N   . ILE A 1 189 ? 4.669   5.403   -0.200  1.00 20.83 ? 189 ILE A N   1 
ATOM   1347 C CA  . ILE A 1 189 ? 4.715   5.413   -1.659  1.00 21.14 ? 189 ILE A CA  1 
ATOM   1348 C C   . ILE A 1 189 ? 3.319   5.056   -2.187  1.00 21.21 ? 189 ILE A C   1 
ATOM   1349 O O   . ILE A 1 189 ? 2.759   5.775   -3.012  1.00 20.98 ? 189 ILE A O   1 
ATOM   1350 C CB  . ILE A 1 189 ? 5.770   4.406   -2.202  1.00 20.48 ? 189 ILE A CB  1 
ATOM   1351 C CG1 . ILE A 1 189 ? 7.197   4.932   -1.961  1.00 20.47 ? 189 ILE A CG1 1 
ATOM   1352 C CG2 . ILE A 1 189 ? 5.543   4.127   -3.683  1.00 20.74 ? 189 ILE A CG2 1 
ATOM   1353 C CD1 . ILE A 1 189 ? 8.294   3.843   -2.091  1.00 21.51 ? 189 ILE A CD1 1 
ATOM   1354 N N   . ALA A 1 190 ? 2.759   3.941   -1.714  1.00 21.41 ? 190 ALA A N   1 
ATOM   1355 C CA  . ALA A 1 190 ? 1.419   3.535   -2.170  1.00 21.71 ? 190 ALA A CA  1 
ATOM   1356 C C   . ALA A 1 190 ? 0.354   4.605   -1.856  1.00 21.66 ? 190 ALA A C   1 
ATOM   1357 O O   . ALA A 1 190 ? -0.566  4.827   -2.650  1.00 23.08 ? 190 ALA A O   1 
ATOM   1358 C CB  . ALA A 1 190 ? 1.035   2.202   -1.572  1.00 20.93 ? 190 ALA A CB  1 
ATOM   1359 N N   . GLY A 1 191 ? 0.500   5.269   -0.716  1.00 21.63 ? 191 GLY A N   1 
ATOM   1360 C CA  . GLY A 1 191 ? -0.352  6.405   -0.359  1.00 22.13 ? 191 GLY A CA  1 
ATOM   1361 C C   . GLY A 1 191 ? -0.295  7.524   -1.387  1.00 22.40 ? 191 GLY A C   1 
ATOM   1362 O O   . GLY A 1 191 ? -1.328  8.079   -1.779  1.00 22.02 ? 191 GLY A O   1 
ATOM   1363 N N   . LEU A 1 192 ? 0.908   7.827   -1.865  1.00 22.62 ? 192 LEU A N   1 
ATOM   1364 C CA  . LEU A 1 192 ? 1.072   8.895   -2.841  1.00 23.16 ? 192 LEU A CA  1 
ATOM   1365 C C   . LEU A 1 192 ? 0.640   8.471   -4.225  1.00 23.26 ? 192 LEU A C   1 
ATOM   1366 O O   . LEU A 1 192 ? 0.090   9.268   -4.962  1.00 23.28 ? 192 LEU A O   1 
ATOM   1367 C CB  . LEU A 1 192 ? 2.487   9.496   -2.809  1.00 22.51 ? 192 LEU A CB  1 
ATOM   1368 C CG  . LEU A 1 192 ? 2.852   10.145  -1.459  1.00 24.76 ? 192 LEU A CG  1 
ATOM   1369 C CD1 . LEU A 1 192 ? 4.242   10.804  -1.491  1.00 24.62 ? 192 LEU A CD1 1 
ATOM   1370 C CD2 . LEU A 1 192 ? 1.802   11.168  -0.976  1.00 23.35 ? 192 LEU A CD2 1 
ATOM   1371 N N   . ILE A 1 193 ? 0.851   7.204   -4.571  1.00 23.93 ? 193 ILE A N   1 
ATOM   1372 C CA  . ILE A 1 193 ? 0.294   6.685   -5.811  1.00 23.96 ? 193 ILE A CA  1 
ATOM   1373 C C   . ILE A 1 193 ? -1.221  6.842   -5.835  1.00 23.82 ? 193 ILE A C   1 
ATOM   1374 O O   . ILE A 1 193 ? -1.785  7.296   -6.834  1.00 23.94 ? 193 ILE A O   1 
ATOM   1375 C CB  . ILE A 1 193 ? 0.705   5.205   -6.069  1.00 23.74 ? 193 ILE A CB  1 
ATOM   1376 C CG1 . ILE A 1 193 ? 2.213   5.151   -6.383  1.00 25.86 ? 193 ILE A CG1 1 
ATOM   1377 C CG2 . ILE A 1 193 ? -0.074  4.630   -7.230  1.00 24.22 ? 193 ILE A CG2 1 
ATOM   1378 C CD1 . ILE A 1 193 ? 2.809   3.730   -6.398  1.00 28.47 ? 193 ILE A CD1 1 
ATOM   1379 N N   . PHE A 1 194 ? -1.890  6.454   -4.745  1.00 23.46 ? 194 PHE A N   1 
ATOM   1380 C CA  . PHE A 1 194 ? -3.329  6.599   -4.684  1.00 23.25 ? 194 PHE A CA  1 
ATOM   1381 C C   . PHE A 1 194 ? -3.687  8.096   -4.756  1.00 23.44 ? 194 PHE A C   1 
ATOM   1382 O O   . PHE A 1 194 ? -4.666  8.478   -5.405  1.00 23.43 ? 194 PHE A O   1 
ATOM   1383 C CB  . PHE A 1 194 ? -3.909  5.965   -3.396  1.00 23.00 ? 194 PHE A CB  1 
ATOM   1384 C CG  . PHE A 1 194 ? -5.229  5.254   -3.601  1.00 22.97 ? 194 PHE A CG  1 
ATOM   1385 C CD1 . PHE A 1 194 ? -6.171  5.743   -4.487  1.00 22.87 ? 194 PHE A CD1 1 
ATOM   1386 C CD2 . PHE A 1 194 ? -5.522  4.090   -2.892  1.00 20.53 ? 194 PHE A CD2 1 
ATOM   1387 C CE1 . PHE A 1 194 ? -7.401  5.091   -4.662  1.00 23.74 ? 194 PHE A CE1 1 
ATOM   1388 C CE2 . PHE A 1 194 ? -6.713  3.430   -3.066  1.00 20.19 ? 194 PHE A CE2 1 
ATOM   1389 C CZ  . PHE A 1 194 ? -7.660  3.920   -3.955  1.00 23.11 ? 194 PHE A CZ  1 
ATOM   1390 N N   . ALA A 1 195 ? -2.915  8.928   -4.063  1.00 23.68 ? 195 ALA A N   1 
ATOM   1391 C CA  . ALA A 1 195 ? -3.221  10.354  -4.020  1.00 25.07 ? 195 ALA A CA  1 
ATOM   1392 C C   . ALA A 1 195 ? -3.233  10.932  -5.447  1.00 25.75 ? 195 ALA A C   1 
ATOM   1393 O O   . ALA A 1 195 ? -4.070  11.774  -5.764  1.00 24.47 ? 195 ALA A O   1 
ATOM   1394 C CB  . ALA A 1 195 ? -2.241  11.111  -3.114  1.00 24.92 ? 195 ALA A CB  1 
ATOM   1395 N N   . ALA A 1 196 ? -2.309  10.449  -6.290  1.00 26.57 ? 196 ALA A N   1 
ATOM   1396 C CA  . ALA A 1 196 ? -2.177  10.907  -7.680  1.00 27.02 ? 196 ALA A CA  1 
ATOM   1397 C C   . ALA A 1 196 ? -3.383  10.463  -8.477  1.00 27.85 ? 196 ALA A C   1 
ATOM   1398 O O   . ALA A 1 196 ? -3.936  11.238  -9.270  1.00 27.25 ? 196 ALA A O   1 
ATOM   1399 C CB  . ALA A 1 196 ? -0.897  10.341  -8.316  1.00 28.06 ? 196 ALA A CB  1 
ATOM   1400 N N   . ILE A 1 197 ? -3.802  9.216   -8.256  1.00 27.04 ? 197 ILE A N   1 
ATOM   1401 C CA  . ILE A 1 197 ? -5.001  8.696   -8.903  1.00 27.06 ? 197 ILE A CA  1 
ATOM   1402 C C   . ILE A 1 197 ? -6.202  9.631   -8.719  1.00 27.52 ? 197 ILE A C   1 
ATOM   1403 O O   . ILE A 1 197 ? -6.909  9.940   -9.694  1.00 27.31 ? 197 ILE A O   1 
ATOM   1404 C CB  . ILE A 1 197 ? -5.314  7.239   -8.460  1.00 26.81 ? 197 ILE A CB  1 
ATOM   1405 C CG1 . ILE A 1 197 ? -4.298  6.293   -9.101  1.00 27.35 ? 197 ILE A CG1 1 
ATOM   1406 C CG2 . ILE A 1 197 ? -6.720  6.813   -8.871  1.00 25.98 ? 197 ILE A CG2 1 
ATOM   1407 C CD1 . ILE A 1 197 ? -4.333  4.885   -8.504  1.00 28.17 ? 197 ILE A CD1 1 
ATOM   1408 N N   . VAL A 1 198 ? -6.397  10.114  -7.496  1.00 26.94 ? 198 VAL A N   1 
ATOM   1409 C CA  . VAL A 1 198 ? -7.558  10.945  -7.170  1.00 27.05 ? 198 VAL A CA  1 
ATOM   1410 C C   . VAL A 1 198 ? -7.275  12.436  -7.242  1.00 27.55 ? 198 VAL A C   1 
ATOM   1411 O O   . VAL A 1 198 ? -8.142  13.250  -6.893  1.00 27.09 ? 198 VAL A O   1 
ATOM   1412 C CB  . VAL A 1 198 ? -8.142  10.610  -5.769  1.00 27.05 ? 198 VAL A CB  1 
ATOM   1413 C CG1 . VAL A 1 198 ? -8.693  9.197   -5.753  1.00 25.35 ? 198 VAL A CG1 1 
ATOM   1414 C CG2 . VAL A 1 198 ? -7.090  10.839  -4.665  1.00 24.28 ? 198 VAL A CG2 1 
ATOM   1415 N N   . LYS A 1 199 ? -6.065  12.786  -7.689  1.00 28.24 ? 199 LYS A N   1 
ATOM   1416 C CA  . LYS A 1 199 ? -5.626  14.190  -7.843  1.00 28.62 ? 199 LYS A CA  1 
ATOM   1417 C C   . LYS A 1 199 ? -5.669  14.962  -6.529  1.00 29.10 ? 199 LYS A C   1 
ATOM   1418 O O   . LYS A 1 199 ? -5.976  16.155  -6.499  1.00 28.95 ? 199 LYS A O   1 
ATOM   1419 C CB  . LYS A 1 199 ? -6.431  14.921  -8.943  1.00 29.27 ? 199 LYS A CB  1 
ATOM   1420 C CG  . LYS A 1 199 ? -6.495  14.183  -10.302 1.00 30.23 ? 199 LYS A CG  1 
ATOM   1421 C CD  . LYS A 1 199 ? -5.068  13.950  -10.842 1.00 33.01 ? 199 LYS A CD  1 
ATOM   1422 C CE  . LYS A 1 199 ? -5.022  13.096  -12.140 1.00 34.87 ? 199 LYS A CE  1 
ATOM   1423 N NZ  . LYS A 1 199 ? -5.285  11.589  -11.945 1.00 31.95 ? 199 LYS A NZ  1 
ATOM   1424 N N   . LEU A 1 200 ? -5.369  14.270  -5.431  1.00 29.09 ? 200 LEU A N   1 
ATOM   1425 C CA  . LEU A 1 200 ? -5.170  14.927  -4.164  1.00 28.82 ? 200 LEU A CA  1 
ATOM   1426 C C   . LEU A 1 200 ? -3.716  15.370  -4.121  1.00 29.34 ? 200 LEU A C   1 
ATOM   1427 O O   . LEU A 1 200 ? -2.792  14.558  -3.927  1.00 27.72 ? 200 LEU A O   1 
ATOM   1428 C CB  . LEU A 1 200 ? -5.510  13.996  -2.988  1.00 29.15 ? 200 LEU A CB  1 
ATOM   1429 C CG  . LEU A 1 200 ? -5.357  14.621  -1.600  1.00 29.10 ? 200 LEU A CG  1 
ATOM   1430 C CD1 . LEU A 1 200 ? -6.337  15.799  -1.384  1.00 30.32 ? 200 LEU A CD1 1 
ATOM   1431 C CD2 . LEU A 1 200 ? -5.566  13.555  -0.540  1.00 29.70 ? 200 LEU A CD2 1 
ATOM   1432 N N   . GLN A 1 201 ? -3.519  16.676  -4.288  1.00 29.67 ? 201 GLN A N   1 
ATOM   1433 C CA  . GLN A 1 201 ? -2.182  17.193  -4.532  1.00 30.21 ? 201 GLN A CA  1 
ATOM   1434 C C   . GLN A 1 201 ? -1.388  17.270  -3.250  1.00 29.48 ? 201 GLN A C   1 
ATOM   1435 O O   . GLN A 1 201 ? -1.901  17.658  -2.196  1.00 29.71 ? 201 GLN A O   1 
ATOM   1436 C CB  . GLN A 1 201 ? -2.225  18.556  -5.246  1.00 30.51 ? 201 GLN A CB  1 
ATOM   1437 C CG  . GLN A 1 201 ? -1.082  18.713  -6.233  1.00 34.95 ? 201 GLN A CG  1 
ATOM   1438 C CD  . GLN A 1 201 ? -1.212  19.916  -7.122  0.50 36.21 ? 201 GLN A CD  1 
ATOM   1439 O OE1 . GLN A 1 201 ? -1.969  19.915  -8.092  0.50 34.78 ? 201 GLN A OE1 1 
ATOM   1440 N NE2 . GLN A 1 201 ? -0.459  20.958  -6.803  1.00 38.32 ? 201 GLN A NE2 1 
ATOM   1441 N N   . VAL A 1 202 ? -0.130  16.876  -3.339  1.00 28.93 ? 202 VAL A N   1 
ATOM   1442 C CA  . VAL A 1 202 ? 0.763   17.062  -2.225  1.00 29.21 ? 202 VAL A CA  1 
ATOM   1443 C C   . VAL A 1 202 ? 1.008   18.561  -2.121  1.00 29.76 ? 202 VAL A C   1 
ATOM   1444 O O   . VAL A 1 202 ? 1.363   19.193  -3.108  1.00 28.97 ? 202 VAL A O   1 
ATOM   1445 C CB  . VAL A 1 202 ? 2.074   16.294  -2.403  1.00 29.37 ? 202 VAL A CB  1 
ATOM   1446 C CG1 . VAL A 1 202 ? 3.024   16.581  -1.221  1.00 29.50 ? 202 VAL A CG1 1 
ATOM   1447 C CG2 . VAL A 1 202 ? 1.787   14.783  -2.538  1.00 29.15 ? 202 VAL A CG2 1 
ATOM   1448 N N   . PRO A 1 203 ? 0.796   19.139  -0.929  1.00 30.23 ? 203 PRO A N   1 
ATOM   1449 C CA  . PRO A 1 203 ? 0.982   20.569  -0.818  1.00 30.99 ? 203 PRO A CA  1 
ATOM   1450 C C   . PRO A 1 203 ? 2.403   20.958  -1.211  1.00 32.22 ? 203 PRO A C   1 
ATOM   1451 O O   . PRO A 1 203 ? 3.344   20.193  -0.968  1.00 32.25 ? 203 PRO A O   1 
ATOM   1452 C CB  . PRO A 1 203 ? 0.735   20.833  0.663   1.00 30.25 ? 203 PRO A CB  1 
ATOM   1453 C CG  . PRO A 1 203 ? -0.228  19.749  1.069   1.00 30.50 ? 203 PRO A CG  1 
ATOM   1454 C CD  . PRO A 1 203 ? 0.281   18.551  0.320   1.00 30.34 ? 203 PRO A CD  1 
ATOM   1455 N N   . GLU A 1 204 ? 2.536   22.136  -1.821  1.00 33.20 ? 204 GLU A N   1 
ATOM   1456 C CA  . GLU A 1 204 ? 3.830   22.751  -2.163  1.00 34.06 ? 204 GLU A CA  1 
ATOM   1457 C C   . GLU A 1 204 ? 4.802   22.787  -0.978  1.00 33.24 ? 204 GLU A C   1 
ATOM   1458 O O   . GLU A 1 204 ? 5.964   22.407  -1.123  1.00 33.30 ? 204 GLU A O   1 
ATOM   1459 C CB  . GLU A 1 204 ? 3.602   24.175  -2.736  1.00 35.22 ? 204 GLU A CB  1 
ATOM   1460 C CG  . GLU A 1 204 ? 4.881   25.059  -2.905  1.00 40.81 ? 204 GLU A CG  1 
ATOM   1461 C CD  . GLU A 1 204 ? 5.204   25.968  -1.692  1.00 45.93 ? 204 GLU A CD  1 
ATOM   1462 O OE1 . GLU A 1 204 ? 4.294   26.670  -1.190  1.00 48.33 ? 204 GLU A OE1 1 
ATOM   1463 O OE2 . GLU A 1 204 ? 6.385   26.004  -1.258  1.00 48.76 ? 204 GLU A OE2 1 
ATOM   1464 N N   . GLU A 1 205 ? 4.328   23.241  0.183   1.00 32.19 ? 205 GLU A N   1 
ATOM   1465 C CA  . GLU A 1 205 ? 5.180   23.380  1.361   1.00 31.85 ? 205 GLU A CA  1 
ATOM   1466 C C   . GLU A 1 205 ? 5.660   22.062  1.946   1.00 31.27 ? 205 GLU A C   1 
ATOM   1467 O O   . GLU A 1 205 ? 6.401   22.064  2.919   1.00 30.93 ? 205 GLU A O   1 
ATOM   1468 C CB  . GLU A 1 205 ? 4.496   24.202  2.464   1.00 32.29 ? 205 GLU A CB  1 
ATOM   1469 C CG  . GLU A 1 205 ? 3.356   23.485  3.168   1.00 34.32 ? 205 GLU A CG  1 
ATOM   1470 C CD  . GLU A 1 205 ? 2.023   23.704  2.491   1.00 36.62 ? 205 GLU A CD  1 
ATOM   1471 O OE1 . GLU A 1 205 ? 1.993   23.841  1.251   1.00 38.61 ? 205 GLU A OE1 1 
ATOM   1472 O OE2 . GLU A 1 205 ? 0.996   23.743  3.207   1.00 37.96 ? 205 GLU A OE2 1 
ATOM   1473 N N   . CYS A 1 206 ? 5.216   20.942  1.379   1.00 30.28 ? 206 CYS A N   1 
ATOM   1474 C CA  . CYS A 1 206 ? 5.657   19.652  1.871   1.00 30.15 ? 206 CYS A CA  1 
ATOM   1475 C C   . CYS A 1 206 ? 6.943   19.235  1.146   1.00 29.99 ? 206 CYS A C   1 
ATOM   1476 O O   . CYS A 1 206 ? 6.971   18.223  0.437   1.00 29.32 ? 206 CYS A O   1 
ATOM   1477 C CB  . CYS A 1 206 ? 4.525   18.605  1.743   1.00 29.65 ? 206 CYS A CB  1 
ATOM   1478 S SG  . CYS A 1 206 ? 3.289   18.846  3.030   1.00 28.10 ? 206 CYS A SG  1 
ATOM   1479 N N   . GLU A 1 207 ? 8.007   20.016  1.360   1.00 29.79 ? 207 GLU A N   1 
ATOM   1480 C CA  . GLU A 1 207 ? 9.246   19.885  0.574   1.00 29.89 ? 207 GLU A CA  1 
ATOM   1481 C C   . GLU A 1 207 ? 9.992   18.567  0.833   1.00 29.13 ? 207 GLU A C   1 
ATOM   1482 O O   . GLU A 1 207 ? 10.508  17.952  -0.100  1.00 29.52 ? 207 GLU A O   1 
ATOM   1483 C CB  . GLU A 1 207 ? 10.196  21.083  0.814   1.00 30.57 ? 207 GLU A CB  1 
ATOM   1484 C CG  . GLU A 1 207 ? 9.561   22.502  0.725   1.00 33.30 ? 207 GLU A CG  1 
ATOM   1485 C CD  . GLU A 1 207 ? 9.660   23.101  -0.658  1.00 37.96 ? 207 GLU A CD  1 
ATOM   1486 O OE1 . GLU A 1 207 ? 9.578   24.356  -0.782  1.00 38.79 ? 207 GLU A OE1 1 
ATOM   1487 O OE2 . GLU A 1 207 ? 9.823   22.315  -1.617  1.00 40.58 ? 207 GLU A OE2 1 
ATOM   1488 N N   . ALA A 1 208 ? 10.062  18.149  2.089   1.00 27.74 ? 208 ALA A N   1 
ATOM   1489 C CA  . ALA A 1 208 ? 10.764  16.908  2.450   1.00 27.98 ? 208 ALA A CA  1 
ATOM   1490 C C   . ALA A 1 208 ? 10.052  15.675  1.906   1.00 28.19 ? 208 ALA A C   1 
ATOM   1491 O O   . ALA A 1 208 ? 10.709  14.750  1.416   1.00 28.15 ? 208 ALA A O   1 
ATOM   1492 C CB  . ALA A 1 208 ? 10.919  16.797  3.956   1.00 26.79 ? 208 ALA A CB  1 
ATOM   1493 N N   . LEU A 1 209 ? 8.718   15.662  2.004   1.00 27.97 ? 209 LEU A N   1 
ATOM   1494 C CA  . LEU A 1 209 ? 7.904   14.580  1.426   1.00 28.10 ? 209 LEU A CA  1 
ATOM   1495 C C   . LEU A 1 209 ? 8.065   14.540  -0.095  1.00 28.32 ? 209 LEU A C   1 
ATOM   1496 O O   . LEU A 1 209 ? 8.179   13.465  -0.690  1.00 27.88 ? 209 LEU A O   1 
ATOM   1497 C CB  . LEU A 1 209 ? 6.416   14.723  1.813   1.00 27.57 ? 209 LEU A CB  1 
ATOM   1498 C CG  . LEU A 1 209 ? 5.415   13.618  1.384   1.00 28.50 ? 209 LEU A CG  1 
ATOM   1499 C CD1 . LEU A 1 209 ? 5.766   12.250  2.007   1.00 26.26 ? 209 LEU A CD1 1 
ATOM   1500 C CD2 . LEU A 1 209 ? 3.985   14.005  1.741   1.00 25.73 ? 209 LEU A CD2 1 
ATOM   1501 N N   . ARG A 1 210 ? 8.071   15.708  -0.730  1.00 28.46 ? 210 ARG A N   1 
ATOM   1502 C CA  . ARG A 1 210 ? 8.240   15.746  -2.191  1.00 29.68 ? 210 ARG A CA  1 
ATOM   1503 C C   . ARG A 1 210 ? 9.597   15.171  -2.597  1.00 29.41 ? 210 ARG A C   1 
ATOM   1504 O O   . ARG A 1 210 ? 9.684   14.381  -3.537  1.00 30.77 ? 210 ARG A O   1 
ATOM   1505 C CB  . ARG A 1 210 ? 8.105   17.174  -2.739  1.00 29.48 ? 210 ARG A CB  1 
ATOM   1506 C CG  . ARG A 1 210 ? 6.723   17.785  -2.581  1.00 32.66 ? 210 ARG A CG  1 
ATOM   1507 C CD  . ARG A 1 210 ? 6.613   19.114  -3.355  1.00 37.34 ? 210 ARG A CD  1 
ATOM   1508 N NE  . ARG A 1 210 ? 5.219   19.446  -3.643  1.00 42.42 ? 210 ARG A NE  1 
ATOM   1509 C CZ  . ARG A 1 210 ? 4.506   18.937  -4.649  1.00 44.49 ? 210 ARG A CZ  1 
ATOM   1510 N NH1 . ARG A 1 210 ? 5.047   18.053  -5.488  1.00 45.96 ? 210 ARG A NH1 1 
ATOM   1511 N NH2 . ARG A 1 210 ? 3.242   19.311  -4.821  0.50 42.76 ? 210 ARG A NH2 1 
ATOM   1512 N N   . ALA A 1 211 ? 10.645  15.572  -1.890  1.00 29.41 ? 211 ALA A N   1 
ATOM   1513 C CA  . ALA A 1 211 ? 12.009  15.174  -2.252  1.00 29.87 ? 211 ALA A CA  1 
ATOM   1514 C C   . ALA A 1 211 ? 12.158  13.661  -2.071  1.00 29.62 ? 211 ALA A C   1 
ATOM   1515 O O   . ALA A 1 211 ? 12.573  12.953  -2.994  1.00 29.66 ? 211 ALA A O   1 
ATOM   1516 C CB  . ALA A 1 211 ? 13.033  15.947  -1.415  1.00 29.13 ? 211 ALA A CB  1 
ATOM   1517 N N   . TRP A 1 212 ? 11.743  13.168  -0.905  1.00 29.38 ? 212 TRP A N   1 
ATOM   1518 C CA  . TRP A 1 212 ? 11.759  11.732  -0.623  1.00 29.01 ? 212 TRP A CA  1 
ATOM   1519 C C   . TRP A 1 212 ? 11.035  10.942  -1.721  1.00 29.18 ? 212 TRP A C   1 
ATOM   1520 O O   . TRP A 1 212 ? 11.519  9.915   -2.181  1.00 29.26 ? 212 TRP A O   1 
ATOM   1521 C CB  . TRP A 1 212 ? 11.200  11.471  0.790   1.00 28.92 ? 212 TRP A CB  1 
ATOM   1522 C CG  . TRP A 1 212 ? 10.803  10.056  1.090   1.00 27.64 ? 212 TRP A CG  1 
ATOM   1523 C CD1 . TRP A 1 212 ? 11.553  9.105   1.715   1.00 27.82 ? 212 TRP A CD1 1 
ATOM   1524 C CD2 . TRP A 1 212 ? 9.545   9.436   0.780   1.00 27.04 ? 212 TRP A CD2 1 
ATOM   1525 N NE1 . TRP A 1 212 ? 10.843  7.913   1.808   1.00 26.46 ? 212 TRP A NE1 1 
ATOM   1526 C CE2 . TRP A 1 212 ? 9.605   8.096   1.247   1.00 27.41 ? 212 TRP A CE2 1 
ATOM   1527 C CE3 . TRP A 1 212 ? 8.373   9.880   0.159   1.00 27.13 ? 212 TRP A CE3 1 
ATOM   1528 C CZ2 . TRP A 1 212 ? 8.535   7.200   1.105   1.00 27.17 ? 212 TRP A CZ2 1 
ATOM   1529 C CZ3 . TRP A 1 212 ? 7.303   8.983   0.025   1.00 27.90 ? 212 TRP A CZ3 1 
ATOM   1530 C CH2 . TRP A 1 212 ? 7.395   7.667   0.493   1.00 27.18 ? 212 TRP A CH2 1 
ATOM   1531 N N   . TYR A 1 213 ? 9.893   11.439  -2.171  1.00 29.51 ? 213 TYR A N   1 
ATOM   1532 C CA  . TYR A 1 213 ? 9.113   10.704  -3.148  1.00 30.07 ? 213 TYR A CA  1 
ATOM   1533 C C   . TYR A 1 213 ? 9.816   10.590  -4.506  1.00 31.32 ? 213 TYR A C   1 
ATOM   1534 O O   . TYR A 1 213 ? 9.793   9.533   -5.140  1.00 31.41 ? 213 TYR A O   1 
ATOM   1535 C CB  . TYR A 1 213 ? 7.721   11.307  -3.286  1.00 29.73 ? 213 TYR A CB  1 
ATOM   1536 C CG  . TYR A 1 213 ? 6.788   10.445  -4.094  1.00 28.51 ? 213 TYR A CG  1 
ATOM   1537 C CD1 . TYR A 1 213 ? 6.686   9.072   -3.843  1.00 28.40 ? 213 TYR A CD1 1 
ATOM   1538 C CD2 . TYR A 1 213 ? 5.978   10.997  -5.085  1.00 29.26 ? 213 TYR A CD2 1 
ATOM   1539 C CE1 . TYR A 1 213 ? 5.832   8.266   -4.569  1.00 26.95 ? 213 TYR A CE1 1 
ATOM   1540 C CE2 . TYR A 1 213 ? 5.100   10.187  -5.818  1.00 29.97 ? 213 TYR A CE2 1 
ATOM   1541 C CZ  . TYR A 1 213 ? 5.041   8.818   -5.545  1.00 28.88 ? 213 TYR A CZ  1 
ATOM   1542 O OH  . TYR A 1 213 ? 4.190   8.001   -6.254  1.00 30.90 ? 213 TYR A OH  1 
ATOM   1543 N N   . LYS A 1 214 ? 10.428  11.689  -4.944  1.00 32.81 ? 214 LYS A N   1 
ATOM   1544 C CA  . LYS A 1 214 ? 11.287  11.694  -6.139  1.00 34.23 ? 214 LYS A CA  1 
ATOM   1545 C C   . LYS A 1 214 ? 12.397  10.655  -6.031  1.00 33.86 ? 214 LYS A C   1 
ATOM   1546 O O   . LYS A 1 214 ? 12.636  9.908   -6.993  1.00 34.00 ? 214 LYS A O   1 
ATOM   1547 C CB  . LYS A 1 214 ? 11.844  13.107  -6.429  1.00 34.91 ? 214 LYS A CB  1 
ATOM   1548 C CG  . LYS A 1 214 ? 10.860  13.963  -7.243  1.00 38.95 ? 214 LYS A CG  1 
ATOM   1549 C CD  . LYS A 1 214 ? 11.044  15.483  -7.030  1.00 45.55 ? 214 LYS A CD  1 
ATOM   1550 C CE  . LYS A 1 214 ? 9.823   16.272  -7.551  1.00 47.46 ? 214 LYS A CE  1 
ATOM   1551 N NZ  . LYS A 1 214 ? 9.211   17.128  -6.467  1.00 47.83 ? 214 LYS A NZ  1 
ATOM   1552 N N   . ARG A 1 215 ? 13.031  10.579  -4.858  1.00 33.70 ? 215 ARG A N   1 
ATOM   1553 C CA  . ARG A 1 215 ? 14.051  9.550   -4.589  1.00 33.89 ? 215 ARG A CA  1 
ATOM   1554 C C   . ARG A 1 215 ? 13.457  8.149   -4.678  1.00 33.50 ? 215 ARG A C   1 
ATOM   1555 O O   . ARG A 1 215 ? 14.040  7.254   -5.280  1.00 33.46 ? 215 ARG A O   1 
ATOM   1556 C CB  . ARG A 1 215 ? 14.664  9.720   -3.204  1.00 33.49 ? 215 ARG A CB  1 
ATOM   1557 C CG  . ARG A 1 215 ? 15.843  10.646  -3.147  1.00 35.99 ? 215 ARG A CG  1 
ATOM   1558 C CD  . ARG A 1 215 ? 16.647  10.391  -1.888  1.00 36.17 ? 215 ARG A CD  1 
ATOM   1559 N NE  . ARG A 1 215 ? 16.008  10.935  -0.696  1.00 35.44 ? 215 ARG A NE  1 
ATOM   1560 C CZ  . ARG A 1 215 ? 15.688  10.243  0.401   1.00 36.86 ? 215 ARG A CZ  1 
ATOM   1561 N NH1 . ARG A 1 215 ? 15.926  8.926   0.494   1.00 36.34 ? 215 ARG A NH1 1 
ATOM   1562 N NH2 . ARG A 1 215 ? 15.137  10.879  1.428   1.00 34.08 ? 215 ARG A NH2 1 
ATOM   1563 N N   . MET A 1 216 ? 12.293  7.964   -4.064  1.00 33.16 ? 216 MET A N   1 
ATOM   1564 C CA  . MET A 1 216 ? 11.628  6.662   -4.090  1.00 32.17 ? 216 MET A CA  1 
ATOM   1565 C C   . MET A 1 216 ? 11.353  6.231   -5.528  1.00 33.15 ? 216 MET A C   1 
ATOM   1566 O O   . MET A 1 216 ? 11.562  5.067   -5.875  1.00 33.07 ? 216 MET A O   1 
ATOM   1567 C CB  . MET A 1 216 ? 10.336  6.689   -3.258  1.00 31.85 ? 216 MET A CB  1 
ATOM   1568 C CG  . MET A 1 216 ? 10.532  6.930   -1.740  1.00 28.52 ? 216 MET A CG  1 
ATOM   1569 S SD  . MET A 1 216 ? 11.599  5.722   -0.917  1.00 26.69 ? 216 MET A SD  1 
ATOM   1570 C CE  . MET A 1 216 ? 13.118  6.654   -0.714  1.00 28.27 ? 216 MET A CE  1 
ATOM   1571 N N   . GLN A 1 217 ? 10.905  7.170   -6.365  1.00 33.58 ? 217 GLN A N   1 
ATOM   1572 C CA  . GLN A 1 217 ? 10.633  6.877   -7.777  1.00 35.16 ? 217 GLN A CA  1 
ATOM   1573 C C   . GLN A 1 217 ? 11.892  6.499   -8.585  1.00 36.00 ? 217 GLN A C   1 
ATOM   1574 O O   . GLN A 1 217 ? 11.787  5.947   -9.678  1.00 36.34 ? 217 GLN A O   1 
ATOM   1575 C CB  . GLN A 1 217 ? 9.869   8.029   -8.447  1.00 35.71 ? 217 GLN A CB  1 
ATOM   1576 C CG  . GLN A 1 217 ? 8.399   8.092   -8.008  1.00 36.04 ? 217 GLN A CG  1 
ATOM   1577 C CD  . GLN A 1 217 ? 7.657   9.293   -8.557  1.00 37.87 ? 217 GLN A CD  1 
ATOM   1578 O OE1 . GLN A 1 217 ? 6.617   9.146   -9.192  1.00 41.47 ? 217 GLN A OE1 1 
ATOM   1579 N NE2 . GLN A 1 217 ? 8.166   10.481  -8.299  1.00 36.38 ? 217 GLN A NE2 1 
ATOM   1580 N N   . GLN A 1 218 ? 13.070  6.757   -8.019  1.00 36.78 ? 218 GLN A N   1 
ATOM   1581 C CA  . GLN A 1 218 ? 14.321  6.284   -8.616  1.00 37.88 ? 218 GLN A CA  1 
ATOM   1582 C C   . GLN A 1 218 ? 14.694  4.840   -8.271  1.00 37.34 ? 218 GLN A C   1 
ATOM   1583 O O   . GLN A 1 218 ? 15.476  4.230   -8.994  1.00 37.76 ? 218 GLN A O   1 
ATOM   1584 C CB  . GLN A 1 218 ? 15.478  7.241   -8.322  1.00 38.24 ? 218 GLN A CB  1 
ATOM   1585 C CG  . GLN A 1 218 ? 15.365  8.544   -9.099  1.00 40.41 ? 218 GLN A CG  1 
ATOM   1586 C CD  . GLN A 1 218 ? 15.311  8.313   -10.608 1.00 44.18 ? 218 GLN A CD  1 
ATOM   1587 O OE1 . GLN A 1 218 ? 16.267  7.809   -11.210 1.00 46.43 ? 218 GLN A OE1 1 
ATOM   1588 N NE2 . GLN A 1 218 ? 14.186  8.677   -11.223 1.00 44.89 ? 218 GLN A NE2 1 
ATOM   1589 N N   . ARG A 1 219 ? 14.127  4.279   -7.201  1.00 36.54 ? 219 ARG A N   1 
ATOM   1590 C CA  . ARG A 1 219 ? 14.386  2.867   -6.865  1.00 35.43 ? 219 ARG A CA  1 
ATOM   1591 C C   . ARG A 1 219 ? 13.915  1.952   -7.995  1.00 35.76 ? 219 ARG A C   1 
ATOM   1592 O O   . ARG A 1 219 ? 12.815  2.155   -8.518  1.00 34.63 ? 219 ARG A O   1 
ATOM   1593 C CB  . ARG A 1 219 ? 13.698  2.491   -5.551  1.00 35.83 ? 219 ARG A CB  1 
ATOM   1594 C CG  . ARG A 1 219 ? 14.283  3.193   -4.331  1.00 33.78 ? 219 ARG A CG  1 
ATOM   1595 C CD  . ARG A 1 219 ? 13.687  2.632   -3.041  1.00 32.08 ? 219 ARG A CD  1 
ATOM   1596 N NE  . ARG A 1 219 ? 14.286  1.363   -2.640  1.00 30.27 ? 219 ARG A NE  1 
ATOM   1597 C CZ  . ARG A 1 219 ? 15.351  1.249   -1.853  1.00 29.52 ? 219 ARG A CZ  1 
ATOM   1598 N NH1 . ARG A 1 219 ? 15.958  2.331   -1.365  1.00 26.86 ? 219 ARG A NH1 1 
ATOM   1599 N NH2 . ARG A 1 219 ? 15.816  0.047   -1.556  1.00 28.28 ? 219 ARG A NH2 1 
ATOM   1600 N N   . PRO A 1 220 ? 14.757  0.969   -8.416  1.00 36.24 ? 220 PRO A N   1 
ATOM   1601 C CA  . PRO A 1 220 ? 14.322  0.062   -9.492  1.00 36.70 ? 220 PRO A CA  1 
ATOM   1602 C C   . PRO A 1 220 ? 12.925  -0.554  -9.265  1.00 36.75 ? 220 PRO A C   1 
ATOM   1603 O O   . PRO A 1 220 ? 12.103  -0.565  -10.181 1.00 37.03 ? 220 PRO A O   1 
ATOM   1604 C CB  . PRO A 1 220 ? 15.400  -1.027  -9.500  1.00 36.97 ? 220 PRO A CB  1 
ATOM   1605 C CG  . PRO A 1 220 ? 16.646  -0.319  -9.036  1.00 37.41 ? 220 PRO A CG  1 
ATOM   1606 C CD  . PRO A 1 220 ? 16.184  0.776   -8.073  1.00 36.54 ? 220 PRO A CD  1 
ATOM   1607 N N   . SER A 1 221 ? 12.665  -1.029  -8.045  1.00 36.62 ? 221 SER A N   1 
ATOM   1608 C CA  . SER A 1 221 ? 11.390  -1.666  -7.693  1.00 36.62 ? 221 SER A CA  1 
ATOM   1609 C C   . SER A 1 221 ? 10.195  -0.757  -7.975  1.00 36.76 ? 221 SER A C   1 
ATOM   1610 O O   . SER A 1 221 ? 9.176   -1.203  -8.485  1.00 37.11 ? 221 SER A O   1 
ATOM   1611 C CB  . SER A 1 221 ? 11.400  -2.109  -6.227  1.00 35.89 ? 221 SER A CB  1 
ATOM   1612 O OG  . SER A 1 221 ? 11.567  -1.008  -5.364  1.00 34.72 ? 221 SER A OG  1 
ATOM   1613 N N   . VAL A 1 222 ? 10.351  0.527   -7.681  1.00 37.24 ? 222 VAL A N   1 
ATOM   1614 C CA  . VAL A 1 222 ? 9.285   1.500   -7.854  1.00 38.04 ? 222 VAL A CA  1 
ATOM   1615 C C   . VAL A 1 222 ? 9.238   1.993   -9.292  1.00 39.77 ? 222 VAL A C   1 
ATOM   1616 O O   . VAL A 1 222 ? 8.151   2.092   -9.881  1.00 39.00 ? 222 VAL A O   1 
ATOM   1617 C CB  . VAL A 1 222 ? 9.442   2.684   -6.865  1.00 37.67 ? 222 VAL A CB  1 
ATOM   1618 C CG1 . VAL A 1 222 ? 8.392   3.762   -7.109  1.00 36.63 ? 222 VAL A CG1 1 
ATOM   1619 C CG2 . VAL A 1 222 ? 9.349   2.178   -5.445  1.00 36.78 ? 222 VAL A CG2 1 
ATOM   1620 N N   . LYS A 1 223 ? 10.416  2.270   -9.860  1.00 41.57 ? 223 LYS A N   1 
ATOM   1621 C CA  . LYS A 1 223 ? 10.508  2.852   -11.203 1.00 44.13 ? 223 LYS A CA  1 
ATOM   1622 C C   . LYS A 1 223 ? 9.888   1.961   -12.270 1.00 45.12 ? 223 LYS A C   1 
ATOM   1623 O O   . LYS A 1 223 ? 9.143   2.446   -13.132 1.00 45.53 ? 223 LYS A O   1 
ATOM   1624 C CB  . LYS A 1 223 ? 11.958  3.230   -11.565 1.00 44.28 ? 223 LYS A CB  1 
ATOM   1625 C CG  . LYS A 1 223 ? 12.191  3.473   -13.065 1.00 45.88 ? 223 LYS A CG  1 
ATOM   1626 C CD  . LYS A 1 223 ? 12.966  4.772   -13.384 1.00 48.94 ? 223 LYS A CD  1 
ATOM   1627 C CE  . LYS A 1 223 ? 14.230  4.973   -12.552 1.00 50.11 ? 223 LYS A CE  1 
ATOM   1628 N NZ  . LYS A 1 223 ? 15.040  3.734   -12.413 1.00 52.00 ? 223 LYS A NZ  1 
ATOM   1629 N N   . LYS A 1 224 ? 10.185  0.667   -12.195 1.00 46.54 ? 224 LYS A N   1 
ATOM   1630 C CA  . LYS A 1 224 ? 9.645   -0.306  -13.127 1.00 48.19 ? 224 LYS A CA  1 
ATOM   1631 C C   . LYS A 1 224 ? 8.115   -0.307  -13.049 1.00 48.86 ? 224 LYS A C   1 
ATOM   1632 O O   . LYS A 1 224 ? 7.433   -0.179  -14.074 1.00 49.05 ? 224 LYS A O   1 
ATOM   1633 C CB  . LYS A 1 224 ? 10.229  -1.698  -12.836 1.00 48.68 ? 224 LYS A CB  1 
ATOM   1634 C CG  . LYS A 1 224 ? 9.231   -2.740  -12.289 1.00 50.82 ? 224 LYS A CG  1 
ATOM   1635 C CD  . LYS A 1 224 ? 9.857   -3.638  -11.214 1.00 53.53 ? 224 LYS A CD  1 
ATOM   1636 C CE  . LYS A 1 224 ? 10.982  -4.516  -11.763 1.00 54.16 ? 224 LYS A CE  1 
ATOM   1637 N NZ  . LYS A 1 224 ? 12.012  -4.752  -10.711 1.00 55.11 ? 224 LYS A NZ  1 
ATOM   1638 N N   . LEU A 1 225 ? 7.588   -0.411  -11.826 1.00 49.30 ? 225 LEU A N   1 
ATOM   1639 C CA  . LEU A 1 225 ? 6.146   -0.456  -11.586 1.00 49.48 ? 225 LEU A CA  1 
ATOM   1640 C C   . LEU A 1 225 ? 5.402   0.718   -12.230 1.00 49.87 ? 225 LEU A C   1 
ATOM   1641 O O   . LEU A 1 225 ? 4.382   0.509   -12.875 1.00 50.18 ? 225 LEU A O   1 
ATOM   1642 C CB  . LEU A 1 225 ? 5.855   -0.526  -10.081 1.00 49.25 ? 225 LEU A CB  1 
ATOM   1643 C CG  . LEU A 1 225 ? 4.399   -0.588  -9.598  1.00 49.34 ? 225 LEU A CG  1 
ATOM   1644 C CD1 . LEU A 1 225 ? 3.832   -1.992  -9.708  1.00 48.97 ? 225 LEU A CD1 1 
ATOM   1645 C CD2 . LEU A 1 225 ? 4.304   -0.087  -8.174  1.00 47.46 ? 225 LEU A CD2 1 
ATOM   1646 N N   . LEU A 1 226 ? 5.921   1.935   -12.071 1.00 50.22 ? 226 LEU A N   1 
ATOM   1647 C CA  . LEU A 1 226 ? 5.249   3.144   -12.569 1.00 50.85 ? 226 LEU A CA  1 
ATOM   1648 C C   . LEU A 1 226 ? 5.404   3.376   -14.086 1.00 50.95 ? 226 LEU A C   1 
ATOM   1649 O O   . LEU A 1 226 ? 6.323   2.852   -14.725 1.00 50.89 ? 226 LEU A O   1 
ATOM   1650 C CB  . LEU A 1 226 ? 5.711   4.384   -11.787 1.00 50.71 ? 226 LEU A CB  1 
ATOM   1651 C CG  . LEU A 1 226 ? 5.421   4.429   -10.274 1.00 51.89 ? 226 LEU A CG  1 
ATOM   1652 C CD1 . LEU A 1 226 ? 6.085   5.651   -9.629  1.00 51.66 ? 226 LEU A CD1 1 
ATOM   1653 C CD2 . LEU A 1 226 ? 3.913   4.397   -9.951  1.00 51.79 ? 226 LEU A CD2 1 
HETATM 1654 N N1  . GSH B 2 .   ? -4.291  -5.246  1.942   1.00 24.56 ? 234 GSH A N1  1 
HETATM 1655 C CA1 . GSH B 2 .   ? -5.055  -4.025  2.203   1.00 30.42 ? 234 GSH A CA1 1 
HETATM 1656 C C1  . GSH B 2 .   ? -4.925  -3.814  3.616   1.00 31.99 ? 234 GSH A C1  1 
HETATM 1657 O O11 . GSH B 2 .   ? -5.928  -3.665  4.425   1.00 32.68 ? 234 GSH A O11 1 
HETATM 1658 O O12 . GSH B 2 .   ? -3.689  -3.752  3.815   1.00 29.29 ? 234 GSH A O12 1 
HETATM 1659 C CB1 . GSH B 2 .   ? -6.496  -3.750  1.760   1.00 27.86 ? 234 GSH A CB1 1 
HETATM 1660 C CG1 . GSH B 2 .   ? -6.315  -3.640  0.270   1.00 25.51 ? 234 GSH A CG1 1 
HETATM 1661 C CD1 . GSH B 2 .   ? -7.249  -2.760  -0.520  1.00 23.96 ? 234 GSH A CD1 1 
HETATM 1662 O OE1 . GSH B 2 .   ? -8.165  -1.867  0.073   1.00 22.56 ? 234 GSH A OE1 1 
HETATM 1663 N N2  . GSH B 2 .   ? -7.098  -2.913  -1.838  1.00 24.00 ? 234 GSH A N2  1 
HETATM 1664 C CA2 . GSH B 2 .   ? -7.915  -2.236  -2.836  1.00 24.48 ? 234 GSH A CA2 1 
HETATM 1665 C C2  . GSH B 2 .   ? -9.271  -2.840  -2.947  1.00 26.28 ? 234 GSH A C2  1 
HETATM 1666 O O2  . GSH B 2 .   ? -9.369  -4.221  -2.846  1.00 26.14 ? 234 GSH A O2  1 
HETATM 1667 C CB2 . GSH B 2 .   ? -7.245  -2.331  -4.201  1.00 24.23 ? 234 GSH A CB2 1 
HETATM 1668 S SG2 . GSH B 2 .   ? -6.211  -0.869  -4.467  1.00 24.36 ? 234 GSH A SG2 1 
HETATM 1669 N N3  . GSH B 2 .   ? -10.326 -2.059  -3.167  1.00 27.06 ? 234 GSH A N3  1 
HETATM 1670 C CA3 . GSH B 2 .   ? -11.569 -2.671  -3.588  1.00 28.61 ? 234 GSH A CA3 1 
HETATM 1671 C C3  . GSH B 2 .   ? -12.761 -2.043  -2.919  1.00 30.83 ? 234 GSH A C3  1 
HETATM 1672 O O31 . GSH B 2 .   ? -13.911 -2.279  -3.350  1.00 32.07 ? 234 GSH A O31 1 
HETATM 1673 O O32 . GSH B 2 .   ? -12.615 -1.295  -1.930  1.00 32.11 ? 234 GSH A O32 1 
HETATM 1674 O O   . HOH C 3 .   ? -9.427  -3.885  -11.843 1.00 24.80 ? 235 HOH A O   1 
HETATM 1675 O O   . HOH C 3 .   ? -14.355 0.089   -0.315  1.00 32.15 ? 236 HOH A O   1 
HETATM 1676 O O   . HOH C 3 .   ? -10.872 -15.479 4.344   1.00 26.01 ? 237 HOH A O   1 
HETATM 1677 O O   . HOH C 3 .   ? -7.802  3.060   8.410   1.00 24.75 ? 238 HOH A O   1 
HETATM 1678 O O   . HOH C 3 .   ? -8.831  -5.707  3.632   1.00 22.18 ? 239 HOH A O   1 
HETATM 1679 O O   . HOH C 3 .   ? -8.342  -0.440  2.340   1.00 23.84 ? 240 HOH A O   1 
HETATM 1680 O O   . HOH C 3 .   ? 5.232   -3.975  1.329   1.00 17.80 ? 241 HOH A O   1 
HETATM 1681 O O   . HOH C 3 .   ? 18.316  1.866   2.790   1.00 28.64 ? 242 HOH A O   1 
HETATM 1682 O O   . HOH C 3 .   ? -4.857  -1.349  5.489   1.00 25.99 ? 243 HOH A O   1 
HETATM 1683 O O   . HOH C 3 .   ? -9.054  0.822   -2.743  1.00 20.75 ? 244 HOH A O   1 
HETATM 1684 O O   . HOH C 3 .   ? -3.393  19.764  -1.431  1.00 29.77 ? 245 HOH A O   1 
HETATM 1685 O O   . HOH C 3 .   ? 1.657   -8.499  -13.846 1.00 45.65 ? 246 HOH A O   1 
HETATM 1686 O O   . HOH C 3 .   ? 0.705   11.913  -5.116  1.00 21.42 ? 247 HOH A O   1 
HETATM 1687 O O   . HOH C 3 .   ? -4.650  0.131   9.276   1.00 41.85 ? 248 HOH A O   1 
HETATM 1688 O O   . HOH C 3 .   ? -8.536  -2.093  4.558   1.00 23.36 ? 249 HOH A O   1 
HETATM 1689 O O   . HOH C 3 .   ? -10.799 1.520   1.229   1.00 20.04 ? 250 HOH A O   1 
HETATM 1690 O O   . HOH C 3 .   ? 0.382   -7.400  -5.243  1.00 24.01 ? 251 HOH A O   1 
HETATM 1691 O O   . HOH C 3 .   ? -0.356  6.030   14.688  1.00 24.30 ? 252 HOH A O   1 
HETATM 1692 O O   . HOH C 3 .   ? 18.132  -1.247  16.496  1.00 31.23 ? 253 HOH A O   1 
HETATM 1693 O O   . HOH C 3 .   ? 2.377   9.127   -8.065  1.00 40.64 ? 254 HOH A O   1 
HETATM 1694 O O   . HOH C 3 .   ? 4.602   0.376   -16.194 1.00 49.45 ? 255 HOH A O   1 
HETATM 1695 O O   . HOH C 3 .   ? 0.905   15.969  -6.091  1.00 29.05 ? 256 HOH A O   1 
HETATM 1696 O O   . HOH C 3 .   ? -8.762  14.807  -4.825  1.00 29.42 ? 257 HOH A O   1 
HETATM 1697 O O   . HOH C 3 .   ? -0.920  13.802  -5.695  1.00 26.54 ? 258 HOH A O   1 
HETATM 1698 O O   . HOH C 3 .   ? -1.902  -4.399  5.308   1.00 23.09 ? 259 HOH A O   1 
HETATM 1699 O O   . HOH C 3 .   ? -6.246  7.716   12.989  1.00 27.62 ? 260 HOH A O   1 
HETATM 1700 O O   . HOH C 3 .   ? -5.718  18.400  -4.570  1.00 29.81 ? 261 HOH A O   1 
HETATM 1701 O O   . HOH C 3 .   ? -22.929 11.917  3.112   1.00 35.34 ? 262 HOH A O   1 
HETATM 1702 O O   . HOH C 3 .   ? -22.481 2.459   -14.758 1.00 33.93 ? 263 HOH A O   1 
HETATM 1703 O O   . HOH C 3 .   ? 2.273   -2.712  11.000  1.00 20.87 ? 264 HOH A O   1 
HETATM 1704 O O   . HOH C 3 .   ? 9.282   20.816  4.724   1.00 34.29 ? 265 HOH A O   1 
HETATM 1705 O O   . HOH C 3 .   ? 9.344   -10.758 8.142   1.00 30.40 ? 266 HOH A O   1 
HETATM 1706 O O   . HOH C 3 .   ? -0.779  17.091  10.120  1.00 30.63 ? 267 HOH A O   1 
HETATM 1707 O O   . HOH C 3 .   ? 6.540   -19.972 -0.435  1.00 44.52 ? 268 HOH A O   1 
HETATM 1708 O O   . HOH C 3 .   ? -14.210 -5.165  3.648   1.00 41.74 ? 269 HOH A O   1 
HETATM 1709 O O   . HOH C 3 .   ? 12.005  3.276   6.593   1.00 29.92 ? 270 HOH A O   1 
HETATM 1710 O O   . HOH C 3 .   ? -20.226 9.962   -3.214  1.00 31.16 ? 271 HOH A O   1 
HETATM 1711 O O   . HOH C 3 .   ? -15.947 -0.737  -2.774  1.00 29.71 ? 272 HOH A O   1 
HETATM 1712 O O   . HOH C 3 .   ? -3.672  12.477  9.419   1.00 21.52 ? 273 HOH A O   1 
HETATM 1713 O O   . HOH C 3 .   ? 12.676  -13.192 14.150  0.50 31.67 ? 274 HOH A O   1 
HETATM 1714 O O   . HOH C 3 .   ? -15.406 -15.627 2.960   1.00 32.83 ? 275 HOH A O   1 
HETATM 1715 O O   . HOH C 3 .   ? 12.357  20.395  3.846   1.00 30.76 ? 276 HOH A O   1 
HETATM 1716 O O   . HOH C 3 .   ? -20.162 5.366   -8.346  1.00 25.18 ? 277 HOH A O   1 
HETATM 1717 O O   . HOH C 3 .   ? -14.683 17.387  4.904   1.00 37.69 ? 278 HOH A O   1 
HETATM 1718 O O   . HOH C 3 .   ? 13.427  14.439  2.057   1.00 31.58 ? 279 HOH A O   1 
HETATM 1719 O O   . HOH C 3 .   ? -6.740  -8.501  2.643   1.00 27.84 ? 280 HOH A O   1 
HETATM 1720 O O   . HOH C 3 .   ? 5.091   -6.238  -10.470 1.00 35.29 ? 281 HOH A O   1 
HETATM 1721 O O   . HOH C 3 .   ? 16.166  -3.215  20.102  1.00 31.16 ? 282 HOH A O   1 
HETATM 1722 O O   . HOH C 3 .   ? 3.837   -1.902  2.608   1.00 24.48 ? 283 HOH A O   1 
HETATM 1723 O O   . HOH C 3 .   ? 13.912  12.601  3.870   1.00 30.31 ? 284 HOH A O   1 
HETATM 1724 O O   . HOH C 3 .   ? -1.308  -3.401  8.666   1.00 27.84 ? 285 HOH A O   1 
HETATM 1725 O O   . HOH C 3 .   ? 11.333  19.285  -2.379  1.00 33.15 ? 286 HOH A O   1 
HETATM 1726 O O   . HOH C 3 .   ? -5.471  -20.793 4.124   1.00 31.64 ? 287 HOH A O   1 
HETATM 1727 O O   . HOH C 3 .   ? -10.695 -1.131  0.140   1.00 28.67 ? 288 HOH A O   1 
HETATM 1728 O O   . HOH C 3 .   ? -23.805 10.086  6.452   0.50 20.89 ? 289 HOH A O   1 
HETATM 1729 O O   . HOH C 3 .   ? 5.029   14.789  -4.414  1.00 33.03 ? 290 HOH A O   1 
HETATM 1730 O O   . HOH C 3 .   ? 11.899  10.474  -9.697  1.00 42.84 ? 291 HOH A O   1 
HETATM 1731 O O   . HOH C 3 .   ? -12.825 -19.520 -4.704  1.00 40.53 ? 292 HOH A O   1 
HETATM 1732 O O   . HOH C 3 .   ? 13.703  1.738   12.230  1.00 29.85 ? 293 HOH A O   1 
HETATM 1733 O O   . HOH C 3 .   ? 14.990  16.673  2.126   1.00 29.99 ? 294 HOH A O   1 
HETATM 1734 O O   . HOH C 3 .   ? -16.152 -8.211  3.195   1.00 40.72 ? 295 HOH A O   1 
HETATM 1735 O O   . HOH C 3 .   ? -19.959 0.139   -11.446 1.00 36.12 ? 296 HOH A O   1 
HETATM 1736 O O   . HOH C 3 .   ? -12.579 5.417   7.512   1.00 36.01 ? 297 HOH A O   1 
HETATM 1737 O O   . HOH C 3 .   ? -8.278  17.552  -4.349  1.00 37.41 ? 298 HOH A O   1 
HETATM 1738 O O   . HOH C 3 .   ? 6.283   -20.986 4.204   1.00 36.62 ? 299 HOH A O   1 
HETATM 1739 O O   . HOH C 3 .   ? 7.515   -4.460  -8.794  1.00 53.36 ? 300 HOH A O   1 
HETATM 1740 O O   . HOH C 3 .   ? -4.658  -18.628 6.334   1.00 40.14 ? 301 HOH A O   1 
HETATM 1741 O O   . HOH C 3 .   ? -3.033  21.164  3.310   1.00 38.76 ? 302 HOH A O   1 
HETATM 1742 O O   . HOH C 3 .   ? -17.070 15.839  5.360   1.00 40.70 ? 303 HOH A O   1 
HETATM 1743 O O   . HOH C 3 .   ? -5.500  -7.193  0.827   1.00 27.28 ? 304 HOH A O   1 
HETATM 1744 O O   . HOH C 3 .   ? 14.448  -1.042  -5.864  1.00 26.66 ? 305 HOH A O   1 
HETATM 1745 O O   . HOH C 3 .   ? 6.056   -12.688 -11.942 1.00 35.48 ? 306 HOH A O   1 
HETATM 1746 O O   . HOH C 3 .   ? -2.201  21.804  -2.837  1.00 41.03 ? 307 HOH A O   1 
HETATM 1747 O O   . HOH C 3 .   ? 0.368   -1.419  -8.567  1.00 39.34 ? 308 HOH A O   1 
HETATM 1748 O O   . HOH C 3 .   ? -15.258 -13.769 -7.567  1.00 36.01 ? 309 HOH A O   1 
HETATM 1749 O O   . HOH C 3 .   ? 0.164   23.583  -2.061  1.00 38.15 ? 310 HOH A O   1 
HETATM 1750 O O   . HOH C 3 .   ? -2.518  17.145  11.941  1.00 36.87 ? 311 HOH A O   1 
HETATM 1751 O O   . HOH C 3 .   ? -13.208 8.651   -9.268  1.00 43.74 ? 312 HOH A O   1 
HETATM 1752 O O   . HOH C 3 .   ? -17.585 -17.259 -0.463  1.00 36.08 ? 313 HOH A O   1 
HETATM 1753 O O   . HOH C 3 .   ? -8.674  -21.637 -6.613  1.00 41.05 ? 314 HOH A O   1 
HETATM 1754 O O   . HOH C 3 .   ? 13.518  19.071  1.531   1.00 27.97 ? 315 HOH A O   1 
HETATM 1755 O O   . HOH C 3 .   ? -19.433 10.626  -5.901  1.00 41.30 ? 316 HOH A O   1 
HETATM 1756 O O   . HOH C 3 .   ? -11.823 -2.396  2.279   1.00 25.47 ? 317 HOH A O   1 
HETATM 1757 O O   . HOH C 3 .   ? -4.401  19.927  5.618   1.00 31.75 ? 318 HOH A O   1 
HETATM 1758 O O   . HOH C 3 .   ? 14.066  20.217  -0.636  1.00 38.82 ? 319 HOH A O   1 
HETATM 1759 O O   . HOH C 3 .   ? -11.161 10.152  -8.618  1.00 39.40 ? 320 HOH A O   1 
HETATM 1760 O O   . HOH C 3 .   ? -10.655 -3.832  4.372   1.00 25.85 ? 321 HOH A O   1 
HETATM 1761 O O   . HOH C 3 .   ? 3.104   13.492  -5.324  1.00 41.21 ? 322 HOH A O   1 
HETATM 1762 O O   . HOH C 3 .   ? -13.578 2.261   1.219   1.00 23.72 ? 323 HOH A O   1 
HETATM 1763 O O   . HOH C 3 .   ? -5.199  -2.541  -12.383 1.00 47.34 ? 324 HOH A O   1 
HETATM 1764 O O   . HOH C 3 .   ? -4.950  -13.673 -14.827 1.00 36.18 ? 325 HOH A O   1 
HETATM 1765 O O   . HOH C 3 .   ? 12.861  -13.329 1.625   1.00 51.60 ? 326 HOH A O   1 
HETATM 1766 O O   . HOH C 3 .   ? 17.260  -10.811 1.877   1.00 48.53 ? 327 HOH A O   1 
HETATM 1767 O O   . HOH C 3 .   ? 19.517  -8.561  6.795   1.00 60.40 ? 328 HOH A O   1 
HETATM 1768 O O   . HOH C 3 .   ? 14.495  -8.991  16.851  1.00 38.17 ? 329 HOH A O   1 
HETATM 1769 O O   . HOH C 3 .   ? 8.711   -7.883  11.990  1.00 41.89 ? 330 HOH A O   1 
HETATM 1770 O O   . HOH C 3 .   ? 14.554  14.086  -4.709  1.00 37.22 ? 331 HOH A O   1 
HETATM 1771 O O   . HOH C 3 .   ? -15.979 0.045   -12.814 1.00 59.92 ? 332 HOH A O   1 
HETATM 1772 O O   . HOH C 3 .   ? -10.732 8.705   10.296  1.00 36.93 ? 333 HOH A O   1 
HETATM 1773 O O   . HOH C 3 .   ? -7.790  5.743   8.697   1.00 25.46 ? 334 HOH A O   1 
HETATM 1774 O O   . HOH C 3 .   ? -9.617  6.209   6.794   1.00 41.88 ? 335 HOH A O   1 
HETATM 1775 O O   . HOH C 3 .   ? -0.952  7.347   -9.436  1.00 41.00 ? 336 HOH A O   1 
HETATM 1776 O O   . HOH C 3 .   ? -1.276  4.323   -11.053 1.00 50.05 ? 337 HOH A O   1 
HETATM 1777 O O   . HOH C 3 .   ? 15.169  -4.674  8.112   1.00 42.48 ? 338 HOH A O   1 
HETATM 1778 O O   . HOH C 3 .   ? 11.152  -8.774  10.718  1.00 34.48 ? 339 HOH A O   1 
HETATM 1779 O O   . HOH C 3 .   ? 4.021   -23.791 3.253   1.00 43.78 ? 340 HOH A O   1 
HETATM 1780 O O   . HOH C 3 .   ? 4.346   -21.782 -2.080  1.00 41.25 ? 341 HOH A O   1 
HETATM 1781 O O   . HOH C 3 .   ? -1.749  19.590  8.754   1.00 40.40 ? 342 HOH A O   1 
HETATM 1782 O O   . HOH C 3 .   ? -9.007  19.976  3.370   1.00 47.74 ? 343 HOH A O   1 
HETATM 1783 O O   . HOH C 3 .   ? -7.699  -14.882 3.126   1.00 40.46 ? 344 HOH A O   1 
HETATM 1784 O O   . HOH C 3 .   ? -17.180 -11.250 3.444   1.00 36.46 ? 345 HOH A O   1 
HETATM 1785 O O   . HOH C 3 .   ? -21.281 -11.847 -2.617  1.00 41.66 ? 346 HOH A O   1 
HETATM 1786 O O   . HOH C 3 .   ? -13.196 2.269   6.176   1.00 35.90 ? 347 HOH A O   1 
HETATM 1787 O O   . HOH C 3 .   ? -14.317 1.730   4.080   1.00 37.79 ? 348 HOH A O   1 
HETATM 1788 O O   . HOH C 3 .   ? -18.210 2.202   -1.295  1.00 32.76 ? 349 HOH A O   1 
HETATM 1789 O O   . HOH C 3 .   ? -8.728  5.070   11.216  1.00 42.12 ? 350 HOH A O   1 
# 
loop_
_pdbx_poly_seq_scheme.asym_id 
_pdbx_poly_seq_scheme.entity_id 
_pdbx_poly_seq_scheme.seq_id 
_pdbx_poly_seq_scheme.mon_id 
_pdbx_poly_seq_scheme.ndb_seq_num 
_pdbx_poly_seq_scheme.pdb_seq_num 
_pdbx_poly_seq_scheme.auth_seq_num 
_pdbx_poly_seq_scheme.pdb_mon_id 
_pdbx_poly_seq_scheme.auth_mon_id 
_pdbx_poly_seq_scheme.pdb_strand_id 
_pdbx_poly_seq_scheme.pdb_ins_code 
_pdbx_poly_seq_scheme.hetero 
A 1 1   MET 1   1   ?   ?   ?   A . n 
A 1 2   ASN 2   2   ?   ?   ?   A . n 
A 1 3   GLY 3   3   ?   ?   ?   A . n 
A 1 4   ARG 4   4   ?   ?   ?   A . n 
A 1 5   GLY 5   5   ?   ?   ?   A . n 
A 1 6   PHE 6   6   ?   ?   ?   A . n 
A 1 7   LEU 7   7   ?   ?   ?   A . n 
A 1 8   ILE 8   8   ?   ?   ?   A . n 
A 1 9   TYR 9   9   ?   ?   ?   A . n 
A 1 10  ASN 10  10  ?   ?   ?   A . n 
A 1 11  GLY 11  11  ?   ?   ?   A . n 
A 1 12  GLY 12  12  ?   ?   ?   A . n 
A 1 13  GLU 13  13  ?   ?   ?   A . n 
A 1 14  LYS 14  14  ?   ?   ?   A . n 
A 1 15  MET 15  15  ?   ?   ?   A . n 
A 1 16  LYS 16  16  ?   ?   ?   A . n 
A 1 17  GLN 17  17  ?   ?   ?   A . n 
A 1 18  LYS 18  18  ?   ?   ?   A . n 
A 1 19  MET 19  19  19  MET MET A . n 
A 1 20  ILE 20  20  20  ILE ILE A . n 
A 1 21  ILE 21  21  21  ILE ILE A . n 
A 1 22  TYR 22  22  22  TYR TYR A . n 
A 1 23  ASP 23  23  23  ASP ASP A . n 
A 1 24  THR 24  24  24  THR THR A . n 
A 1 25  PRO 25  25  25  PRO PRO A . n 
A 1 26  ALA 26  26  26  ALA ALA A . n 
A 1 27  GLY 27  27  27  GLY GLY A . n 
A 1 28  PRO 28  28  28  PRO PRO A . n 
A 1 29  TYR 29  29  29  TYR TYR A . n 
A 1 30  PRO 30  30  30  PRO PRO A . n 
A 1 31  ALA 31  31  31  ALA ALA A . n 
A 1 32  ARG 32  32  32  ARG ARG A . n 
A 1 33  VAL 33  33  33  VAL VAL A . n 
A 1 34  ARG 34  34  34  ARG ARG A . n 
A 1 35  ILE 35  35  35  ILE ILE A . n 
A 1 36  ALA 36  36  36  ALA ALA A . n 
A 1 37  LEU 37  37  37  LEU LEU A . n 
A 1 38  ALA 38  38  38  ALA ALA A . n 
A 1 39  GLU 39  39  39  GLU GLU A . n 
A 1 40  LYS 40  40  40  LYS LYS A . n 
A 1 41  ASN 41  41  41  ASN ASN A . n 
A 1 42  MET 42  42  42  MET MET A . n 
A 1 43  LEU 43  43  43  LEU LEU A . n 
A 1 44  SER 44  44  44  SER SER A . n 
A 1 45  SER 45  45  45  SER SER A . n 
A 1 46  VAL 46  46  46  VAL VAL A . n 
A 1 47  GLN 47  47  47  GLN GLN A . n 
A 1 48  PHE 48  48  48  PHE PHE A . n 
A 1 49  VAL 49  49  49  VAL VAL A . n 
A 1 50  ARG 50  50  50  ARG ARG A . n 
A 1 51  ILE 51  51  51  ILE ILE A . n 
A 1 52  ASN 52  52  52  ASN ASN A . n 
A 1 53  LEU 53  53  53  LEU LEU A . n 
A 1 54  TRP 54  54  54  TRP TRP A . n 
A 1 55  LYS 55  55  55  LYS LYS A . n 
A 1 56  GLY 56  56  56  GLY GLY A . n 
A 1 57  GLU 57  57  57  GLU GLU A . n 
A 1 58  HIS 58  58  58  HIS HIS A . n 
A 1 59  LYS 59  59  59  LYS LYS A . n 
A 1 60  LYS 60  60  60  LYS LYS A . n 
A 1 61  PRO 61  61  61  PRO PRO A . n 
A 1 62  GLU 62  62  62  GLU GLU A . n 
A 1 63  PHE 63  63  63  PHE PHE A . n 
A 1 64  LEU 64  64  64  LEU LEU A . n 
A 1 65  ALA 65  65  65  ALA ALA A . n 
A 1 66  LYS 66  66  66  LYS LYS A . n 
A 1 67  ASN 67  67  67  ASN ASN A . n 
A 1 68  TYR 68  68  68  TYR TYR A . n 
A 1 69  SER 69  69  69  SER SER A . n 
A 1 70  GLY 70  70  70  GLY GLY A . n 
A 1 71  THR 71  71  71  THR THR A . n 
A 1 72  VAL 72  72  72  VAL VAL A . n 
A 1 73  PRO 73  73  73  PRO PRO A . n 
A 1 74  VAL 74  74  74  VAL VAL A . n 
A 1 75  LEU 75  75  75  LEU LEU A . n 
A 1 76  GLU 76  76  76  GLU GLU A . n 
A 1 77  LEU 77  77  77  LEU LEU A . n 
A 1 78  ASP 78  78  78  ASP ASP A . n 
A 1 79  ASP 79  79  79  ASP ASP A . n 
A 1 80  GLY 80  80  80  GLY GLY A . n 
A 1 81  THR 81  81  81  THR THR A . n 
A 1 82  LEU 82  82  82  LEU LEU A . n 
A 1 83  ILE 83  83  83  ILE ILE A . n 
A 1 84  ALA 84  84  84  ALA ALA A . n 
A 1 85  GLU 85  85  85  GLU GLU A . n 
A 1 86  CYS 86  86  86  CYS CYS A . n 
A 1 87  THR 87  87  87  THR THR A . n 
A 1 88  ALA 88  88  88  ALA ALA A . n 
A 1 89  ILE 89  89  89  ILE ILE A . n 
A 1 90  THR 90  90  90  THR THR A . n 
A 1 91  GLU 91  91  91  GLU GLU A . n 
A 1 92  TYR 92  92  92  TYR TYR A . n 
A 1 93  ILE 93  93  93  ILE ILE A . n 
A 1 94  ASP 94  94  94  ASP ASP A . n 
A 1 95  ALA 95  95  95  ALA ALA A . n 
A 1 96  LEU 96  96  96  LEU LEU A . n 
A 1 97  ASP 97  97  97  ASP ASP A . n 
A 1 98  GLY 98  98  98  GLY GLY A . n 
A 1 99  THR 99  99  99  THR THR A . n 
A 1 100 PRO 100 100 100 PRO PRO A . n 
A 1 101 THR 101 101 101 THR THR A . n 
A 1 102 LEU 102 102 102 LEU LEU A . n 
A 1 103 THR 103 103 103 THR THR A . n 
A 1 104 GLY 104 104 104 GLY GLY A . n 
A 1 105 LYS 105 105 105 LYS LYS A . n 
A 1 106 THR 106 106 106 THR THR A . n 
A 1 107 PRO 107 107 107 PRO PRO A . n 
A 1 108 LEU 108 108 108 LEU LEU A . n 
A 1 109 GLU 109 109 109 GLU GLU A . n 
A 1 110 LYS 110 110 110 LYS LYS A . n 
A 1 111 GLY 111 111 111 GLY GLY A . n 
A 1 112 VAL 112 112 112 VAL VAL A . n 
A 1 113 ILE 113 113 113 ILE ILE A . n 
A 1 114 HIS 114 114 114 HIS HIS A . n 
A 1 115 MET 115 115 115 MET MET A . n 
A 1 116 MET 116 116 116 MET MET A . n 
A 1 117 ASN 117 117 117 ASN ASN A . n 
A 1 118 LYS 118 118 118 LYS LYS A . n 
A 1 119 ARG 119 119 119 ARG ARG A . n 
A 1 120 ALA 120 120 120 ALA ALA A . n 
A 1 121 GLU 121 121 121 GLU GLU A . n 
A 1 122 LEU 122 122 122 LEU LEU A . n 
A 1 123 GLU 123 123 123 GLU GLU A . n 
A 1 124 LEU 124 124 124 LEU LEU A . n 
A 1 125 LEU 125 125 125 LEU LEU A . n 
A 1 126 ASP 126 126 126 ASP ASP A . n 
A 1 127 PRO 127 127 127 PRO PRO A . n 
A 1 128 VAL 128 128 128 VAL VAL A . n 
A 1 129 SER 129 129 129 SER SER A . n 
A 1 130 VAL 130 130 130 VAL VAL A . n 
A 1 131 TYR 131 131 131 TYR TYR A . n 
A 1 132 PHE 132 132 132 PHE PHE A . n 
A 1 133 HIS 133 133 133 HIS HIS A . n 
A 1 134 HIS 134 134 134 HIS HIS A . n 
A 1 135 ALA 135 135 135 ALA ALA A . n 
A 1 136 THR 136 136 136 THR THR A . n 
A 1 137 PRO 137 137 137 PRO PRO A . n 
A 1 138 GLY 138 138 138 GLY GLY A . n 
A 1 139 LEU 139 139 139 LEU LEU A . n 
A 1 140 GLY 140 140 140 GLY GLY A . n 
A 1 141 PRO 141 141 141 PRO PRO A . n 
A 1 142 GLU 142 142 142 GLU GLU A . n 
A 1 143 VAL 143 143 143 VAL VAL A . n 
A 1 144 GLU 144 144 144 GLU GLU A . n 
A 1 145 LEU 145 145 145 LEU LEU A . n 
A 1 146 TYR 146 146 146 TYR TYR A . n 
A 1 147 GLN 147 147 147 GLN GLN A . n 
A 1 148 ASN 148 148 148 ASN ASN A . n 
A 1 149 LYS 149 149 149 LYS LYS A . n 
A 1 150 GLU 150 150 150 GLU GLU A . n 
A 1 151 TRP 151 151 151 TRP TRP A . n 
A 1 152 GLY 152 152 152 GLY GLY A . n 
A 1 153 LEU 153 153 153 LEU LEU A . n 
A 1 154 ARG 154 154 154 ARG ARG A . n 
A 1 155 GLN 155 155 155 GLN GLN A . n 
A 1 156 ARG 156 156 156 ARG ARG A . n 
A 1 157 ASP 157 157 157 ASP ASP A . n 
A 1 158 LYS 158 158 158 LYS LYS A . n 
A 1 159 ALA 159 159 159 ALA ALA A . n 
A 1 160 LEU 160 160 160 LEU LEU A . n 
A 1 161 HIS 161 161 161 HIS HIS A . n 
A 1 162 GLY 162 162 162 GLY GLY A . n 
A 1 163 MET 163 163 163 MET MET A . n 
A 1 164 HIS 164 164 164 HIS HIS A . n 
A 1 165 TYR 165 165 165 TYR TYR A . n 
A 1 166 PHE 166 166 166 PHE PHE A . n 
A 1 167 ASP 167 167 167 ASP ASP A . n 
A 1 168 THR 168 168 168 THR THR A . n 
A 1 169 VAL 169 169 169 VAL VAL A . n 
A 1 170 LEU 170 170 170 LEU LEU A . n 
A 1 171 ARG 171 171 171 ARG ARG A . n 
A 1 172 GLU 172 172 172 GLU GLU A . n 
A 1 173 ARG 173 173 173 ARG ARG A . n 
A 1 174 PRO 174 174 174 PRO PRO A . n 
A 1 175 TYR 175 175 175 TYR TYR A . n 
A 1 176 VAL 176 176 176 VAL VAL A . n 
A 1 177 ALA 177 177 177 ALA ALA A . n 
A 1 178 GLY 178 178 178 GLY GLY A . n 
A 1 179 ASP 179 179 179 ASP ASP A . n 
A 1 180 SER 180 180 180 SER SER A . n 
A 1 181 PHE 181 181 181 PHE PHE A . n 
A 1 182 SER 182 182 182 SER SER A . n 
A 1 183 MET 183 183 183 MET MET A . n 
A 1 184 ALA 184 184 184 ALA ALA A . n 
A 1 185 ASP 185 185 185 ASP ASP A . n 
A 1 186 ILE 186 186 186 ILE ILE A . n 
A 1 187 THR 187 187 187 THR THR A . n 
A 1 188 VAL 188 188 188 VAL VAL A . n 
A 1 189 ILE 189 189 189 ILE ILE A . n 
A 1 190 ALA 190 190 190 ALA ALA A . n 
A 1 191 GLY 191 191 191 GLY GLY A . n 
A 1 192 LEU 192 192 192 LEU LEU A . n 
A 1 193 ILE 193 193 193 ILE ILE A . n 
A 1 194 PHE 194 194 194 PHE PHE A . n 
A 1 195 ALA 195 195 195 ALA ALA A . n 
A 1 196 ALA 196 196 196 ALA ALA A . n 
A 1 197 ILE 197 197 197 ILE ILE A . n 
A 1 198 VAL 198 198 198 VAL VAL A . n 
A 1 199 LYS 199 199 199 LYS LYS A . n 
A 1 200 LEU 200 200 200 LEU LEU A . n 
A 1 201 GLN 201 201 201 GLN GLN A . n 
A 1 202 VAL 202 202 202 VAL VAL A . n 
A 1 203 PRO 203 203 203 PRO PRO A . n 
A 1 204 GLU 204 204 204 GLU GLU A . n 
A 1 205 GLU 205 205 205 GLU GLU A . n 
A 1 206 CYS 206 206 206 CYS CYS A . n 
A 1 207 GLU 207 207 207 GLU GLU A . n 
A 1 208 ALA 208 208 208 ALA ALA A . n 
A 1 209 LEU 209 209 209 LEU LEU A . n 
A 1 210 ARG 210 210 210 ARG ARG A . n 
A 1 211 ALA 211 211 211 ALA ALA A . n 
A 1 212 TRP 212 212 212 TRP TRP A . n 
A 1 213 TYR 213 213 213 TYR TYR A . n 
A 1 214 LYS 214 214 214 LYS LYS A . n 
A 1 215 ARG 215 215 215 ARG ARG A . n 
A 1 216 MET 216 216 216 MET MET A . n 
A 1 217 GLN 217 217 217 GLN GLN A . n 
A 1 218 GLN 218 218 218 GLN GLN A . n 
A 1 219 ARG 219 219 219 ARG ARG A . n 
A 1 220 PRO 220 220 220 PRO PRO A . n 
A 1 221 SER 221 221 221 SER SER A . n 
A 1 222 VAL 222 222 222 VAL VAL A . n 
A 1 223 LYS 223 223 223 LYS LYS A . n 
A 1 224 LYS 224 224 224 LYS LYS A . n 
A 1 225 LEU 225 225 225 LEU LEU A . n 
A 1 226 LEU 226 226 226 LEU LEU A . n 
A 1 227 GLU 227 227 ?   ?   ?   A . n 
A 1 228 ILE 228 228 ?   ?   ?   A . n 
A 1 229 ARG 229 229 ?   ?   ?   A . n 
A 1 230 SER 230 230 ?   ?   ?   A . n 
A 1 231 LYS 231 231 ?   ?   ?   A . n 
A 1 232 SER 232 232 ?   ?   ?   A . n 
A 1 233 SER 233 233 ?   ?   ?   A . n 
# 
loop_
_pdbx_nonpoly_scheme.asym_id 
_pdbx_nonpoly_scheme.entity_id 
_pdbx_nonpoly_scheme.mon_id 
_pdbx_nonpoly_scheme.ndb_seq_num 
_pdbx_nonpoly_scheme.pdb_seq_num 
_pdbx_nonpoly_scheme.auth_seq_num 
_pdbx_nonpoly_scheme.pdb_mon_id 
_pdbx_nonpoly_scheme.auth_mon_id 
_pdbx_nonpoly_scheme.pdb_strand_id 
_pdbx_nonpoly_scheme.pdb_ins_code 
B 2 GSH 1   234 1   GSH GTT A . 
C 3 HOH 1   235 1   HOH HOH A . 
C 3 HOH 2   236 2   HOH HOH A . 
C 3 HOH 3   237 3   HOH HOH A . 
C 3 HOH 4   238 4   HOH HOH A . 
C 3 HOH 5   239 5   HOH HOH A . 
C 3 HOH 6   240 6   HOH HOH A . 
C 3 HOH 7   241 7   HOH HOH A . 
C 3 HOH 8   242 8   HOH HOH A . 
C 3 HOH 9   243 9   HOH HOH A . 
C 3 HOH 10  244 10  HOH HOH A . 
C 3 HOH 11  245 11  HOH HOH A . 
C 3 HOH 12  246 12  HOH HOH A . 
C 3 HOH 13  247 13  HOH HOH A . 
C 3 HOH 14  248 14  HOH HOH A . 
C 3 HOH 15  249 15  HOH HOH A . 
C 3 HOH 16  250 16  HOH HOH A . 
C 3 HOH 17  251 17  HOH HOH A . 
C 3 HOH 18  252 18  HOH HOH A . 
C 3 HOH 19  253 19  HOH HOH A . 
C 3 HOH 20  254 20  HOH HOH A . 
C 3 HOH 21  255 21  HOH HOH A . 
C 3 HOH 22  256 22  HOH HOH A . 
C 3 HOH 23  257 23  HOH HOH A . 
C 3 HOH 24  258 24  HOH HOH A . 
C 3 HOH 25  259 25  HOH HOH A . 
C 3 HOH 26  260 26  HOH HOH A . 
C 3 HOH 27  261 27  HOH HOH A . 
C 3 HOH 28  262 28  HOH HOH A . 
C 3 HOH 29  263 29  HOH HOH A . 
C 3 HOH 30  264 30  HOH HOH A . 
C 3 HOH 31  265 31  HOH HOH A . 
C 3 HOH 32  266 32  HOH HOH A . 
C 3 HOH 33  267 33  HOH HOH A . 
C 3 HOH 34  268 34  HOH HOH A . 
C 3 HOH 35  269 35  HOH HOH A . 
C 3 HOH 36  270 36  HOH HOH A . 
C 3 HOH 37  271 37  HOH HOH A . 
C 3 HOH 38  272 38  HOH HOH A . 
C 3 HOH 39  273 39  HOH HOH A . 
C 3 HOH 40  274 40  HOH HOH A . 
C 3 HOH 41  275 41  HOH HOH A . 
C 3 HOH 42  276 42  HOH HOH A . 
C 3 HOH 43  277 43  HOH HOH A . 
C 3 HOH 44  278 44  HOH HOH A . 
C 3 HOH 45  279 45  HOH HOH A . 
C 3 HOH 46  280 46  HOH HOH A . 
C 3 HOH 47  281 47  HOH HOH A . 
C 3 HOH 48  282 48  HOH HOH A . 
C 3 HOH 49  283 49  HOH HOH A . 
C 3 HOH 50  284 50  HOH HOH A . 
C 3 HOH 51  285 51  HOH HOH A . 
C 3 HOH 52  286 52  HOH HOH A . 
C 3 HOH 53  287 53  HOH HOH A . 
C 3 HOH 54  288 54  HOH HOH A . 
C 3 HOH 55  289 55  HOH HOH A . 
C 3 HOH 56  290 56  HOH HOH A . 
C 3 HOH 57  291 57  HOH HOH A . 
C 3 HOH 58  292 58  HOH HOH A . 
C 3 HOH 59  293 59  HOH HOH A . 
C 3 HOH 60  294 60  HOH HOH A . 
C 3 HOH 61  295 61  HOH HOH A . 
C 3 HOH 62  296 62  HOH HOH A . 
C 3 HOH 63  297 63  HOH HOH A . 
C 3 HOH 64  298 64  HOH HOH A . 
C 3 HOH 65  299 65  HOH HOH A . 
C 3 HOH 66  300 66  HOH HOH A . 
C 3 HOH 67  301 67  HOH HOH A . 
C 3 HOH 68  302 68  HOH HOH A . 
C 3 HOH 69  303 69  HOH HOH A . 
C 3 HOH 70  304 70  HOH HOH A . 
C 3 HOH 71  305 71  HOH HOH A . 
C 3 HOH 72  306 72  HOH HOH A . 
C 3 HOH 73  307 73  HOH HOH A . 
C 3 HOH 74  308 74  HOH HOH A . 
C 3 HOH 75  309 75  HOH HOH A . 
C 3 HOH 76  310 76  HOH HOH A . 
C 3 HOH 77  311 77  HOH HOH A . 
C 3 HOH 78  312 78  HOH HOH A . 
C 3 HOH 79  313 79  HOH HOH A . 
C 3 HOH 80  314 80  HOH HOH A . 
C 3 HOH 81  315 81  HOH HOH A . 
C 3 HOH 82  316 82  HOH HOH A . 
C 3 HOH 83  317 83  HOH HOH A . 
C 3 HOH 84  318 84  HOH HOH A . 
C 3 HOH 85  319 85  HOH HOH A . 
C 3 HOH 86  320 86  HOH HOH A . 
C 3 HOH 87  321 87  HOH HOH A . 
C 3 HOH 88  322 88  HOH HOH A . 
C 3 HOH 89  323 89  HOH HOH A . 
C 3 HOH 90  324 90  HOH HOH A . 
C 3 HOH 91  325 91  HOH HOH A . 
C 3 HOH 92  326 92  HOH HOH A . 
C 3 HOH 93  327 93  HOH HOH A . 
C 3 HOH 94  328 94  HOH HOH A . 
C 3 HOH 95  329 95  HOH HOH A . 
C 3 HOH 96  330 96  HOH HOH A . 
C 3 HOH 97  331 97  HOH HOH A . 
C 3 HOH 98  332 98  HOH HOH A . 
C 3 HOH 99  333 99  HOH HOH A . 
C 3 HOH 100 334 100 HOH HOH A . 
C 3 HOH 101 335 101 HOH HOH A . 
C 3 HOH 102 336 102 HOH HOH A . 
C 3 HOH 103 337 103 HOH HOH A . 
C 3 HOH 104 338 104 HOH HOH A . 
C 3 HOH 105 339 105 HOH HOH A . 
C 3 HOH 106 340 106 HOH HOH A . 
C 3 HOH 107 341 107 HOH HOH A . 
C 3 HOH 108 342 108 HOH HOH A . 
C 3 HOH 109 343 109 HOH HOH A . 
C 3 HOH 110 344 110 HOH HOH A . 
C 3 HOH 111 345 111 HOH HOH A . 
C 3 HOH 112 346 112 HOH HOH A . 
C 3 HOH 113 347 113 HOH HOH A . 
C 3 HOH 114 348 114 HOH HOH A . 
C 3 HOH 115 349 115 HOH HOH A . 
C 3 HOH 116 350 116 HOH HOH A . 
# 
_pdbx_struct_assembly.id                   1 
_pdbx_struct_assembly.details              author_and_software_defined_assembly 
_pdbx_struct_assembly.method_details       PISA 
_pdbx_struct_assembly.oligomeric_details   dimeric 
_pdbx_struct_assembly.oligomeric_count     2 
# 
_pdbx_struct_assembly_gen.assembly_id       1 
_pdbx_struct_assembly_gen.oper_expression   1,2 
_pdbx_struct_assembly_gen.asym_id_list      A,B,C 
# 
loop_
_pdbx_struct_assembly_prop.biol_id 
_pdbx_struct_assembly_prop.type 
_pdbx_struct_assembly_prop.value 
_pdbx_struct_assembly_prop.details 
1 'ABSA (A^2)' 4940  ? 
1 MORE         -32   ? 
1 'SSA (A^2)'  17510 ? 
# 
loop_
_pdbx_struct_oper_list.id 
_pdbx_struct_oper_list.type 
_pdbx_struct_oper_list.name 
_pdbx_struct_oper_list.symmetry_operation 
_pdbx_struct_oper_list.matrix[1][1] 
_pdbx_struct_oper_list.matrix[1][2] 
_pdbx_struct_oper_list.matrix[1][3] 
_pdbx_struct_oper_list.vector[1] 
_pdbx_struct_oper_list.matrix[2][1] 
_pdbx_struct_oper_list.matrix[2][2] 
_pdbx_struct_oper_list.matrix[2][3] 
_pdbx_struct_oper_list.vector[2] 
_pdbx_struct_oper_list.matrix[3][1] 
_pdbx_struct_oper_list.matrix[3][2] 
_pdbx_struct_oper_list.matrix[3][3] 
_pdbx_struct_oper_list.vector[3] 
1 'identity operation'         1_555 x,y,z          1.0000000000 0.0000000000  0.0000000000 0.0000000000  0.0000000000  1.0000000000  0.0000000000  0.0000000000  0.0000000000 0.0000000000  1.0000000000  0.0000000000  
2 'crystal symmetry operation' 6_555 -x,-x+y,-z+1/3 0.3792173359 -0.8889154131 0.2569505798 -6.8803688713 -0.8889154131 -0.4270876742 -0.1656064819 -4.5803755462 0.2569505798 -0.1656064819 -0.9521296617 21.0856017813 
# 
loop_
_pdbx_audit_revision_history.ordinal 
_pdbx_audit_revision_history.data_content_type 
_pdbx_audit_revision_history.major_revision 
_pdbx_audit_revision_history.minor_revision 
_pdbx_audit_revision_history.revision_date 
1 'Structure model' 1 0 2009-10-13 
2 'Structure model' 1 1 2011-07-13 
3 'Structure model' 1 2 2011-12-07 
4 'Structure model' 1 3 2023-11-01 
# 
_pdbx_audit_revision_details.ordinal             1 
_pdbx_audit_revision_details.revision_ordinal    1 
_pdbx_audit_revision_details.data_content_type   'Structure model' 
_pdbx_audit_revision_details.provider            repository 
_pdbx_audit_revision_details.type                'Initial release' 
_pdbx_audit_revision_details.description         ? 
_pdbx_audit_revision_details.details             ? 
# 
loop_
_pdbx_audit_revision_group.ordinal 
_pdbx_audit_revision_group.revision_ordinal 
_pdbx_audit_revision_group.data_content_type 
_pdbx_audit_revision_group.group 
1 2 'Structure model' 'Version format compliance' 
2 3 'Structure model' 'Non-polymer description'   
3 4 'Structure model' 'Data collection'           
4 4 'Structure model' 'Database references'       
5 4 'Structure model' 'Derived calculations'      
6 4 'Structure model' 'Refinement description'    
# 
loop_
_pdbx_audit_revision_category.ordinal 
_pdbx_audit_revision_category.revision_ordinal 
_pdbx_audit_revision_category.data_content_type 
_pdbx_audit_revision_category.category 
1 4 'Structure model' chem_comp_atom                
2 4 'Structure model' chem_comp_bond                
3 4 'Structure model' database_2                    
4 4 'Structure model' pdbx_initial_refinement_model 
5 4 'Structure model' struct_site                   
# 
loop_
_pdbx_audit_revision_item.ordinal 
_pdbx_audit_revision_item.revision_ordinal 
_pdbx_audit_revision_item.data_content_type 
_pdbx_audit_revision_item.item 
1 4 'Structure model' '_database_2.pdbx_DOI'                
2 4 'Structure model' '_database_2.pdbx_database_accession' 
3 4 'Structure model' '_struct_site.pdbx_auth_asym_id'      
4 4 'Structure model' '_struct_site.pdbx_auth_comp_id'      
5 4 'Structure model' '_struct_site.pdbx_auth_seq_id'       
# 
loop_
_software.name 
_software.classification 
_software.version 
_software.citation_id 
_software.pdbx_ordinal 
MAR345dtb 'data collection' .        ? 1 
AMoRE     phasing           .        ? 2 
REFMAC    refinement        5.5.0072 ? 3 
HKL-2000  'data reduction'  .        ? 4 
HKL-2000  'data scaling'    .        ? 5 
# 
loop_
_pdbx_validate_torsion.id 
_pdbx_validate_torsion.PDB_model_num 
_pdbx_validate_torsion.auth_comp_id 
_pdbx_validate_torsion.auth_asym_id 
_pdbx_validate_torsion.auth_seq_id 
_pdbx_validate_torsion.PDB_ins_code 
_pdbx_validate_torsion.label_alt_id 
_pdbx_validate_torsion.phi 
_pdbx_validate_torsion.psi 
1 1 GLU A 85  ? ? 87.65   126.03 
2 1 LEU A 124 ? ? -136.16 -64.24 
# 
loop_
_pdbx_unobs_or_zero_occ_residues.id 
_pdbx_unobs_or_zero_occ_residues.PDB_model_num 
_pdbx_unobs_or_zero_occ_residues.polymer_flag 
_pdbx_unobs_or_zero_occ_residues.occupancy_flag 
_pdbx_unobs_or_zero_occ_residues.auth_asym_id 
_pdbx_unobs_or_zero_occ_residues.auth_comp_id 
_pdbx_unobs_or_zero_occ_residues.auth_seq_id 
_pdbx_unobs_or_zero_occ_residues.PDB_ins_code 
_pdbx_unobs_or_zero_occ_residues.label_asym_id 
_pdbx_unobs_or_zero_occ_residues.label_comp_id 
_pdbx_unobs_or_zero_occ_residues.label_seq_id 
1  1 Y 1 A MET 1   ? A MET 1   
2  1 Y 1 A ASN 2   ? A ASN 2   
3  1 Y 1 A GLY 3   ? A GLY 3   
4  1 Y 1 A ARG 4   ? A ARG 4   
5  1 Y 1 A GLY 5   ? A GLY 5   
6  1 Y 1 A PHE 6   ? A PHE 6   
7  1 Y 1 A LEU 7   ? A LEU 7   
8  1 Y 1 A ILE 8   ? A ILE 8   
9  1 Y 1 A TYR 9   ? A TYR 9   
10 1 Y 1 A ASN 10  ? A ASN 10  
11 1 Y 1 A GLY 11  ? A GLY 11  
12 1 Y 1 A GLY 12  ? A GLY 12  
13 1 Y 1 A GLU 13  ? A GLU 13  
14 1 Y 1 A LYS 14  ? A LYS 14  
15 1 Y 1 A MET 15  ? A MET 15  
16 1 Y 1 A LYS 16  ? A LYS 16  
17 1 Y 1 A GLN 17  ? A GLN 17  
18 1 Y 1 A LYS 18  ? A LYS 18  
19 1 Y 1 A GLU 227 ? A GLU 227 
20 1 Y 1 A ILE 228 ? A ILE 228 
21 1 Y 1 A ARG 229 ? A ARG 229 
22 1 Y 1 A SER 230 ? A SER 230 
23 1 Y 1 A LYS 231 ? A LYS 231 
24 1 Y 1 A SER 232 ? A SER 232 
25 1 Y 1 A SER 233 ? A SER 233 
# 
loop_
_chem_comp_atom.comp_id 
_chem_comp_atom.atom_id 
_chem_comp_atom.type_symbol 
_chem_comp_atom.pdbx_aromatic_flag 
_chem_comp_atom.pdbx_stereo_config 
_chem_comp_atom.pdbx_ordinal 
ALA N    N N N 1   
ALA CA   C N S 2   
ALA C    C N N 3   
ALA O    O N N 4   
ALA CB   C N N 5   
ALA OXT  O N N 6   
ALA H    H N N 7   
ALA H2   H N N 8   
ALA HA   H N N 9   
ALA HB1  H N N 10  
ALA HB2  H N N 11  
ALA HB3  H N N 12  
ALA HXT  H N N 13  
ARG N    N N N 14  
ARG CA   C N S 15  
ARG C    C N N 16  
ARG O    O N N 17  
ARG CB   C N N 18  
ARG CG   C N N 19  
ARG CD   C N N 20  
ARG NE   N N N 21  
ARG CZ   C N N 22  
ARG NH1  N N N 23  
ARG NH2  N N N 24  
ARG OXT  O N N 25  
ARG H    H N N 26  
ARG H2   H N N 27  
ARG HA   H N N 28  
ARG HB2  H N N 29  
ARG HB3  H N N 30  
ARG HG2  H N N 31  
ARG HG3  H N N 32  
ARG HD2  H N N 33  
ARG HD3  H N N 34  
ARG HE   H N N 35  
ARG HH11 H N N 36  
ARG HH12 H N N 37  
ARG HH21 H N N 38  
ARG HH22 H N N 39  
ARG HXT  H N N 40  
ASN N    N N N 41  
ASN CA   C N S 42  
ASN C    C N N 43  
ASN O    O N N 44  
ASN CB   C N N 45  
ASN CG   C N N 46  
ASN OD1  O N N 47  
ASN ND2  N N N 48  
ASN OXT  O N N 49  
ASN H    H N N 50  
ASN H2   H N N 51  
ASN HA   H N N 52  
ASN HB2  H N N 53  
ASN HB3  H N N 54  
ASN HD21 H N N 55  
ASN HD22 H N N 56  
ASN HXT  H N N 57  
ASP N    N N N 58  
ASP CA   C N S 59  
ASP C    C N N 60  
ASP O    O N N 61  
ASP CB   C N N 62  
ASP CG   C N N 63  
ASP OD1  O N N 64  
ASP OD2  O N N 65  
ASP OXT  O N N 66  
ASP H    H N N 67  
ASP H2   H N N 68  
ASP HA   H N N 69  
ASP HB2  H N N 70  
ASP HB3  H N N 71  
ASP HD2  H N N 72  
ASP HXT  H N N 73  
CYS N    N N N 74  
CYS CA   C N R 75  
CYS C    C N N 76  
CYS O    O N N 77  
CYS CB   C N N 78  
CYS SG   S N N 79  
CYS OXT  O N N 80  
CYS H    H N N 81  
CYS H2   H N N 82  
CYS HA   H N N 83  
CYS HB2  H N N 84  
CYS HB3  H N N 85  
CYS HG   H N N 86  
CYS HXT  H N N 87  
GLN N    N N N 88  
GLN CA   C N S 89  
GLN C    C N N 90  
GLN O    O N N 91  
GLN CB   C N N 92  
GLN CG   C N N 93  
GLN CD   C N N 94  
GLN OE1  O N N 95  
GLN NE2  N N N 96  
GLN OXT  O N N 97  
GLN H    H N N 98  
GLN H2   H N N 99  
GLN HA   H N N 100 
GLN HB2  H N N 101 
GLN HB3  H N N 102 
GLN HG2  H N N 103 
GLN HG3  H N N 104 
GLN HE21 H N N 105 
GLN HE22 H N N 106 
GLN HXT  H N N 107 
GLU N    N N N 108 
GLU CA   C N S 109 
GLU C    C N N 110 
GLU O    O N N 111 
GLU CB   C N N 112 
GLU CG   C N N 113 
GLU CD   C N N 114 
GLU OE1  O N N 115 
GLU OE2  O N N 116 
GLU OXT  O N N 117 
GLU H    H N N 118 
GLU H2   H N N 119 
GLU HA   H N N 120 
GLU HB2  H N N 121 
GLU HB3  H N N 122 
GLU HG2  H N N 123 
GLU HG3  H N N 124 
GLU HE2  H N N 125 
GLU HXT  H N N 126 
GLY N    N N N 127 
GLY CA   C N N 128 
GLY C    C N N 129 
GLY O    O N N 130 
GLY OXT  O N N 131 
GLY H    H N N 132 
GLY H2   H N N 133 
GLY HA2  H N N 134 
GLY HA3  H N N 135 
GLY HXT  H N N 136 
GSH N1   N N N 137 
GSH CA1  C N S 138 
GSH C1   C N N 139 
GSH O11  O N N 140 
GSH O12  O N N 141 
GSH CB1  C N N 142 
GSH CG1  C N N 143 
GSH CD1  C N N 144 
GSH OE1  O N N 145 
GSH N2   N N N 146 
GSH CA2  C N R 147 
GSH C2   C N N 148 
GSH O2   O N N 149 
GSH CB2  C N N 150 
GSH SG2  S N N 151 
GSH N3   N N N 152 
GSH CA3  C N N 153 
GSH C3   C N N 154 
GSH O31  O N N 155 
GSH O32  O N N 156 
GSH HN11 H N N 157 
GSH HN12 H N N 158 
GSH HA1  H N N 159 
GSH H12  H N N 160 
GSH HB12 H N N 161 
GSH HB13 H N N 162 
GSH HG12 H N N 163 
GSH HG13 H N N 164 
GSH HN2  H N N 165 
GSH HA2  H N N 166 
GSH HB22 H N N 167 
GSH HB23 H N N 168 
GSH HSG  H N N 169 
GSH HN3  H N N 170 
GSH HA31 H N N 171 
GSH HA32 H N N 172 
GSH H32  H N N 173 
HIS N    N N N 174 
HIS CA   C N S 175 
HIS C    C N N 176 
HIS O    O N N 177 
HIS CB   C N N 178 
HIS CG   C Y N 179 
HIS ND1  N Y N 180 
HIS CD2  C Y N 181 
HIS CE1  C Y N 182 
HIS NE2  N Y N 183 
HIS OXT  O N N 184 
HIS H    H N N 185 
HIS H2   H N N 186 
HIS HA   H N N 187 
HIS HB2  H N N 188 
HIS HB3  H N N 189 
HIS HD1  H N N 190 
HIS HD2  H N N 191 
HIS HE1  H N N 192 
HIS HE2  H N N 193 
HIS HXT  H N N 194 
HOH O    O N N 195 
HOH H1   H N N 196 
HOH H2   H N N 197 
ILE N    N N N 198 
ILE CA   C N S 199 
ILE C    C N N 200 
ILE O    O N N 201 
ILE CB   C N S 202 
ILE CG1  C N N 203 
ILE CG2  C N N 204 
ILE CD1  C N N 205 
ILE OXT  O N N 206 
ILE H    H N N 207 
ILE H2   H N N 208 
ILE HA   H N N 209 
ILE HB   H N N 210 
ILE HG12 H N N 211 
ILE HG13 H N N 212 
ILE HG21 H N N 213 
ILE HG22 H N N 214 
ILE HG23 H N N 215 
ILE HD11 H N N 216 
ILE HD12 H N N 217 
ILE HD13 H N N 218 
ILE HXT  H N N 219 
LEU N    N N N 220 
LEU CA   C N S 221 
LEU C    C N N 222 
LEU O    O N N 223 
LEU CB   C N N 224 
LEU CG   C N N 225 
LEU CD1  C N N 226 
LEU CD2  C N N 227 
LEU OXT  O N N 228 
LEU H    H N N 229 
LEU H2   H N N 230 
LEU HA   H N N 231 
LEU HB2  H N N 232 
LEU HB3  H N N 233 
LEU HG   H N N 234 
LEU HD11 H N N 235 
LEU HD12 H N N 236 
LEU HD13 H N N 237 
LEU HD21 H N N 238 
LEU HD22 H N N 239 
LEU HD23 H N N 240 
LEU HXT  H N N 241 
LYS N    N N N 242 
LYS CA   C N S 243 
LYS C    C N N 244 
LYS O    O N N 245 
LYS CB   C N N 246 
LYS CG   C N N 247 
LYS CD   C N N 248 
LYS CE   C N N 249 
LYS NZ   N N N 250 
LYS OXT  O N N 251 
LYS H    H N N 252 
LYS H2   H N N 253 
LYS HA   H N N 254 
LYS HB2  H N N 255 
LYS HB3  H N N 256 
LYS HG2  H N N 257 
LYS HG3  H N N 258 
LYS HD2  H N N 259 
LYS HD3  H N N 260 
LYS HE2  H N N 261 
LYS HE3  H N N 262 
LYS HZ1  H N N 263 
LYS HZ2  H N N 264 
LYS HZ3  H N N 265 
LYS HXT  H N N 266 
MET N    N N N 267 
MET CA   C N S 268 
MET C    C N N 269 
MET O    O N N 270 
MET CB   C N N 271 
MET CG   C N N 272 
MET SD   S N N 273 
MET CE   C N N 274 
MET OXT  O N N 275 
MET H    H N N 276 
MET H2   H N N 277 
MET HA   H N N 278 
MET HB2  H N N 279 
MET HB3  H N N 280 
MET HG2  H N N 281 
MET HG3  H N N 282 
MET HE1  H N N 283 
MET HE2  H N N 284 
MET HE3  H N N 285 
MET HXT  H N N 286 
PHE N    N N N 287 
PHE CA   C N S 288 
PHE C    C N N 289 
PHE O    O N N 290 
PHE CB   C N N 291 
PHE CG   C Y N 292 
PHE CD1  C Y N 293 
PHE CD2  C Y N 294 
PHE CE1  C Y N 295 
PHE CE2  C Y N 296 
PHE CZ   C Y N 297 
PHE OXT  O N N 298 
PHE H    H N N 299 
PHE H2   H N N 300 
PHE HA   H N N 301 
PHE HB2  H N N 302 
PHE HB3  H N N 303 
PHE HD1  H N N 304 
PHE HD2  H N N 305 
PHE HE1  H N N 306 
PHE HE2  H N N 307 
PHE HZ   H N N 308 
PHE HXT  H N N 309 
PRO N    N N N 310 
PRO CA   C N S 311 
PRO C    C N N 312 
PRO O    O N N 313 
PRO CB   C N N 314 
PRO CG   C N N 315 
PRO CD   C N N 316 
PRO OXT  O N N 317 
PRO H    H N N 318 
PRO HA   H N N 319 
PRO HB2  H N N 320 
PRO HB3  H N N 321 
PRO HG2  H N N 322 
PRO HG3  H N N 323 
PRO HD2  H N N 324 
PRO HD3  H N N 325 
PRO HXT  H N N 326 
SER N    N N N 327 
SER CA   C N S 328 
SER C    C N N 329 
SER O    O N N 330 
SER CB   C N N 331 
SER OG   O N N 332 
SER OXT  O N N 333 
SER H    H N N 334 
SER H2   H N N 335 
SER HA   H N N 336 
SER HB2  H N N 337 
SER HB3  H N N 338 
SER HG   H N N 339 
SER HXT  H N N 340 
THR N    N N N 341 
THR CA   C N S 342 
THR C    C N N 343 
THR O    O N N 344 
THR CB   C N R 345 
THR OG1  O N N 346 
THR CG2  C N N 347 
THR OXT  O N N 348 
THR H    H N N 349 
THR H2   H N N 350 
THR HA   H N N 351 
THR HB   H N N 352 
THR HG1  H N N 353 
THR HG21 H N N 354 
THR HG22 H N N 355 
THR HG23 H N N 356 
THR HXT  H N N 357 
TRP N    N N N 358 
TRP CA   C N S 359 
TRP C    C N N 360 
TRP O    O N N 361 
TRP CB   C N N 362 
TRP CG   C Y N 363 
TRP CD1  C Y N 364 
TRP CD2  C Y N 365 
TRP NE1  N Y N 366 
TRP CE2  C Y N 367 
TRP CE3  C Y N 368 
TRP CZ2  C Y N 369 
TRP CZ3  C Y N 370 
TRP CH2  C Y N 371 
TRP OXT  O N N 372 
TRP H    H N N 373 
TRP H2   H N N 374 
TRP HA   H N N 375 
TRP HB2  H N N 376 
TRP HB3  H N N 377 
TRP HD1  H N N 378 
TRP HE1  H N N 379 
TRP HE3  H N N 380 
TRP HZ2  H N N 381 
TRP HZ3  H N N 382 
TRP HH2  H N N 383 
TRP HXT  H N N 384 
TYR N    N N N 385 
TYR CA   C N S 386 
TYR C    C N N 387 
TYR O    O N N 388 
TYR CB   C N N 389 
TYR CG   C Y N 390 
TYR CD1  C Y N 391 
TYR CD2  C Y N 392 
TYR CE1  C Y N 393 
TYR CE2  C Y N 394 
TYR CZ   C Y N 395 
TYR OH   O N N 396 
TYR OXT  O N N 397 
TYR H    H N N 398 
TYR H2   H N N 399 
TYR HA   H N N 400 
TYR HB2  H N N 401 
TYR HB3  H N N 402 
TYR HD1  H N N 403 
TYR HD2  H N N 404 
TYR HE1  H N N 405 
TYR HE2  H N N 406 
TYR HH   H N N 407 
TYR HXT  H N N 408 
VAL N    N N N 409 
VAL CA   C N S 410 
VAL C    C N N 411 
VAL O    O N N 412 
VAL CB   C N N 413 
VAL CG1  C N N 414 
VAL CG2  C N N 415 
VAL OXT  O N N 416 
VAL H    H N N 417 
VAL H2   H N N 418 
VAL HA   H N N 419 
VAL HB   H N N 420 
VAL HG11 H N N 421 
VAL HG12 H N N 422 
VAL HG13 H N N 423 
VAL HG21 H N N 424 
VAL HG22 H N N 425 
VAL HG23 H N N 426 
VAL HXT  H N N 427 
# 
loop_
_chem_comp_bond.comp_id 
_chem_comp_bond.atom_id_1 
_chem_comp_bond.atom_id_2 
_chem_comp_bond.value_order 
_chem_comp_bond.pdbx_aromatic_flag 
_chem_comp_bond.pdbx_stereo_config 
_chem_comp_bond.pdbx_ordinal 
ALA N   CA   sing N N 1   
ALA N   H    sing N N 2   
ALA N   H2   sing N N 3   
ALA CA  C    sing N N 4   
ALA CA  CB   sing N N 5   
ALA CA  HA   sing N N 6   
ALA C   O    doub N N 7   
ALA C   OXT  sing N N 8   
ALA CB  HB1  sing N N 9   
ALA CB  HB2  sing N N 10  
ALA CB  HB3  sing N N 11  
ALA OXT HXT  sing N N 12  
ARG N   CA   sing N N 13  
ARG N   H    sing N N 14  
ARG N   H2   sing N N 15  
ARG CA  C    sing N N 16  
ARG CA  CB   sing N N 17  
ARG CA  HA   sing N N 18  
ARG C   O    doub N N 19  
ARG C   OXT  sing N N 20  
ARG CB  CG   sing N N 21  
ARG CB  HB2  sing N N 22  
ARG CB  HB3  sing N N 23  
ARG CG  CD   sing N N 24  
ARG CG  HG2  sing N N 25  
ARG CG  HG3  sing N N 26  
ARG CD  NE   sing N N 27  
ARG CD  HD2  sing N N 28  
ARG CD  HD3  sing N N 29  
ARG NE  CZ   sing N N 30  
ARG NE  HE   sing N N 31  
ARG CZ  NH1  sing N N 32  
ARG CZ  NH2  doub N N 33  
ARG NH1 HH11 sing N N 34  
ARG NH1 HH12 sing N N 35  
ARG NH2 HH21 sing N N 36  
ARG NH2 HH22 sing N N 37  
ARG OXT HXT  sing N N 38  
ASN N   CA   sing N N 39  
ASN N   H    sing N N 40  
ASN N   H2   sing N N 41  
ASN CA  C    sing N N 42  
ASN CA  CB   sing N N 43  
ASN CA  HA   sing N N 44  
ASN C   O    doub N N 45  
ASN C   OXT  sing N N 46  
ASN CB  CG   sing N N 47  
ASN CB  HB2  sing N N 48  
ASN CB  HB3  sing N N 49  
ASN CG  OD1  doub N N 50  
ASN CG  ND2  sing N N 51  
ASN ND2 HD21 sing N N 52  
ASN ND2 HD22 sing N N 53  
ASN OXT HXT  sing N N 54  
ASP N   CA   sing N N 55  
ASP N   H    sing N N 56  
ASP N   H2   sing N N 57  
ASP CA  C    sing N N 58  
ASP CA  CB   sing N N 59  
ASP CA  HA   sing N N 60  
ASP C   O    doub N N 61  
ASP C   OXT  sing N N 62  
ASP CB  CG   sing N N 63  
ASP CB  HB2  sing N N 64  
ASP CB  HB3  sing N N 65  
ASP CG  OD1  doub N N 66  
ASP CG  OD2  sing N N 67  
ASP OD2 HD2  sing N N 68  
ASP OXT HXT  sing N N 69  
CYS N   CA   sing N N 70  
CYS N   H    sing N N 71  
CYS N   H2   sing N N 72  
CYS CA  C    sing N N 73  
CYS CA  CB   sing N N 74  
CYS CA  HA   sing N N 75  
CYS C   O    doub N N 76  
CYS C   OXT  sing N N 77  
CYS CB  SG   sing N N 78  
CYS CB  HB2  sing N N 79  
CYS CB  HB3  sing N N 80  
CYS SG  HG   sing N N 81  
CYS OXT HXT  sing N N 82  
GLN N   CA   sing N N 83  
GLN N   H    sing N N 84  
GLN N   H2   sing N N 85  
GLN CA  C    sing N N 86  
GLN CA  CB   sing N N 87  
GLN CA  HA   sing N N 88  
GLN C   O    doub N N 89  
GLN C   OXT  sing N N 90  
GLN CB  CG   sing N N 91  
GLN CB  HB2  sing N N 92  
GLN CB  HB3  sing N N 93  
GLN CG  CD   sing N N 94  
GLN CG  HG2  sing N N 95  
GLN CG  HG3  sing N N 96  
GLN CD  OE1  doub N N 97  
GLN CD  NE2  sing N N 98  
GLN NE2 HE21 sing N N 99  
GLN NE2 HE22 sing N N 100 
GLN OXT HXT  sing N N 101 
GLU N   CA   sing N N 102 
GLU N   H    sing N N 103 
GLU N   H2   sing N N 104 
GLU CA  C    sing N N 105 
GLU CA  CB   sing N N 106 
GLU CA  HA   sing N N 107 
GLU C   O    doub N N 108 
GLU C   OXT  sing N N 109 
GLU CB  CG   sing N N 110 
GLU CB  HB2  sing N N 111 
GLU CB  HB3  sing N N 112 
GLU CG  CD   sing N N 113 
GLU CG  HG2  sing N N 114 
GLU CG  HG3  sing N N 115 
GLU CD  OE1  doub N N 116 
GLU CD  OE2  sing N N 117 
GLU OE2 HE2  sing N N 118 
GLU OXT HXT  sing N N 119 
GLY N   CA   sing N N 120 
GLY N   H    sing N N 121 
GLY N   H2   sing N N 122 
GLY CA  C    sing N N 123 
GLY CA  HA2  sing N N 124 
GLY CA  HA3  sing N N 125 
GLY C   O    doub N N 126 
GLY C   OXT  sing N N 127 
GLY OXT HXT  sing N N 128 
GSH N1  CA1  sing N N 129 
GSH N1  HN11 sing N N 130 
GSH N1  HN12 sing N N 131 
GSH CA1 C1   sing N N 132 
GSH CA1 CB1  sing N N 133 
GSH CA1 HA1  sing N N 134 
GSH C1  O11  doub N N 135 
GSH C1  O12  sing N N 136 
GSH O12 H12  sing N N 137 
GSH CB1 CG1  sing N N 138 
GSH CB1 HB12 sing N N 139 
GSH CB1 HB13 sing N N 140 
GSH CG1 CD1  sing N N 141 
GSH CG1 HG12 sing N N 142 
GSH CG1 HG13 sing N N 143 
GSH CD1 OE1  doub N N 144 
GSH CD1 N2   sing N N 145 
GSH N2  CA2  sing N N 146 
GSH N2  HN2  sing N N 147 
GSH CA2 C2   sing N N 148 
GSH CA2 CB2  sing N N 149 
GSH CA2 HA2  sing N N 150 
GSH C2  O2   doub N N 151 
GSH C2  N3   sing N N 152 
GSH CB2 SG2  sing N N 153 
GSH CB2 HB22 sing N N 154 
GSH CB2 HB23 sing N N 155 
GSH SG2 HSG  sing N N 156 
GSH N3  CA3  sing N N 157 
GSH N3  HN3  sing N N 158 
GSH CA3 C3   sing N N 159 
GSH CA3 HA31 sing N N 160 
GSH CA3 HA32 sing N N 161 
GSH C3  O31  doub N N 162 
GSH C3  O32  sing N N 163 
GSH O32 H32  sing N N 164 
HIS N   CA   sing N N 165 
HIS N   H    sing N N 166 
HIS N   H2   sing N N 167 
HIS CA  C    sing N N 168 
HIS CA  CB   sing N N 169 
HIS CA  HA   sing N N 170 
HIS C   O    doub N N 171 
HIS C   OXT  sing N N 172 
HIS CB  CG   sing N N 173 
HIS CB  HB2  sing N N 174 
HIS CB  HB3  sing N N 175 
HIS CG  ND1  sing Y N 176 
HIS CG  CD2  doub Y N 177 
HIS ND1 CE1  doub Y N 178 
HIS ND1 HD1  sing N N 179 
HIS CD2 NE2  sing Y N 180 
HIS CD2 HD2  sing N N 181 
HIS CE1 NE2  sing Y N 182 
HIS CE1 HE1  sing N N 183 
HIS NE2 HE2  sing N N 184 
HIS OXT HXT  sing N N 185 
HOH O   H1   sing N N 186 
HOH O   H2   sing N N 187 
ILE N   CA   sing N N 188 
ILE N   H    sing N N 189 
ILE N   H2   sing N N 190 
ILE CA  C    sing N N 191 
ILE CA  CB   sing N N 192 
ILE CA  HA   sing N N 193 
ILE C   O    doub N N 194 
ILE C   OXT  sing N N 195 
ILE CB  CG1  sing N N 196 
ILE CB  CG2  sing N N 197 
ILE CB  HB   sing N N 198 
ILE CG1 CD1  sing N N 199 
ILE CG1 HG12 sing N N 200 
ILE CG1 HG13 sing N N 201 
ILE CG2 HG21 sing N N 202 
ILE CG2 HG22 sing N N 203 
ILE CG2 HG23 sing N N 204 
ILE CD1 HD11 sing N N 205 
ILE CD1 HD12 sing N N 206 
ILE CD1 HD13 sing N N 207 
ILE OXT HXT  sing N N 208 
LEU N   CA   sing N N 209 
LEU N   H    sing N N 210 
LEU N   H2   sing N N 211 
LEU CA  C    sing N N 212 
LEU CA  CB   sing N N 213 
LEU CA  HA   sing N N 214 
LEU C   O    doub N N 215 
LEU C   OXT  sing N N 216 
LEU CB  CG   sing N N 217 
LEU CB  HB2  sing N N 218 
LEU CB  HB3  sing N N 219 
LEU CG  CD1  sing N N 220 
LEU CG  CD2  sing N N 221 
LEU CG  HG   sing N N 222 
LEU CD1 HD11 sing N N 223 
LEU CD1 HD12 sing N N 224 
LEU CD1 HD13 sing N N 225 
LEU CD2 HD21 sing N N 226 
LEU CD2 HD22 sing N N 227 
LEU CD2 HD23 sing N N 228 
LEU OXT HXT  sing N N 229 
LYS N   CA   sing N N 230 
LYS N   H    sing N N 231 
LYS N   H2   sing N N 232 
LYS CA  C    sing N N 233 
LYS CA  CB   sing N N 234 
LYS CA  HA   sing N N 235 
LYS C   O    doub N N 236 
LYS C   OXT  sing N N 237 
LYS CB  CG   sing N N 238 
LYS CB  HB2  sing N N 239 
LYS CB  HB3  sing N N 240 
LYS CG  CD   sing N N 241 
LYS CG  HG2  sing N N 242 
LYS CG  HG3  sing N N 243 
LYS CD  CE   sing N N 244 
LYS CD  HD2  sing N N 245 
LYS CD  HD3  sing N N 246 
LYS CE  NZ   sing N N 247 
LYS CE  HE2  sing N N 248 
LYS CE  HE3  sing N N 249 
LYS NZ  HZ1  sing N N 250 
LYS NZ  HZ2  sing N N 251 
LYS NZ  HZ3  sing N N 252 
LYS OXT HXT  sing N N 253 
MET N   CA   sing N N 254 
MET N   H    sing N N 255 
MET N   H2   sing N N 256 
MET CA  C    sing N N 257 
MET CA  CB   sing N N 258 
MET CA  HA   sing N N 259 
MET C   O    doub N N 260 
MET C   OXT  sing N N 261 
MET CB  CG   sing N N 262 
MET CB  HB2  sing N N 263 
MET CB  HB3  sing N N 264 
MET CG  SD   sing N N 265 
MET CG  HG2  sing N N 266 
MET CG  HG3  sing N N 267 
MET SD  CE   sing N N 268 
MET CE  HE1  sing N N 269 
MET CE  HE2  sing N N 270 
MET CE  HE3  sing N N 271 
MET OXT HXT  sing N N 272 
PHE N   CA   sing N N 273 
PHE N   H    sing N N 274 
PHE N   H2   sing N N 275 
PHE CA  C    sing N N 276 
PHE CA  CB   sing N N 277 
PHE CA  HA   sing N N 278 
PHE C   O    doub N N 279 
PHE C   OXT  sing N N 280 
PHE CB  CG   sing N N 281 
PHE CB  HB2  sing N N 282 
PHE CB  HB3  sing N N 283 
PHE CG  CD1  doub Y N 284 
PHE CG  CD2  sing Y N 285 
PHE CD1 CE1  sing Y N 286 
PHE CD1 HD1  sing N N 287 
PHE CD2 CE2  doub Y N 288 
PHE CD2 HD2  sing N N 289 
PHE CE1 CZ   doub Y N 290 
PHE CE1 HE1  sing N N 291 
PHE CE2 CZ   sing Y N 292 
PHE CE2 HE2  sing N N 293 
PHE CZ  HZ   sing N N 294 
PHE OXT HXT  sing N N 295 
PRO N   CA   sing N N 296 
PRO N   CD   sing N N 297 
PRO N   H    sing N N 298 
PRO CA  C    sing N N 299 
PRO CA  CB   sing N N 300 
PRO CA  HA   sing N N 301 
PRO C   O    doub N N 302 
PRO C   OXT  sing N N 303 
PRO CB  CG   sing N N 304 
PRO CB  HB2  sing N N 305 
PRO CB  HB3  sing N N 306 
PRO CG  CD   sing N N 307 
PRO CG  HG2  sing N N 308 
PRO CG  HG3  sing N N 309 
PRO CD  HD2  sing N N 310 
PRO CD  HD3  sing N N 311 
PRO OXT HXT  sing N N 312 
SER N   CA   sing N N 313 
SER N   H    sing N N 314 
SER N   H2   sing N N 315 
SER CA  C    sing N N 316 
SER CA  CB   sing N N 317 
SER CA  HA   sing N N 318 
SER C   O    doub N N 319 
SER C   OXT  sing N N 320 
SER CB  OG   sing N N 321 
SER CB  HB2  sing N N 322 
SER CB  HB3  sing N N 323 
SER OG  HG   sing N N 324 
SER OXT HXT  sing N N 325 
THR N   CA   sing N N 326 
THR N   H    sing N N 327 
THR N   H2   sing N N 328 
THR CA  C    sing N N 329 
THR CA  CB   sing N N 330 
THR CA  HA   sing N N 331 
THR C   O    doub N N 332 
THR C   OXT  sing N N 333 
THR CB  OG1  sing N N 334 
THR CB  CG2  sing N N 335 
THR CB  HB   sing N N 336 
THR OG1 HG1  sing N N 337 
THR CG2 HG21 sing N N 338 
THR CG2 HG22 sing N N 339 
THR CG2 HG23 sing N N 340 
THR OXT HXT  sing N N 341 
TRP N   CA   sing N N 342 
TRP N   H    sing N N 343 
TRP N   H2   sing N N 344 
TRP CA  C    sing N N 345 
TRP CA  CB   sing N N 346 
TRP CA  HA   sing N N 347 
TRP C   O    doub N N 348 
TRP C   OXT  sing N N 349 
TRP CB  CG   sing N N 350 
TRP CB  HB2  sing N N 351 
TRP CB  HB3  sing N N 352 
TRP CG  CD1  doub Y N 353 
TRP CG  CD2  sing Y N 354 
TRP CD1 NE1  sing Y N 355 
TRP CD1 HD1  sing N N 356 
TRP CD2 CE2  doub Y N 357 
TRP CD2 CE3  sing Y N 358 
TRP NE1 CE2  sing Y N 359 
TRP NE1 HE1  sing N N 360 
TRP CE2 CZ2  sing Y N 361 
TRP CE3 CZ3  doub Y N 362 
TRP CE3 HE3  sing N N 363 
TRP CZ2 CH2  doub Y N 364 
TRP CZ2 HZ2  sing N N 365 
TRP CZ3 CH2  sing Y N 366 
TRP CZ3 HZ3  sing N N 367 
TRP CH2 HH2  sing N N 368 
TRP OXT HXT  sing N N 369 
TYR N   CA   sing N N 370 
TYR N   H    sing N N 371 
TYR N   H2   sing N N 372 
TYR CA  C    sing N N 373 
TYR CA  CB   sing N N 374 
TYR CA  HA   sing N N 375 
TYR C   O    doub N N 376 
TYR C   OXT  sing N N 377 
TYR CB  CG   sing N N 378 
TYR CB  HB2  sing N N 379 
TYR CB  HB3  sing N N 380 
TYR CG  CD1  doub Y N 381 
TYR CG  CD2  sing Y N 382 
TYR CD1 CE1  sing Y N 383 
TYR CD1 HD1  sing N N 384 
TYR CD2 CE2  doub Y N 385 
TYR CD2 HD2  sing N N 386 
TYR CE1 CZ   doub Y N 387 
TYR CE1 HE1  sing N N 388 
TYR CE2 CZ   sing Y N 389 
TYR CE2 HE2  sing N N 390 
TYR CZ  OH   sing N N 391 
TYR OH  HH   sing N N 392 
TYR OXT HXT  sing N N 393 
VAL N   CA   sing N N 394 
VAL N   H    sing N N 395 
VAL N   H2   sing N N 396 
VAL CA  C    sing N N 397 
VAL CA  CB   sing N N 398 
VAL CA  HA   sing N N 399 
VAL C   O    doub N N 400 
VAL C   OXT  sing N N 401 
VAL CB  CG1  sing N N 402 
VAL CB  CG2  sing N N 403 
VAL CB  HB   sing N N 404 
VAL CG1 HG11 sing N N 405 
VAL CG1 HG12 sing N N 406 
VAL CG1 HG13 sing N N 407 
VAL CG2 HG21 sing N N 408 
VAL CG2 HG22 sing N N 409 
VAL CG2 HG23 sing N N 410 
VAL OXT HXT  sing N N 411 
# 
loop_
_pdbx_entity_nonpoly.entity_id 
_pdbx_entity_nonpoly.name 
_pdbx_entity_nonpoly.comp_id 
2 GLUTATHIONE GSH 
3 water       HOH 
# 
_pdbx_initial_refinement_model.id               1 
_pdbx_initial_refinement_model.entity_id_list   ? 
_pdbx_initial_refinement_model.type             'experimental model' 
_pdbx_initial_refinement_model.source_name      PDB 
_pdbx_initial_refinement_model.accession_code   3ERG 
_pdbx_initial_refinement_model.details          'PDB ENTRY 3ERG' 
# 
